data_2Z44
# 
_entry.id   2Z44 
# 
_audit_conform.dict_name       mmcif_pdbx.dic 
_audit_conform.dict_version    5.397 
_audit_conform.dict_location   http://mmcif.pdb.org/dictionaries/ascii/mmcif_pdbx.dic 
# 
loop_
_database_2.database_id 
_database_2.database_code 
_database_2.pdbx_database_accession 
_database_2.pdbx_DOI 
PDB   2Z44         pdb_00002z44 10.2210/pdb2z44/pdb 
RCSB  RCSB027496   ?            ?                   
WWPDB D_1000027496 ?            ?                   
# 
loop_
_pdbx_audit_revision_history.ordinal 
_pdbx_audit_revision_history.data_content_type 
_pdbx_audit_revision_history.major_revision 
_pdbx_audit_revision_history.minor_revision 
_pdbx_audit_revision_history.revision_date 
1 'Structure model' 1 0 2008-06-24 
2 'Structure model' 1 1 2011-07-13 
3 'Structure model' 1 2 2024-10-30 
# 
_pdbx_audit_revision_details.ordinal             1 
_pdbx_audit_revision_details.revision_ordinal    1 
_pdbx_audit_revision_details.data_content_type   'Structure model' 
_pdbx_audit_revision_details.provider            repository 
_pdbx_audit_revision_details.type                'Initial release' 
_pdbx_audit_revision_details.description         ? 
_pdbx_audit_revision_details.details             ? 
# 
loop_
_pdbx_audit_revision_group.ordinal 
_pdbx_audit_revision_group.revision_ordinal 
_pdbx_audit_revision_group.data_content_type 
_pdbx_audit_revision_group.group 
1 2 'Structure model' 'Version format compliance' 
2 3 'Structure model' 'Data collection'           
3 3 'Structure model' 'Database references'       
4 3 'Structure model' 'Derived calculations'      
5 3 'Structure model' 'Structure summary'         
# 
loop_
_pdbx_audit_revision_category.ordinal 
_pdbx_audit_revision_category.revision_ordinal 
_pdbx_audit_revision_category.data_content_type 
_pdbx_audit_revision_category.category 
1 3 'Structure model' chem_comp_atom            
2 3 'Structure model' chem_comp_bond            
3 3 'Structure model' database_2                
4 3 'Structure model' pdbx_entry_details        
5 3 'Structure model' pdbx_modification_feature 
6 3 'Structure model' struct_conn               
# 
loop_
_pdbx_audit_revision_item.ordinal 
_pdbx_audit_revision_item.revision_ordinal 
_pdbx_audit_revision_item.data_content_type 
_pdbx_audit_revision_item.item 
1 3 'Structure model' '_database_2.pdbx_DOI'                
2 3 'Structure model' '_database_2.pdbx_database_accession' 
3 3 'Structure model' '_struct_conn.pdbx_leaving_atom_flag' 
# 
_pdbx_database_status.status_code                     REL 
_pdbx_database_status.entry_id                        2Z44 
_pdbx_database_status.recvd_initial_deposition_date   2007-06-12 
_pdbx_database_status.deposit_site                    PDBJ 
_pdbx_database_status.process_site                    PDBJ 
_pdbx_database_status.status_code_sf                  REL 
_pdbx_database_status.status_code_mr                  ? 
_pdbx_database_status.SG_entry                        ? 
_pdbx_database_status.pdb_format_compatible           Y 
_pdbx_database_status.status_code_cs                  ? 
_pdbx_database_status.status_code_nmr_data            ? 
_pdbx_database_status.methods_development_category    ? 
# 
loop_
_pdbx_database_related.db_name 
_pdbx_database_related.db_id 
_pdbx_database_related.details 
_pdbx_database_related.content_type 
PDB 2Z45 . unspecified 
PDB 2Z46 . unspecified 
# 
loop_
_audit_author.name 
_audit_author.pdbx_ordinal 
'Tomimoto, Y.'  1  
'Ihara, K.'     2  
'Onizuka, T.'   3  
'Kanai, S.'     4  
'Ashida, H.'    5  
'Yokota, A.'    6  
'Tanaka, S.'    7  
'Miyasaka, H.'  8  
'Yamada, Y.'    9  
'Kato, R.'      10 
'Wakatsuki, S.' 11 
# 
_citation.id                        primary 
_citation.title                     'Crystal Structure of ORF134' 
_citation.journal_abbrev            'To be Published' 
_citation.journal_volume            ? 
_citation.page_first                ? 
_citation.page_last                 ? 
_citation.year                      ? 
_citation.journal_id_ASTM           ? 
_citation.country                   ? 
_citation.journal_id_ISSN           ? 
_citation.journal_id_CSD            0353 
_citation.book_publisher            ? 
_citation.pdbx_database_id_PubMed   ? 
_citation.pdbx_database_id_DOI      ? 
# 
loop_
_citation_author.citation_id 
_citation_author.name 
_citation_author.ordinal 
_citation_author.identifier_ORCID 
primary 'Tomimoto, Y.'  1  ? 
primary 'Ihara, K.'     2  ? 
primary 'Onizuka, T.'   3  ? 
primary 'Kanai, S.'     4  ? 
primary 'Ashida, H.'    5  ? 
primary 'Yokota, A.'    6  ? 
primary 'Tanaka, S.'    7  ? 
primary 'Miyasaka, H.'  8  ? 
primary 'Yamada, Y.'    9  ? 
primary 'Kato, R.'      10 ? 
primary 'Wakatsuki, S.' 11 ? 
# 
loop_
_entity.id 
_entity.type 
_entity.src_method 
_entity.pdbx_description 
_entity.formula_weight 
_entity.pdbx_number_of_molecules 
_entity.pdbx_ec 
_entity.pdbx_mutation 
_entity.pdbx_fragment 
_entity.details 
1 polymer man ORF134 15471.664 1  ? ? ? ? 
2 water   nat water  18.015    34 ? ? ? ? 
# 
_entity_name_com.entity_id   1 
_entity_name_com.name        RbcX 
# 
_entity_poly.entity_id                      1 
_entity_poly.type                           'polypeptide(L)' 
_entity_poly.nstd_linkage                   no 
_entity_poly.nstd_monomer                   yes 
_entity_poly.pdbx_seq_one_letter_code       
;(MSE)EFKKVAKETAITLQSYLTYQAVRLISQQLSETNPGQAIWLGEFSKRHPIQESDLYLEA(MSE)(MSE)LENKELV
LRILTVRENLAEGVLEFLPE(MSE)VLSQIKQSNGNHRRSLLERLTQVDSSSTDQTEPNPGESDTSEDSE
;
_entity_poly.pdbx_seq_one_letter_code_can   
;MEFKKVAKETAITLQSYLTYQAVRLISQQLSETNPGQAIWLGEFSKRHPIQESDLYLEAMMLENKELVLRILTVRENLAE
GVLEFLPEMVLSQIKQSNGNHRRSLLERLTQVDSSSTDQTEPNPGESDTSEDSE
;
_entity_poly.pdbx_strand_id                 A 
_entity_poly.pdbx_target_identifier         ? 
# 
_pdbx_entity_nonpoly.entity_id   2 
_pdbx_entity_nonpoly.name        water 
_pdbx_entity_nonpoly.comp_id     HOH 
# 
loop_
_entity_poly_seq.entity_id 
_entity_poly_seq.num 
_entity_poly_seq.mon_id 
_entity_poly_seq.hetero 
1 1   MSE n 
1 2   GLU n 
1 3   PHE n 
1 4   LYS n 
1 5   LYS n 
1 6   VAL n 
1 7   ALA n 
1 8   LYS n 
1 9   GLU n 
1 10  THR n 
1 11  ALA n 
1 12  ILE n 
1 13  THR n 
1 14  LEU n 
1 15  GLN n 
1 16  SER n 
1 17  TYR n 
1 18  LEU n 
1 19  THR n 
1 20  TYR n 
1 21  GLN n 
1 22  ALA n 
1 23  VAL n 
1 24  ARG n 
1 25  LEU n 
1 26  ILE n 
1 27  SER n 
1 28  GLN n 
1 29  GLN n 
1 30  LEU n 
1 31  SER n 
1 32  GLU n 
1 33  THR n 
1 34  ASN n 
1 35  PRO n 
1 36  GLY n 
1 37  GLN n 
1 38  ALA n 
1 39  ILE n 
1 40  TRP n 
1 41  LEU n 
1 42  GLY n 
1 43  GLU n 
1 44  PHE n 
1 45  SER n 
1 46  LYS n 
1 47  ARG n 
1 48  HIS n 
1 49  PRO n 
1 50  ILE n 
1 51  GLN n 
1 52  GLU n 
1 53  SER n 
1 54  ASP n 
1 55  LEU n 
1 56  TYR n 
1 57  LEU n 
1 58  GLU n 
1 59  ALA n 
1 60  MSE n 
1 61  MSE n 
1 62  LEU n 
1 63  GLU n 
1 64  ASN n 
1 65  LYS n 
1 66  GLU n 
1 67  LEU n 
1 68  VAL n 
1 69  LEU n 
1 70  ARG n 
1 71  ILE n 
1 72  LEU n 
1 73  THR n 
1 74  VAL n 
1 75  ARG n 
1 76  GLU n 
1 77  ASN n 
1 78  LEU n 
1 79  ALA n 
1 80  GLU n 
1 81  GLY n 
1 82  VAL n 
1 83  LEU n 
1 84  GLU n 
1 85  PHE n 
1 86  LEU n 
1 87  PRO n 
1 88  GLU n 
1 89  MSE n 
1 90  VAL n 
1 91  LEU n 
1 92  SER n 
1 93  GLN n 
1 94  ILE n 
1 95  LYS n 
1 96  GLN n 
1 97  SER n 
1 98  ASN n 
1 99  GLY n 
1 100 ASN n 
1 101 HIS n 
1 102 ARG n 
1 103 ARG n 
1 104 SER n 
1 105 LEU n 
1 106 LEU n 
1 107 GLU n 
1 108 ARG n 
1 109 LEU n 
1 110 THR n 
1 111 GLN n 
1 112 VAL n 
1 113 ASP n 
1 114 SER n 
1 115 SER n 
1 116 SER n 
1 117 THR n 
1 118 ASP n 
1 119 GLN n 
1 120 THR n 
1 121 GLU n 
1 122 PRO n 
1 123 ASN n 
1 124 PRO n 
1 125 GLY n 
1 126 GLU n 
1 127 SER n 
1 128 ASP n 
1 129 THR n 
1 130 SER n 
1 131 GLU n 
1 132 ASP n 
1 133 SER n 
1 134 GLU n 
# 
_entity_src_gen.entity_id                          1 
_entity_src_gen.pdbx_src_id                        1 
_entity_src_gen.pdbx_alt_source_flag               sample 
_entity_src_gen.pdbx_seq_type                      ? 
_entity_src_gen.pdbx_beg_seq_num                   ? 
_entity_src_gen.pdbx_end_seq_num                   ? 
_entity_src_gen.gene_src_common_name               ? 
_entity_src_gen.gene_src_genus                     ? 
_entity_src_gen.pdbx_gene_src_gene                 ? 
_entity_src_gen.gene_src_species                   ? 
_entity_src_gen.gene_src_strain                    PCC7002 
_entity_src_gen.gene_src_tissue                    ? 
_entity_src_gen.gene_src_tissue_fraction           ? 
_entity_src_gen.gene_src_details                   ? 
_entity_src_gen.pdbx_gene_src_fragment             ? 
_entity_src_gen.pdbx_gene_src_scientific_name      'Synechococcus sp.' 
_entity_src_gen.pdbx_gene_src_ncbi_taxonomy_id     ? 
_entity_src_gen.pdbx_gene_src_variant              ? 
_entity_src_gen.pdbx_gene_src_cell_line            ? 
_entity_src_gen.pdbx_gene_src_atcc                 ? 
_entity_src_gen.pdbx_gene_src_organ                ? 
_entity_src_gen.pdbx_gene_src_organelle            ? 
_entity_src_gen.pdbx_gene_src_cell                 ? 
_entity_src_gen.pdbx_gene_src_cellular_location    ? 
_entity_src_gen.host_org_common_name               ? 
_entity_src_gen.pdbx_host_org_scientific_name      ? 
_entity_src_gen.pdbx_host_org_ncbi_taxonomy_id     ? 
_entity_src_gen.host_org_genus                     ? 
_entity_src_gen.pdbx_host_org_gene                 ? 
_entity_src_gen.pdbx_host_org_organ                ? 
_entity_src_gen.host_org_species                   ? 
_entity_src_gen.pdbx_host_org_tissue               ? 
_entity_src_gen.pdbx_host_org_tissue_fraction      ? 
_entity_src_gen.pdbx_host_org_strain               ? 
_entity_src_gen.pdbx_host_org_variant              ? 
_entity_src_gen.pdbx_host_org_cell_line            ? 
_entity_src_gen.pdbx_host_org_atcc                 ? 
_entity_src_gen.pdbx_host_org_culture_collection   ? 
_entity_src_gen.pdbx_host_org_cell                 ? 
_entity_src_gen.pdbx_host_org_organelle            ? 
_entity_src_gen.pdbx_host_org_cellular_location    ? 
_entity_src_gen.pdbx_host_org_vector_type          PLASMID 
_entity_src_gen.pdbx_host_org_vector               ? 
_entity_src_gen.host_org_details                   ? 
_entity_src_gen.expression_system_id               ? 
_entity_src_gen.plasmid_name                       pIVEX2.3 
_entity_src_gen.plasmid_details                    ? 
_entity_src_gen.pdbx_description                   'In vitro translation' 
# 
loop_
_chem_comp.id 
_chem_comp.type 
_chem_comp.mon_nstd_flag 
_chem_comp.name 
_chem_comp.pdbx_synonyms 
_chem_comp.formula 
_chem_comp.formula_weight 
ALA 'L-peptide linking' y ALANINE          ? 'C3 H7 N O2'     89.093  
ARG 'L-peptide linking' y ARGININE         ? 'C6 H15 N4 O2 1' 175.209 
ASN 'L-peptide linking' y ASPARAGINE       ? 'C4 H8 N2 O3'    132.118 
ASP 'L-peptide linking' y 'ASPARTIC ACID'  ? 'C4 H7 N O4'     133.103 
GLN 'L-peptide linking' y GLUTAMINE        ? 'C5 H10 N2 O3'   146.144 
GLU 'L-peptide linking' y 'GLUTAMIC ACID'  ? 'C5 H9 N O4'     147.129 
GLY 'peptide linking'   y GLYCINE          ? 'C2 H5 N O2'     75.067  
HIS 'L-peptide linking' y HISTIDINE        ? 'C6 H10 N3 O2 1' 156.162 
HOH non-polymer         . WATER            ? 'H2 O'           18.015  
ILE 'L-peptide linking' y ISOLEUCINE       ? 'C6 H13 N O2'    131.173 
LEU 'L-peptide linking' y LEUCINE          ? 'C6 H13 N O2'    131.173 
LYS 'L-peptide linking' y LYSINE           ? 'C6 H15 N2 O2 1' 147.195 
MSE 'L-peptide linking' n SELENOMETHIONINE ? 'C5 H11 N O2 Se' 196.106 
PHE 'L-peptide linking' y PHENYLALANINE    ? 'C9 H11 N O2'    165.189 
PRO 'L-peptide linking' y PROLINE          ? 'C5 H9 N O2'     115.130 
SER 'L-peptide linking' y SERINE           ? 'C3 H7 N O3'     105.093 
THR 'L-peptide linking' y THREONINE        ? 'C4 H9 N O3'     119.119 
TRP 'L-peptide linking' y TRYPTOPHAN       ? 'C11 H12 N2 O2'  204.225 
TYR 'L-peptide linking' y TYROSINE         ? 'C9 H11 N O3'    181.189 
VAL 'L-peptide linking' y VALINE           ? 'C5 H11 N O2'    117.146 
# 
loop_
_pdbx_poly_seq_scheme.asym_id 
_pdbx_poly_seq_scheme.entity_id 
_pdbx_poly_seq_scheme.seq_id 
_pdbx_poly_seq_scheme.mon_id 
_pdbx_poly_seq_scheme.ndb_seq_num 
_pdbx_poly_seq_scheme.pdb_seq_num 
_pdbx_poly_seq_scheme.auth_seq_num 
_pdbx_poly_seq_scheme.pdb_mon_id 
_pdbx_poly_seq_scheme.auth_mon_id 
_pdbx_poly_seq_scheme.pdb_strand_id 
_pdbx_poly_seq_scheme.pdb_ins_code 
_pdbx_poly_seq_scheme.hetero 
A 1 1   MSE 1   1   ?   ?   ?   A . n 
A 1 2   GLU 2   2   2   GLU GLU A . n 
A 1 3   PHE 3   3   3   PHE PHE A . n 
A 1 4   LYS 4   4   4   LYS LYS A . n 
A 1 5   LYS 5   5   5   LYS LYS A . n 
A 1 6   VAL 6   6   6   VAL VAL A . n 
A 1 7   ALA 7   7   7   ALA ALA A . n 
A 1 8   LYS 8   8   8   LYS LYS A . n 
A 1 9   GLU 9   9   9   GLU GLU A . n 
A 1 10  THR 10  10  10  THR THR A . n 
A 1 11  ALA 11  11  11  ALA ALA A . n 
A 1 12  ILE 12  12  12  ILE ILE A . n 
A 1 13  THR 13  13  13  THR THR A . n 
A 1 14  LEU 14  14  14  LEU LEU A . n 
A 1 15  GLN 15  15  15  GLN GLN A . n 
A 1 16  SER 16  16  16  SER SER A . n 
A 1 17  TYR 17  17  17  TYR TYR A . n 
A 1 18  LEU 18  18  18  LEU LEU A . n 
A 1 19  THR 19  19  19  THR THR A . n 
A 1 20  TYR 20  20  20  TYR TYR A . n 
A 1 21  GLN 21  21  21  GLN GLN A . n 
A 1 22  ALA 22  22  22  ALA ALA A . n 
A 1 23  VAL 23  23  23  VAL VAL A . n 
A 1 24  ARG 24  24  24  ARG ARG A . n 
A 1 25  LEU 25  25  25  LEU LEU A . n 
A 1 26  ILE 26  26  26  ILE ILE A . n 
A 1 27  SER 27  27  27  SER SER A . n 
A 1 28  GLN 28  28  28  GLN GLN A . n 
A 1 29  GLN 29  29  29  GLN GLN A . n 
A 1 30  LEU 30  30  30  LEU LEU A . n 
A 1 31  SER 31  31  31  SER SER A . n 
A 1 32  GLU 32  32  32  GLU GLU A . n 
A 1 33  THR 33  33  33  THR THR A . n 
A 1 34  ASN 34  34  34  ASN ASN A . n 
A 1 35  PRO 35  35  35  PRO PRO A . n 
A 1 36  GLY 36  36  36  GLY GLY A . n 
A 1 37  GLN 37  37  37  GLN GLN A . n 
A 1 38  ALA 38  38  38  ALA ALA A . n 
A 1 39  ILE 39  39  39  ILE ILE A . n 
A 1 40  TRP 40  40  40  TRP TRP A . n 
A 1 41  LEU 41  41  41  LEU LEU A . n 
A 1 42  GLY 42  42  42  GLY GLY A . n 
A 1 43  GLU 43  43  43  GLU GLU A . n 
A 1 44  PHE 44  44  44  PHE PHE A . n 
A 1 45  SER 45  45  45  SER SER A . n 
A 1 46  LYS 46  46  46  LYS LYS A . n 
A 1 47  ARG 47  47  47  ARG ARG A . n 
A 1 48  HIS 48  48  48  HIS HIS A . n 
A 1 49  PRO 49  49  49  PRO PRO A . n 
A 1 50  ILE 50  50  50  ILE ILE A . n 
A 1 51  GLN 51  51  51  GLN GLN A . n 
A 1 52  GLU 52  52  52  GLU GLU A . n 
A 1 53  SER 53  53  53  SER SER A . n 
A 1 54  ASP 54  54  54  ASP ASP A . n 
A 1 55  LEU 55  55  55  LEU LEU A . n 
A 1 56  TYR 56  56  56  TYR TYR A . n 
A 1 57  LEU 57  57  57  LEU LEU A . n 
A 1 58  GLU 58  58  58  GLU GLU A . n 
A 1 59  ALA 59  59  59  ALA ALA A . n 
A 1 60  MSE 60  60  60  MSE MSE A . n 
A 1 61  MSE 61  61  61  MSE MSE A . n 
A 1 62  LEU 62  62  62  LEU LEU A . n 
A 1 63  GLU 63  63  63  GLU GLU A . n 
A 1 64  ASN 64  64  64  ASN ASN A . n 
A 1 65  LYS 65  65  65  LYS LYS A . n 
A 1 66  GLU 66  66  66  GLU GLU A . n 
A 1 67  LEU 67  67  67  LEU LEU A . n 
A 1 68  VAL 68  68  68  VAL VAL A . n 
A 1 69  LEU 69  69  69  LEU LEU A . n 
A 1 70  ARG 70  70  70  ARG ARG A . n 
A 1 71  ILE 71  71  71  ILE ILE A . n 
A 1 72  LEU 72  72  72  LEU LEU A . n 
A 1 73  THR 73  73  73  THR THR A . n 
A 1 74  VAL 74  74  74  VAL VAL A . n 
A 1 75  ARG 75  75  75  ARG ARG A . n 
A 1 76  GLU 76  76  76  GLU GLU A . n 
A 1 77  ASN 77  77  77  ASN ASN A . n 
A 1 78  LEU 78  78  78  LEU LEU A . n 
A 1 79  ALA 79  79  79  ALA ALA A . n 
A 1 80  GLU 80  80  80  GLU GLU A . n 
A 1 81  GLY 81  81  81  GLY GLY A . n 
A 1 82  VAL 82  82  82  VAL VAL A . n 
A 1 83  LEU 83  83  83  LEU LEU A . n 
A 1 84  GLU 84  84  84  GLU GLU A . n 
A 1 85  PHE 85  85  85  PHE PHE A . n 
A 1 86  LEU 86  86  86  LEU LEU A . n 
A 1 87  PRO 87  87  87  PRO PRO A . n 
A 1 88  GLU 88  88  88  GLU GLU A . n 
A 1 89  MSE 89  89  89  MSE MSE A . n 
A 1 90  VAL 90  90  90  VAL VAL A . n 
A 1 91  LEU 91  91  91  LEU LEU A . n 
A 1 92  SER 92  92  92  SER SER A . n 
A 1 93  GLN 93  93  93  GLN GLN A . n 
A 1 94  ILE 94  94  94  ILE ILE A . n 
A 1 95  LYS 95  95  95  LYS LYS A . n 
A 1 96  GLN 96  96  96  GLN GLN A . n 
A 1 97  SER 97  97  97  SER SER A . n 
A 1 98  ASN 98  98  98  ASN ASN A . n 
A 1 99  GLY 99  99  99  GLY GLY A . n 
A 1 100 ASN 100 100 100 ASN ASN A . n 
A 1 101 HIS 101 101 101 HIS HIS A . n 
A 1 102 ARG 102 102 102 ARG ARG A . n 
A 1 103 ARG 103 103 103 ARG ARG A . n 
A 1 104 SER 104 104 104 SER SER A . n 
A 1 105 LEU 105 105 105 LEU LEU A . n 
A 1 106 LEU 106 106 106 LEU LEU A . n 
A 1 107 GLU 107 107 107 GLU GLU A . n 
A 1 108 ARG 108 108 108 ARG ARG A . n 
A 1 109 LEU 109 109 109 LEU LEU A . n 
A 1 110 THR 110 110 110 THR THR A . n 
A 1 111 GLN 111 111 111 GLN GLN A . n 
A 1 112 VAL 112 112 ?   ?   ?   A . n 
A 1 113 ASP 113 113 ?   ?   ?   A . n 
A 1 114 SER 114 114 ?   ?   ?   A . n 
A 1 115 SER 115 115 ?   ?   ?   A . n 
A 1 116 SER 116 116 ?   ?   ?   A . n 
A 1 117 THR 117 117 ?   ?   ?   A . n 
A 1 118 ASP 118 118 ?   ?   ?   A . n 
A 1 119 GLN 119 119 ?   ?   ?   A . n 
A 1 120 THR 120 120 ?   ?   ?   A . n 
A 1 121 GLU 121 121 ?   ?   ?   A . n 
A 1 122 PRO 122 122 ?   ?   ?   A . n 
A 1 123 ASN 123 123 ?   ?   ?   A . n 
A 1 124 PRO 124 124 ?   ?   ?   A . n 
A 1 125 GLY 125 125 ?   ?   ?   A . n 
A 1 126 GLU 126 126 ?   ?   ?   A . n 
A 1 127 SER 127 127 ?   ?   ?   A . n 
A 1 128 ASP 128 128 ?   ?   ?   A . n 
A 1 129 THR 129 129 ?   ?   ?   A . n 
A 1 130 SER 130 130 ?   ?   ?   A . n 
A 1 131 GLU 131 131 ?   ?   ?   A . n 
A 1 132 ASP 132 132 ?   ?   ?   A . n 
A 1 133 SER 133 133 ?   ?   ?   A . n 
A 1 134 GLU 134 134 ?   ?   ?   A . n 
# 
loop_
_pdbx_nonpoly_scheme.asym_id 
_pdbx_nonpoly_scheme.entity_id 
_pdbx_nonpoly_scheme.mon_id 
_pdbx_nonpoly_scheme.ndb_seq_num 
_pdbx_nonpoly_scheme.pdb_seq_num 
_pdbx_nonpoly_scheme.auth_seq_num 
_pdbx_nonpoly_scheme.pdb_mon_id 
_pdbx_nonpoly_scheme.auth_mon_id 
_pdbx_nonpoly_scheme.pdb_strand_id 
_pdbx_nonpoly_scheme.pdb_ins_code 
B 2 HOH 1  135 1  HOH HOH A . 
B 2 HOH 2  136 2  HOH HOH A . 
B 2 HOH 3  137 3  HOH HOH A . 
B 2 HOH 4  138 4  HOH HOH A . 
B 2 HOH 5  139 5  HOH HOH A . 
B 2 HOH 6  140 6  HOH HOH A . 
B 2 HOH 7  141 7  HOH HOH A . 
B 2 HOH 8  142 8  HOH HOH A . 
B 2 HOH 9  143 9  HOH HOH A . 
B 2 HOH 10 144 10 HOH HOH A . 
B 2 HOH 11 145 11 HOH HOH A . 
B 2 HOH 12 146 12 HOH HOH A . 
B 2 HOH 13 147 13 HOH HOH A . 
B 2 HOH 14 148 14 HOH HOH A . 
B 2 HOH 15 149 15 HOH HOH A . 
B 2 HOH 16 150 16 HOH HOH A . 
B 2 HOH 17 151 17 HOH HOH A . 
B 2 HOH 18 152 18 HOH HOH A . 
B 2 HOH 19 153 19 HOH HOH A . 
B 2 HOH 20 154 20 HOH HOH A . 
B 2 HOH 21 155 21 HOH HOH A . 
B 2 HOH 22 156 22 HOH HOH A . 
B 2 HOH 23 157 23 HOH HOH A . 
B 2 HOH 24 158 24 HOH HOH A . 
B 2 HOH 25 159 25 HOH HOH A . 
B 2 HOH 26 160 26 HOH HOH A . 
B 2 HOH 27 161 27 HOH HOH A . 
B 2 HOH 28 162 28 HOH HOH A . 
B 2 HOH 29 163 29 HOH HOH A . 
B 2 HOH 30 164 30 HOH HOH A . 
B 2 HOH 31 165 31 HOH HOH A . 
B 2 HOH 32 166 32 HOH HOH A . 
B 2 HOH 33 167 33 HOH HOH A . 
B 2 HOH 34 168 34 HOH HOH A . 
# 
loop_
_software.name 
_software.classification 
_software.version 
_software.citation_id 
_software.pdbx_ordinal 
REFMAC   refinement        5.3.0034 ? 1 
HKL-2000 'data collection' .        ? 2 
HKL-2000 'data reduction'  .        ? 3 
HKL-2000 'data scaling'    .        ? 4 
SOLVE    phasing           .        ? 5 
# 
_cell.entry_id           2Z44 
_cell.length_a           56.461 
_cell.length_b           56.461 
_cell.length_c           85.167 
_cell.angle_alpha        90.00 
_cell.angle_beta         90.00 
_cell.angle_gamma        120.00 
_cell.Z_PDB              6 
_cell.pdbx_unique_axis   ? 
_cell.length_a_esd       ? 
_cell.length_b_esd       ? 
_cell.length_c_esd       ? 
_cell.angle_alpha_esd    ? 
_cell.angle_beta_esd     ? 
_cell.angle_gamma_esd    ? 
# 
_symmetry.entry_id                         2Z44 
_symmetry.space_group_name_H-M             'P 31 1 2' 
_symmetry.pdbx_full_space_group_name_H-M   ? 
_symmetry.cell_setting                     ? 
_symmetry.Int_Tables_number                151 
_symmetry.space_group_name_Hall            ? 
# 
_exptl.entry_id          2Z44 
_exptl.method            'X-RAY DIFFRACTION' 
_exptl.crystals_number   1 
# 
_exptl_crystal.id                    1 
_exptl_crystal.density_meas          ? 
_exptl_crystal.density_Matthews      2.53 
_exptl_crystal.density_percent_sol   51.42 
_exptl_crystal.description           ? 
_exptl_crystal.F_000                 ? 
_exptl_crystal.preparation           ? 
# 
_exptl_crystal_grow.crystal_id      1 
_exptl_crystal_grow.method          'VAPOR DIFFUSION, HANGING DROP' 
_exptl_crystal_grow.temp            293 
_exptl_crystal_grow.temp_details    ? 
_exptl_crystal_grow.pH              6.5 
_exptl_crystal_grow.pdbx_details    
'50% PEG 200, 0.1M phosphate-citrate pH 4.2, 0.2M NaCl, pH 6.5, VAPOR DIFFUSION, HANGING DROP, temperature 293K' 
_exptl_crystal_grow.pdbx_pH_range   . 
# 
_diffrn.id                     1 
_diffrn.ambient_temp           95 
_diffrn.ambient_temp_details   ? 
_diffrn.crystal_id             1 
# 
_diffrn_detector.diffrn_id              1 
_diffrn_detector.detector               CCD 
_diffrn_detector.type                   'ADSC QUANTUM 210' 
_diffrn_detector.pdbx_collection_date   2005-06-29 
_diffrn_detector.details                ? 
# 
_diffrn_radiation.diffrn_id                        1 
_diffrn_radiation.wavelength_id                    1 
_diffrn_radiation.pdbx_monochromatic_or_laue_m_l   M 
_diffrn_radiation.monochromator                    'Si(111)' 
_diffrn_radiation.pdbx_diffrn_protocol             MAD 
_diffrn_radiation.pdbx_scattering_type             x-ray 
# 
loop_
_diffrn_radiation_wavelength.id 
_diffrn_radiation_wavelength.wavelength 
_diffrn_radiation_wavelength.wt 
1 0.97923 1.0 
2 0.97946 1.0 
3 0.96423 1.0 
# 
_diffrn_source.diffrn_id                   1 
_diffrn_source.source                      SYNCHROTRON 
_diffrn_source.type                        'PHOTON FACTORY BEAMLINE AR-NW12A' 
_diffrn_source.pdbx_synchrotron_site       'Photon Factory' 
_diffrn_source.pdbx_synchrotron_beamline   AR-NW12A 
_diffrn_source.pdbx_wavelength             ? 
_diffrn_source.pdbx_wavelength_list        '0.97923, 0.97946, 0.96423' 
# 
_reflns.entry_id                     2Z44 
_reflns.observed_criterion_sigma_F   ? 
_reflns.observed_criterion_sigma_I   ? 
_reflns.d_resolution_high            2.5 
_reflns.d_resolution_low             50 
_reflns.number_all                   ? 
_reflns.number_obs                   5247 
_reflns.percent_possible_obs         98.7 
_reflns.pdbx_Rmerge_I_obs            0.109 
_reflns.pdbx_Rsym_value              ? 
_reflns.pdbx_netI_over_sigmaI        ? 
_reflns.B_iso_Wilson_estimate        64.2 
_reflns.pdbx_redundancy              ? 
_reflns.R_free_details               ? 
_reflns.limit_h_max                  ? 
_reflns.limit_h_min                  ? 
_reflns.limit_k_max                  ? 
_reflns.limit_k_min                  ? 
_reflns.limit_l_max                  ? 
_reflns.limit_l_min                  ? 
_reflns.observed_criterion_F_max     ? 
_reflns.observed_criterion_F_min     ? 
_reflns.pdbx_chi_squared             ? 
_reflns.pdbx_scaling_rejects         ? 
_reflns.pdbx_diffrn_id               1 
_reflns.pdbx_ordinal                 1 
# 
_reflns_shell.d_res_high             2.5 
_reflns_shell.d_res_low              2.59 
_reflns_shell.percent_possible_all   98.2 
_reflns_shell.Rmerge_I_obs           0.461 
_reflns_shell.pdbx_Rsym_value        ? 
_reflns_shell.meanI_over_sigI_obs    ? 
_reflns_shell.pdbx_redundancy        ? 
_reflns_shell.percent_possible_obs   ? 
_reflns_shell.number_unique_all      ? 
_reflns_shell.number_measured_all    ? 
_reflns_shell.number_measured_obs    ? 
_reflns_shell.number_unique_obs      ? 
_reflns_shell.pdbx_chi_squared       ? 
_reflns_shell.pdbx_diffrn_id         ? 
_reflns_shell.pdbx_ordinal           1 
# 
_refine.entry_id                                 2Z44 
_refine.ls_number_reflns_obs                     5247 
_refine.ls_number_reflns_all                     ? 
_refine.pdbx_ls_sigma_I                          ? 
_refine.pdbx_ls_sigma_F                          ? 
_refine.pdbx_data_cutoff_high_absF               ? 
_refine.pdbx_data_cutoff_low_absF                ? 
_refine.pdbx_data_cutoff_high_rms_absF           ? 
_refine.ls_d_res_low                             48.80 
_refine.ls_d_res_high                            2.50 
_refine.ls_percent_reflns_obs                    98.76 
_refine.ls_R_factor_obs                          0.20823 
_refine.ls_R_factor_all                          ? 
_refine.ls_R_factor_R_work                       0.20452 
_refine.ls_R_factor_R_free                       0.2805 
_refine.ls_R_factor_R_free_error                 ? 
_refine.ls_R_factor_R_free_error_details         ? 
_refine.ls_percent_reflns_R_free                 4.5 
_refine.ls_number_reflns_R_free                  248 
_refine.ls_number_parameters                     ? 
_refine.ls_number_restraints                     ? 
_refine.occupancy_min                            ? 
_refine.occupancy_max                            ? 
_refine.correlation_coeff_Fo_to_Fc               0.955 
_refine.correlation_coeff_Fo_to_Fc_free          0.899 
_refine.B_iso_mean                               53.313 
_refine.aniso_B[1][1]                            -2.27 
_refine.aniso_B[2][2]                            -2.27 
_refine.aniso_B[3][3]                            3.41 
_refine.aniso_B[1][2]                            -1.14 
_refine.aniso_B[1][3]                            0.00 
_refine.aniso_B[2][3]                            0.00 
_refine.solvent_model_details                    'BABINET MODEL WITH MASK' 
_refine.solvent_model_param_ksol                 ? 
_refine.solvent_model_param_bsol                 ? 
_refine.pdbx_solvent_vdw_probe_radii             1.20 
_refine.pdbx_solvent_ion_probe_radii             0.80 
_refine.pdbx_solvent_shrinkage_radii             0.80 
_refine.pdbx_ls_cross_valid_method               THROUGHOUT 
_refine.details                                  'HYDROGENS HAVE BEEN ADDED IN THE RIDING POSITIONS' 
_refine.pdbx_starting_model                      ? 
_refine.pdbx_method_to_determine_struct          MAD 
_refine.pdbx_isotropic_thermal_model             ? 
_refine.pdbx_stereochemistry_target_values       'MAXIMUM LIKELIHOOD' 
_refine.pdbx_stereochem_target_val_spec_case     ? 
_refine.pdbx_R_Free_selection_details            RANDOM 
_refine.pdbx_overall_ESU_R                       0.406 
_refine.pdbx_overall_ESU_R_Free                  0.301 
_refine.overall_SU_ML                            0.245 
_refine.overall_SU_B                             12.048 
_refine.ls_redundancy_reflns_obs                 ? 
_refine.B_iso_min                                ? 
_refine.B_iso_max                                ? 
_refine.overall_SU_R_Cruickshank_DPI             ? 
_refine.overall_SU_R_free                        ? 
_refine.ls_wR_factor_R_free                      ? 
_refine.ls_wR_factor_R_work                      ? 
_refine.overall_FOM_free_R_set                   ? 
_refine.overall_FOM_work_R_set                   ? 
_refine.pdbx_overall_phase_error                 ? 
_refine.pdbx_refine_id                           'X-RAY DIFFRACTION' 
_refine.pdbx_diffrn_id                           1 
_refine.pdbx_TLS_residual_ADP_flag               ? 
_refine.pdbx_overall_SU_R_free_Cruickshank_DPI   ? 
_refine.pdbx_overall_SU_R_Blow_DPI               ? 
_refine.pdbx_overall_SU_R_free_Blow_DPI          ? 
# 
_refine_hist.pdbx_refine_id                   'X-RAY DIFFRACTION' 
_refine_hist.cycle_id                         LAST 
_refine_hist.pdbx_number_atoms_protein        895 
_refine_hist.pdbx_number_atoms_nucleic_acid   0 
_refine_hist.pdbx_number_atoms_ligand         0 
_refine_hist.number_atoms_solvent             34 
_refine_hist.number_atoms_total               929 
_refine_hist.d_res_high                       2.50 
_refine_hist.d_res_low                        48.80 
# 
loop_
_refine_ls_restr.type 
_refine_ls_restr.dev_ideal 
_refine_ls_restr.dev_ideal_target 
_refine_ls_restr.weight 
_refine_ls_restr.number 
_refine_ls_restr.pdbx_refine_id 
_refine_ls_restr.pdbx_restraint_function 
r_bond_refined_d             0.016  0.022  ? 907  'X-RAY DIFFRACTION' ? 
r_bond_other_d               0.001  0.020  ? 630  'X-RAY DIFFRACTION' ? 
r_angle_refined_deg          1.463  1.983  ? 1222 'X-RAY DIFFRACTION' ? 
r_angle_other_deg            0.915  3.000  ? 1543 'X-RAY DIFFRACTION' ? 
r_dihedral_angle_1_deg       6.023  5.000  ? 109  'X-RAY DIFFRACTION' ? 
r_dihedral_angle_2_deg       35.114 24.773 ? 44   'X-RAY DIFFRACTION' ? 
r_dihedral_angle_3_deg       18.941 15.000 ? 181  'X-RAY DIFFRACTION' ? 
r_dihedral_angle_4_deg       12.034 15.000 ? 7    'X-RAY DIFFRACTION' ? 
r_chiral_restr               0.068  0.200  ? 142  'X-RAY DIFFRACTION' ? 
r_gen_planes_refined         0.004  0.020  ? 980  'X-RAY DIFFRACTION' ? 
r_gen_planes_other           0.001  0.020  ? 170  'X-RAY DIFFRACTION' ? 
r_nbd_refined                0.204  0.200  ? 235  'X-RAY DIFFRACTION' ? 
r_nbd_other                  0.178  0.200  ? 603  'X-RAY DIFFRACTION' ? 
r_nbtor_refined              0.174  0.200  ? 441  'X-RAY DIFFRACTION' ? 
r_nbtor_other                0.096  0.200  ? 482  'X-RAY DIFFRACTION' ? 
r_xyhbond_nbd_refined        0.150  0.200  ? 24   'X-RAY DIFFRACTION' ? 
r_xyhbond_nbd_other          ?      ?      ? ?    'X-RAY DIFFRACTION' ? 
r_metal_ion_refined          ?      ?      ? ?    'X-RAY DIFFRACTION' ? 
r_metal_ion_other            ?      ?      ? ?    'X-RAY DIFFRACTION' ? 
r_symmetry_vdw_refined       0.207  0.200  ? 18   'X-RAY DIFFRACTION' ? 
r_symmetry_vdw_other         0.268  0.200  ? 48   'X-RAY DIFFRACTION' ? 
r_symmetry_hbond_refined     0.324  0.200  ? 3    'X-RAY DIFFRACTION' ? 
r_symmetry_hbond_other       ?      ?      ? ?    'X-RAY DIFFRACTION' ? 
r_symmetry_metal_ion_refined ?      ?      ? ?    'X-RAY DIFFRACTION' ? 
r_symmetry_metal_ion_other   ?      ?      ? ?    'X-RAY DIFFRACTION' ? 
r_mcbond_it                  1.119  1.500  ? 691  'X-RAY DIFFRACTION' ? 
r_mcbond_other               0.143  1.500  ? 220  'X-RAY DIFFRACTION' ? 
r_mcangle_it                 1.288  2.000  ? 886  'X-RAY DIFFRACTION' ? 
r_scbond_it                  1.880  3.000  ? 395  'X-RAY DIFFRACTION' ? 
r_scangle_it                 2.971  4.500  ? 336  'X-RAY DIFFRACTION' ? 
r_rigid_bond_restr           ?      ?      ? ?    'X-RAY DIFFRACTION' ? 
r_sphericity_free            ?      ?      ? ?    'X-RAY DIFFRACTION' ? 
r_sphericity_bonded          ?      ?      ? ?    'X-RAY DIFFRACTION' ? 
# 
_refine_ls_shell.pdbx_total_number_of_bins_used   20 
_refine_ls_shell.d_res_high                       2.498 
_refine_ls_shell.d_res_low                        2.563 
_refine_ls_shell.number_reflns_R_work             391 
_refine_ls_shell.R_factor_R_work                  0.268 
_refine_ls_shell.percent_reflns_obs               98.55 
_refine_ls_shell.R_factor_R_free                  0.439 
_refine_ls_shell.R_factor_R_free_error            ? 
_refine_ls_shell.percent_reflns_R_free            ? 
_refine_ls_shell.number_reflns_R_free             18 
_refine_ls_shell.number_reflns_all                ? 
_refine_ls_shell.R_factor_all                     ? 
_refine_ls_shell.number_reflns_obs                ? 
_refine_ls_shell.redundancy_reflns_obs            ? 
_refine_ls_shell.pdbx_refine_id                   'X-RAY DIFFRACTION' 
# 
_struct.entry_id                  2Z44 
_struct.title                     'Crystal Structure of Selenomethionine-labeled ORF134' 
_struct.pdbx_model_details        ? 
_struct.pdbx_CASP_flag            ? 
_struct.pdbx_model_type_details   ? 
# 
_struct_keywords.entry_id        2Z44 
_struct_keywords.pdbx_keywords   CHAPERONE 
_struct_keywords.text            'chaperone, helix bundle' 
# 
loop_
_struct_asym.id 
_struct_asym.pdbx_blank_PDB_chainid_flag 
_struct_asym.pdbx_modified 
_struct_asym.entity_id 
_struct_asym.details 
A N N 1 ? 
B N N 2 ? 
# 
_struct_ref.id                         1 
_struct_ref.db_name                    UNP 
_struct_ref.db_code                    Q44177_SYNP2 
_struct_ref.pdbx_db_accession          Q44177 
_struct_ref.entity_id                  1 
_struct_ref.pdbx_seq_one_letter_code   
;MEFKKVAKETAITLQSYLTYQAVRLISQQLSETNPGQAIWLGEFSKRHPIQESDLYLEAMMLENKELVLRILTVRENLAE
GVLEFLPEMVLSQIKQSNGNHRRSLLERLTQVDSSSTDQTEPNPGESDTSEDSE
;
_struct_ref.pdbx_align_begin           1 
_struct_ref.pdbx_db_isoform            ? 
# 
_struct_ref_seq.align_id                      1 
_struct_ref_seq.ref_id                        1 
_struct_ref_seq.pdbx_PDB_id_code              2Z44 
_struct_ref_seq.pdbx_strand_id                A 
_struct_ref_seq.seq_align_beg                 1 
_struct_ref_seq.pdbx_seq_align_beg_ins_code   ? 
_struct_ref_seq.seq_align_end                 134 
_struct_ref_seq.pdbx_seq_align_end_ins_code   ? 
_struct_ref_seq.pdbx_db_accession             Q44177 
_struct_ref_seq.db_align_beg                  1 
_struct_ref_seq.pdbx_db_align_beg_ins_code    ? 
_struct_ref_seq.db_align_end                  134 
_struct_ref_seq.pdbx_db_align_end_ins_code    ? 
_struct_ref_seq.pdbx_auth_seq_align_beg       1 
_struct_ref_seq.pdbx_auth_seq_align_end       134 
# 
_pdbx_struct_assembly.id                   1 
_pdbx_struct_assembly.details              author_and_software_defined_assembly 
_pdbx_struct_assembly.method_details       PISA 
_pdbx_struct_assembly.oligomeric_details   dimeric 
_pdbx_struct_assembly.oligomeric_count     2 
# 
loop_
_pdbx_struct_assembly_prop.biol_id 
_pdbx_struct_assembly_prop.type 
_pdbx_struct_assembly_prop.value 
_pdbx_struct_assembly_prop.details 
1 'ABSA (A^2)' 5220  ? 
1 MORE         -39   ? 
1 'SSA (A^2)'  11670 ? 
# 
_pdbx_struct_assembly_gen.assembly_id       1 
_pdbx_struct_assembly_gen.oper_expression   1,2 
_pdbx_struct_assembly_gen.asym_id_list      A,B 
# 
loop_
_pdbx_struct_oper_list.id 
_pdbx_struct_oper_list.type 
_pdbx_struct_oper_list.name 
_pdbx_struct_oper_list.symmetry_operation 
_pdbx_struct_oper_list.matrix[1][1] 
_pdbx_struct_oper_list.matrix[1][2] 
_pdbx_struct_oper_list.matrix[1][3] 
_pdbx_struct_oper_list.vector[1] 
_pdbx_struct_oper_list.matrix[2][1] 
_pdbx_struct_oper_list.matrix[2][2] 
_pdbx_struct_oper_list.matrix[2][3] 
_pdbx_struct_oper_list.vector[2] 
_pdbx_struct_oper_list.matrix[3][1] 
_pdbx_struct_oper_list.matrix[3][2] 
_pdbx_struct_oper_list.matrix[3][3] 
_pdbx_struct_oper_list.vector[3] 
1 'identity operation'         1_555 x,y,z    1.0000000000  0.0000000000 0.0000000000 0.0000000000  0.0000000000 1.0000000000  0.0000000000 0.0000000000  0.0000000000 0.0000000000 1.0000000000 0.0000000000  
2 'crystal symmetry operation' 6_555 x,x-y,-z -0.4429797649 0.3896482839 0.8074299615 -6.8729843281 0.3896482839 -0.7274321908 0.5648155651 10.5368310443 0.8074299615 0.5648155651 0.1704119558 -0.3433942267 
# 
_struct_biol.id        1 
_struct_biol.details   ? 
# 
loop_
_struct_conf.conf_type_id 
_struct_conf.id 
_struct_conf.pdbx_PDB_helix_id 
_struct_conf.beg_label_comp_id 
_struct_conf.beg_label_asym_id 
_struct_conf.beg_label_seq_id 
_struct_conf.pdbx_beg_PDB_ins_code 
_struct_conf.end_label_comp_id 
_struct_conf.end_label_asym_id 
_struct_conf.end_label_seq_id 
_struct_conf.pdbx_end_PDB_ins_code 
_struct_conf.beg_auth_comp_id 
_struct_conf.beg_auth_asym_id 
_struct_conf.beg_auth_seq_id 
_struct_conf.end_auth_comp_id 
_struct_conf.end_auth_asym_id 
_struct_conf.end_auth_seq_id 
_struct_conf.pdbx_PDB_helix_class 
_struct_conf.details 
_struct_conf.pdbx_PDB_helix_length 
HELX_P HELX_P1 1 GLU A 2  ? ASN A 34  ? GLU A 2  ASN A 34  1 ? 33 
HELX_P HELX_P2 2 ASN A 34 ? HIS A 48  ? ASN A 34 HIS A 48  1 ? 15 
HELX_P HELX_P3 3 GLU A 52 ? MSE A 61  ? GLU A 52 MSE A 61  1 ? 10 
HELX_P HELX_P4 4 ASN A 64 ? LEU A 83  ? ASN A 64 LEU A 83  1 ? 20 
HELX_P HELX_P5 5 PHE A 85 ? THR A 110 ? PHE A 85 THR A 110 1 ? 26 
# 
_struct_conf_type.id          HELX_P 
_struct_conf_type.criteria    ? 
_struct_conf_type.reference   ? 
# 
loop_
_struct_conn.id 
_struct_conn.conn_type_id 
_struct_conn.pdbx_leaving_atom_flag 
_struct_conn.pdbx_PDB_id 
_struct_conn.ptnr1_label_asym_id 
_struct_conn.ptnr1_label_comp_id 
_struct_conn.ptnr1_label_seq_id 
_struct_conn.ptnr1_label_atom_id 
_struct_conn.pdbx_ptnr1_label_alt_id 
_struct_conn.pdbx_ptnr1_PDB_ins_code 
_struct_conn.pdbx_ptnr1_standard_comp_id 
_struct_conn.ptnr1_symmetry 
_struct_conn.ptnr2_label_asym_id 
_struct_conn.ptnr2_label_comp_id 
_struct_conn.ptnr2_label_seq_id 
_struct_conn.ptnr2_label_atom_id 
_struct_conn.pdbx_ptnr2_label_alt_id 
_struct_conn.pdbx_ptnr2_PDB_ins_code 
_struct_conn.ptnr1_auth_asym_id 
_struct_conn.ptnr1_auth_comp_id 
_struct_conn.ptnr1_auth_seq_id 
_struct_conn.ptnr2_auth_asym_id 
_struct_conn.ptnr2_auth_comp_id 
_struct_conn.ptnr2_auth_seq_id 
_struct_conn.ptnr2_symmetry 
_struct_conn.pdbx_ptnr3_label_atom_id 
_struct_conn.pdbx_ptnr3_label_seq_id 
_struct_conn.pdbx_ptnr3_label_comp_id 
_struct_conn.pdbx_ptnr3_label_asym_id 
_struct_conn.pdbx_ptnr3_label_alt_id 
_struct_conn.pdbx_ptnr3_PDB_ins_code 
_struct_conn.details 
_struct_conn.pdbx_dist_value 
_struct_conn.pdbx_value_order 
_struct_conn.pdbx_role 
covale1 covale both ? A ALA 59 C ? ? ? 1_555 A MSE 60 N ? ? A ALA 59 A MSE 60 1_555 ? ? ? ? ? ? ? 1.326 ? ? 
covale2 covale both ? A MSE 60 C ? ? ? 1_555 A MSE 61 N ? ? A MSE 60 A MSE 61 1_555 ? ? ? ? ? ? ? 1.330 ? ? 
covale3 covale both ? A MSE 61 C ? ? ? 1_555 A LEU 62 N ? ? A MSE 61 A LEU 62 1_555 ? ? ? ? ? ? ? 1.315 ? ? 
covale4 covale both ? A GLU 88 C ? ? ? 1_555 A MSE 89 N ? ? A GLU 88 A MSE 89 1_555 ? ? ? ? ? ? ? 1.334 ? ? 
covale5 covale both ? A MSE 89 C ? ? ? 1_555 A VAL 90 N ? ? A MSE 89 A VAL 90 1_555 ? ? ? ? ? ? ? 1.329 ? ? 
# 
_struct_conn_type.id          covale 
_struct_conn_type.criteria    ? 
_struct_conn_type.reference   ? 
# 
loop_
_pdbx_modification_feature.ordinal 
_pdbx_modification_feature.label_comp_id 
_pdbx_modification_feature.label_asym_id 
_pdbx_modification_feature.label_seq_id 
_pdbx_modification_feature.label_alt_id 
_pdbx_modification_feature.modified_residue_label_comp_id 
_pdbx_modification_feature.modified_residue_label_asym_id 
_pdbx_modification_feature.modified_residue_label_seq_id 
_pdbx_modification_feature.modified_residue_label_alt_id 
_pdbx_modification_feature.auth_comp_id 
_pdbx_modification_feature.auth_asym_id 
_pdbx_modification_feature.auth_seq_id 
_pdbx_modification_feature.PDB_ins_code 
_pdbx_modification_feature.symmetry 
_pdbx_modification_feature.modified_residue_auth_comp_id 
_pdbx_modification_feature.modified_residue_auth_asym_id 
_pdbx_modification_feature.modified_residue_auth_seq_id 
_pdbx_modification_feature.modified_residue_PDB_ins_code 
_pdbx_modification_feature.modified_residue_symmetry 
_pdbx_modification_feature.comp_id_linking_atom 
_pdbx_modification_feature.modified_residue_id_linking_atom 
_pdbx_modification_feature.modified_residue_id 
_pdbx_modification_feature.ref_pcm_id 
_pdbx_modification_feature.ref_comp_id 
_pdbx_modification_feature.type 
_pdbx_modification_feature.category 
1 MSE A 60 ? . . . . MSE A 60 ? 1_555 . . . . . . . MET 1 MSE Selenomethionine 'Named protein modification' 
2 MSE A 61 ? . . . . MSE A 61 ? 1_555 . . . . . . . MET 1 MSE Selenomethionine 'Named protein modification' 
3 MSE A 89 ? . . . . MSE A 89 ? 1_555 . . . . . . . MET 1 MSE Selenomethionine 'Named protein modification' 
# 
_pdbx_entry_details.entry_id                   2Z44 
_pdbx_entry_details.compound_details           ? 
_pdbx_entry_details.source_details             ? 
_pdbx_entry_details.nonpolymer_details         ? 
_pdbx_entry_details.sequence_details           ? 
_pdbx_entry_details.has_ligand_of_interest     ? 
_pdbx_entry_details.has_protein_modification   Y 
# 
_pdbx_validate_rmsd_bond.id                        1 
_pdbx_validate_rmsd_bond.PDB_model_num             1 
_pdbx_validate_rmsd_bond.auth_atom_id_1            CG 
_pdbx_validate_rmsd_bond.auth_asym_id_1            A 
_pdbx_validate_rmsd_bond.auth_comp_id_1            GLU 
_pdbx_validate_rmsd_bond.auth_seq_id_1             76 
_pdbx_validate_rmsd_bond.PDB_ins_code_1            ? 
_pdbx_validate_rmsd_bond.label_alt_id_1            ? 
_pdbx_validate_rmsd_bond.auth_atom_id_2            CD 
_pdbx_validate_rmsd_bond.auth_asym_id_2            A 
_pdbx_validate_rmsd_bond.auth_comp_id_2            GLU 
_pdbx_validate_rmsd_bond.auth_seq_id_2             76 
_pdbx_validate_rmsd_bond.PDB_ins_code_2            ? 
_pdbx_validate_rmsd_bond.label_alt_id_2            ? 
_pdbx_validate_rmsd_bond.bond_value                1.624 
_pdbx_validate_rmsd_bond.bond_target_value         1.515 
_pdbx_validate_rmsd_bond.bond_deviation            0.109 
_pdbx_validate_rmsd_bond.bond_standard_deviation   0.015 
_pdbx_validate_rmsd_bond.linker_flag               N 
# 
loop_
_pdbx_validate_torsion.id 
_pdbx_validate_torsion.PDB_model_num 
_pdbx_validate_torsion.auth_comp_id 
_pdbx_validate_torsion.auth_asym_id 
_pdbx_validate_torsion.auth_seq_id 
_pdbx_validate_torsion.PDB_ins_code 
_pdbx_validate_torsion.label_alt_id 
_pdbx_validate_torsion.phi 
_pdbx_validate_torsion.psi 
1 1 ASN A 34 ? ? -164.26 74.45 
2 1 ASN A 64 ? ? -163.35 78.94 
# 
loop_
_pdbx_struct_mod_residue.id 
_pdbx_struct_mod_residue.label_asym_id 
_pdbx_struct_mod_residue.label_comp_id 
_pdbx_struct_mod_residue.label_seq_id 
_pdbx_struct_mod_residue.auth_asym_id 
_pdbx_struct_mod_residue.auth_comp_id 
_pdbx_struct_mod_residue.auth_seq_id 
_pdbx_struct_mod_residue.PDB_ins_code 
_pdbx_struct_mod_residue.parent_comp_id 
_pdbx_struct_mod_residue.details 
1 A MSE 60 A MSE 60 ? MET SELENOMETHIONINE 
2 A MSE 61 A MSE 61 ? MET SELENOMETHIONINE 
3 A MSE 89 A MSE 89 ? MET SELENOMETHIONINE 
# 
loop_
_pdbx_struct_special_symmetry.id 
_pdbx_struct_special_symmetry.PDB_model_num 
_pdbx_struct_special_symmetry.auth_asym_id 
_pdbx_struct_special_symmetry.auth_comp_id 
_pdbx_struct_special_symmetry.auth_seq_id 
_pdbx_struct_special_symmetry.PDB_ins_code 
_pdbx_struct_special_symmetry.label_asym_id 
_pdbx_struct_special_symmetry.label_comp_id 
_pdbx_struct_special_symmetry.label_seq_id 
1 1 A HOH 136 ? B HOH . 
2 1 A HOH 149 ? B HOH . 
3 1 A HOH 153 ? B HOH . 
# 
loop_
_pdbx_unobs_or_zero_occ_residues.id 
_pdbx_unobs_or_zero_occ_residues.PDB_model_num 
_pdbx_unobs_or_zero_occ_residues.polymer_flag 
_pdbx_unobs_or_zero_occ_residues.occupancy_flag 
_pdbx_unobs_or_zero_occ_residues.auth_asym_id 
_pdbx_unobs_or_zero_occ_residues.auth_comp_id 
_pdbx_unobs_or_zero_occ_residues.auth_seq_id 
_pdbx_unobs_or_zero_occ_residues.PDB_ins_code 
_pdbx_unobs_or_zero_occ_residues.label_asym_id 
_pdbx_unobs_or_zero_occ_residues.label_comp_id 
_pdbx_unobs_or_zero_occ_residues.label_seq_id 
1  1 Y 1 A MSE 1   ? A MSE 1   
2  1 Y 1 A VAL 112 ? A VAL 112 
3  1 Y 1 A ASP 113 ? A ASP 113 
4  1 Y 1 A SER 114 ? A SER 114 
5  1 Y 1 A SER 115 ? A SER 115 
6  1 Y 1 A SER 116 ? A SER 116 
7  1 Y 1 A THR 117 ? A THR 117 
8  1 Y 1 A ASP 118 ? A ASP 118 
9  1 Y 1 A GLN 119 ? A GLN 119 
10 1 Y 1 A THR 120 ? A THR 120 
11 1 Y 1 A GLU 121 ? A GLU 121 
12 1 Y 1 A PRO 122 ? A PRO 122 
13 1 Y 1 A ASN 123 ? A ASN 123 
14 1 Y 1 A PRO 124 ? A PRO 124 
15 1 Y 1 A GLY 125 ? A GLY 125 
16 1 Y 1 A GLU 126 ? A GLU 126 
17 1 Y 1 A SER 127 ? A SER 127 
18 1 Y 1 A ASP 128 ? A ASP 128 
19 1 Y 1 A THR 129 ? A THR 129 
20 1 Y 1 A SER 130 ? A SER 130 
21 1 Y 1 A GLU 131 ? A GLU 131 
22 1 Y 1 A ASP 132 ? A ASP 132 
23 1 Y 1 A SER 133 ? A SER 133 
24 1 Y 1 A GLU 134 ? A GLU 134 
# 
loop_
_chem_comp_atom.comp_id 
_chem_comp_atom.atom_id 
_chem_comp_atom.type_symbol 
_chem_comp_atom.pdbx_aromatic_flag 
_chem_comp_atom.pdbx_stereo_config 
_chem_comp_atom.pdbx_ordinal 
ALA N    N  N N 1   
ALA CA   C  N S 2   
ALA C    C  N N 3   
ALA O    O  N N 4   
ALA CB   C  N N 5   
ALA OXT  O  N N 6   
ALA H    H  N N 7   
ALA H2   H  N N 8   
ALA HA   H  N N 9   
ALA HB1  H  N N 10  
ALA HB2  H  N N 11  
ALA HB3  H  N N 12  
ALA HXT  H  N N 13  
ARG N    N  N N 14  
ARG CA   C  N S 15  
ARG C    C  N N 16  
ARG O    O  N N 17  
ARG CB   C  N N 18  
ARG CG   C  N N 19  
ARG CD   C  N N 20  
ARG NE   N  N N 21  
ARG CZ   C  N N 22  
ARG NH1  N  N N 23  
ARG NH2  N  N N 24  
ARG OXT  O  N N 25  
ARG H    H  N N 26  
ARG H2   H  N N 27  
ARG HA   H  N N 28  
ARG HB2  H  N N 29  
ARG HB3  H  N N 30  
ARG HG2  H  N N 31  
ARG HG3  H  N N 32  
ARG HD2  H  N N 33  
ARG HD3  H  N N 34  
ARG HE   H  N N 35  
ARG HH11 H  N N 36  
ARG HH12 H  N N 37  
ARG HH21 H  N N 38  
ARG HH22 H  N N 39  
ARG HXT  H  N N 40  
ASN N    N  N N 41  
ASN CA   C  N S 42  
ASN C    C  N N 43  
ASN O    O  N N 44  
ASN CB   C  N N 45  
ASN CG   C  N N 46  
ASN OD1  O  N N 47  
ASN ND2  N  N N 48  
ASN OXT  O  N N 49  
ASN H    H  N N 50  
ASN H2   H  N N 51  
ASN HA   H  N N 52  
ASN HB2  H  N N 53  
ASN HB3  H  N N 54  
ASN HD21 H  N N 55  
ASN HD22 H  N N 56  
ASN HXT  H  N N 57  
ASP N    N  N N 58  
ASP CA   C  N S 59  
ASP C    C  N N 60  
ASP O    O  N N 61  
ASP CB   C  N N 62  
ASP CG   C  N N 63  
ASP OD1  O  N N 64  
ASP OD2  O  N N 65  
ASP OXT  O  N N 66  
ASP H    H  N N 67  
ASP H2   H  N N 68  
ASP HA   H  N N 69  
ASP HB2  H  N N 70  
ASP HB3  H  N N 71  
ASP HD2  H  N N 72  
ASP HXT  H  N N 73  
GLN N    N  N N 74  
GLN CA   C  N S 75  
GLN C    C  N N 76  
GLN O    O  N N 77  
GLN CB   C  N N 78  
GLN CG   C  N N 79  
GLN CD   C  N N 80  
GLN OE1  O  N N 81  
GLN NE2  N  N N 82  
GLN OXT  O  N N 83  
GLN H    H  N N 84  
GLN H2   H  N N 85  
GLN HA   H  N N 86  
GLN HB2  H  N N 87  
GLN HB3  H  N N 88  
GLN HG2  H  N N 89  
GLN HG3  H  N N 90  
GLN HE21 H  N N 91  
GLN HE22 H  N N 92  
GLN HXT  H  N N 93  
GLU N    N  N N 94  
GLU CA   C  N S 95  
GLU C    C  N N 96  
GLU O    O  N N 97  
GLU CB   C  N N 98  
GLU CG   C  N N 99  
GLU CD   C  N N 100 
GLU OE1  O  N N 101 
GLU OE2  O  N N 102 
GLU OXT  O  N N 103 
GLU H    H  N N 104 
GLU H2   H  N N 105 
GLU HA   H  N N 106 
GLU HB2  H  N N 107 
GLU HB3  H  N N 108 
GLU HG2  H  N N 109 
GLU HG3  H  N N 110 
GLU HE2  H  N N 111 
GLU HXT  H  N N 112 
GLY N    N  N N 113 
GLY CA   C  N N 114 
GLY C    C  N N 115 
GLY O    O  N N 116 
GLY OXT  O  N N 117 
GLY H    H  N N 118 
GLY H2   H  N N 119 
GLY HA2  H  N N 120 
GLY HA3  H  N N 121 
GLY HXT  H  N N 122 
HIS N    N  N N 123 
HIS CA   C  N S 124 
HIS C    C  N N 125 
HIS O    O  N N 126 
HIS CB   C  N N 127 
HIS CG   C  Y N 128 
HIS ND1  N  Y N 129 
HIS CD2  C  Y N 130 
HIS CE1  C  Y N 131 
HIS NE2  N  Y N 132 
HIS OXT  O  N N 133 
HIS H    H  N N 134 
HIS H2   H  N N 135 
HIS HA   H  N N 136 
HIS HB2  H  N N 137 
HIS HB3  H  N N 138 
HIS HD1  H  N N 139 
HIS HD2  H  N N 140 
HIS HE1  H  N N 141 
HIS HE2  H  N N 142 
HIS HXT  H  N N 143 
HOH O    O  N N 144 
HOH H1   H  N N 145 
HOH H2   H  N N 146 
ILE N    N  N N 147 
ILE CA   C  N S 148 
ILE C    C  N N 149 
ILE O    O  N N 150 
ILE CB   C  N S 151 
ILE CG1  C  N N 152 
ILE CG2  C  N N 153 
ILE CD1  C  N N 154 
ILE OXT  O  N N 155 
ILE H    H  N N 156 
ILE H2   H  N N 157 
ILE HA   H  N N 158 
ILE HB   H  N N 159 
ILE HG12 H  N N 160 
ILE HG13 H  N N 161 
ILE HG21 H  N N 162 
ILE HG22 H  N N 163 
ILE HG23 H  N N 164 
ILE HD11 H  N N 165 
ILE HD12 H  N N 166 
ILE HD13 H  N N 167 
ILE HXT  H  N N 168 
LEU N    N  N N 169 
LEU CA   C  N S 170 
LEU C    C  N N 171 
LEU O    O  N N 172 
LEU CB   C  N N 173 
LEU CG   C  N N 174 
LEU CD1  C  N N 175 
LEU CD2  C  N N 176 
LEU OXT  O  N N 177 
LEU H    H  N N 178 
LEU H2   H  N N 179 
LEU HA   H  N N 180 
LEU HB2  H  N N 181 
LEU HB3  H  N N 182 
LEU HG   H  N N 183 
LEU HD11 H  N N 184 
LEU HD12 H  N N 185 
LEU HD13 H  N N 186 
LEU HD21 H  N N 187 
LEU HD22 H  N N 188 
LEU HD23 H  N N 189 
LEU HXT  H  N N 190 
LYS N    N  N N 191 
LYS CA   C  N S 192 
LYS C    C  N N 193 
LYS O    O  N N 194 
LYS CB   C  N N 195 
LYS CG   C  N N 196 
LYS CD   C  N N 197 
LYS CE   C  N N 198 
LYS NZ   N  N N 199 
LYS OXT  O  N N 200 
LYS H    H  N N 201 
LYS H2   H  N N 202 
LYS HA   H  N N 203 
LYS HB2  H  N N 204 
LYS HB3  H  N N 205 
LYS HG2  H  N N 206 
LYS HG3  H  N N 207 
LYS HD2  H  N N 208 
LYS HD3  H  N N 209 
LYS HE2  H  N N 210 
LYS HE3  H  N N 211 
LYS HZ1  H  N N 212 
LYS HZ2  H  N N 213 
LYS HZ3  H  N N 214 
LYS HXT  H  N N 215 
MSE N    N  N N 216 
MSE CA   C  N S 217 
MSE C    C  N N 218 
MSE O    O  N N 219 
MSE OXT  O  N N 220 
MSE CB   C  N N 221 
MSE CG   C  N N 222 
MSE SE   SE N N 223 
MSE CE   C  N N 224 
MSE H    H  N N 225 
MSE H2   H  N N 226 
MSE HA   H  N N 227 
MSE HXT  H  N N 228 
MSE HB2  H  N N 229 
MSE HB3  H  N N 230 
MSE HG2  H  N N 231 
MSE HG3  H  N N 232 
MSE HE1  H  N N 233 
MSE HE2  H  N N 234 
MSE HE3  H  N N 235 
PHE N    N  N N 236 
PHE CA   C  N S 237 
PHE C    C  N N 238 
PHE O    O  N N 239 
PHE CB   C  N N 240 
PHE CG   C  Y N 241 
PHE CD1  C  Y N 242 
PHE CD2  C  Y N 243 
PHE CE1  C  Y N 244 
PHE CE2  C  Y N 245 
PHE CZ   C  Y N 246 
PHE OXT  O  N N 247 
PHE H    H  N N 248 
PHE H2   H  N N 249 
PHE HA   H  N N 250 
PHE HB2  H  N N 251 
PHE HB3  H  N N 252 
PHE HD1  H  N N 253 
PHE HD2  H  N N 254 
PHE HE1  H  N N 255 
PHE HE2  H  N N 256 
PHE HZ   H  N N 257 
PHE HXT  H  N N 258 
PRO N    N  N N 259 
PRO CA   C  N S 260 
PRO C    C  N N 261 
PRO O    O  N N 262 
PRO CB   C  N N 263 
PRO CG   C  N N 264 
PRO CD   C  N N 265 
PRO OXT  O  N N 266 
PRO H    H  N N 267 
PRO HA   H  N N 268 
PRO HB2  H  N N 269 
PRO HB3  H  N N 270 
PRO HG2  H  N N 271 
PRO HG3  H  N N 272 
PRO HD2  H  N N 273 
PRO HD3  H  N N 274 
PRO HXT  H  N N 275 
SER N    N  N N 276 
SER CA   C  N S 277 
SER C    C  N N 278 
SER O    O  N N 279 
SER CB   C  N N 280 
SER OG   O  N N 281 
SER OXT  O  N N 282 
SER H    H  N N 283 
SER H2   H  N N 284 
SER HA   H  N N 285 
SER HB2  H  N N 286 
SER HB3  H  N N 287 
SER HG   H  N N 288 
SER HXT  H  N N 289 
THR N    N  N N 290 
THR CA   C  N S 291 
THR C    C  N N 292 
THR O    O  N N 293 
THR CB   C  N R 294 
THR OG1  O  N N 295 
THR CG2  C  N N 296 
THR OXT  O  N N 297 
THR H    H  N N 298 
THR H2   H  N N 299 
THR HA   H  N N 300 
THR HB   H  N N 301 
THR HG1  H  N N 302 
THR HG21 H  N N 303 
THR HG22 H  N N 304 
THR HG23 H  N N 305 
THR HXT  H  N N 306 
TRP N    N  N N 307 
TRP CA   C  N S 308 
TRP C    C  N N 309 
TRP O    O  N N 310 
TRP CB   C  N N 311 
TRP CG   C  Y N 312 
TRP CD1  C  Y N 313 
TRP CD2  C  Y N 314 
TRP NE1  N  Y N 315 
TRP CE2  C  Y N 316 
TRP CE3  C  Y N 317 
TRP CZ2  C  Y N 318 
TRP CZ3  C  Y N 319 
TRP CH2  C  Y N 320 
TRP OXT  O  N N 321 
TRP H    H  N N 322 
TRP H2   H  N N 323 
TRP HA   H  N N 324 
TRP HB2  H  N N 325 
TRP HB3  H  N N 326 
TRP HD1  H  N N 327 
TRP HE1  H  N N 328 
TRP HE3  H  N N 329 
TRP HZ2  H  N N 330 
TRP HZ3  H  N N 331 
TRP HH2  H  N N 332 
TRP HXT  H  N N 333 
TYR N    N  N N 334 
TYR CA   C  N S 335 
TYR C    C  N N 336 
TYR O    O  N N 337 
TYR CB   C  N N 338 
TYR CG   C  Y N 339 
TYR CD1  C  Y N 340 
TYR CD2  C  Y N 341 
TYR CE1  C  Y N 342 
TYR CE2  C  Y N 343 
TYR CZ   C  Y N 344 
TYR OH   O  N N 345 
TYR OXT  O  N N 346 
TYR H    H  N N 347 
TYR H2   H  N N 348 
TYR HA   H  N N 349 
TYR HB2  H  N N 350 
TYR HB3  H  N N 351 
TYR HD1  H  N N 352 
TYR HD2  H  N N 353 
TYR HE1  H  N N 354 
TYR HE2  H  N N 355 
TYR HH   H  N N 356 
TYR HXT  H  N N 357 
VAL N    N  N N 358 
VAL CA   C  N S 359 
VAL C    C  N N 360 
VAL O    O  N N 361 
VAL CB   C  N N 362 
VAL CG1  C  N N 363 
VAL CG2  C  N N 364 
VAL OXT  O  N N 365 
VAL H    H  N N 366 
VAL H2   H  N N 367 
VAL HA   H  N N 368 
VAL HB   H  N N 369 
VAL HG11 H  N N 370 
VAL HG12 H  N N 371 
VAL HG13 H  N N 372 
VAL HG21 H  N N 373 
VAL HG22 H  N N 374 
VAL HG23 H  N N 375 
VAL HXT  H  N N 376 
# 
loop_
_chem_comp_bond.comp_id 
_chem_comp_bond.atom_id_1 
_chem_comp_bond.atom_id_2 
_chem_comp_bond.value_order 
_chem_comp_bond.pdbx_aromatic_flag 
_chem_comp_bond.pdbx_stereo_config 
_chem_comp_bond.pdbx_ordinal 
ALA N   CA   sing N N 1   
ALA N   H    sing N N 2   
ALA N   H2   sing N N 3   
ALA CA  C    sing N N 4   
ALA CA  CB   sing N N 5   
ALA CA  HA   sing N N 6   
ALA C   O    doub N N 7   
ALA C   OXT  sing N N 8   
ALA CB  HB1  sing N N 9   
ALA CB  HB2  sing N N 10  
ALA CB  HB3  sing N N 11  
ALA OXT HXT  sing N N 12  
ARG N   CA   sing N N 13  
ARG N   H    sing N N 14  
ARG N   H2   sing N N 15  
ARG CA  C    sing N N 16  
ARG CA  CB   sing N N 17  
ARG CA  HA   sing N N 18  
ARG C   O    doub N N 19  
ARG C   OXT  sing N N 20  
ARG CB  CG   sing N N 21  
ARG CB  HB2  sing N N 22  
ARG CB  HB3  sing N N 23  
ARG CG  CD   sing N N 24  
ARG CG  HG2  sing N N 25  
ARG CG  HG3  sing N N 26  
ARG CD  NE   sing N N 27  
ARG CD  HD2  sing N N 28  
ARG CD  HD3  sing N N 29  
ARG NE  CZ   sing N N 30  
ARG NE  HE   sing N N 31  
ARG CZ  NH1  sing N N 32  
ARG CZ  NH2  doub N N 33  
ARG NH1 HH11 sing N N 34  
ARG NH1 HH12 sing N N 35  
ARG NH2 HH21 sing N N 36  
ARG NH2 HH22 sing N N 37  
ARG OXT HXT  sing N N 38  
ASN N   CA   sing N N 39  
ASN N   H    sing N N 40  
ASN N   H2   sing N N 41  
ASN CA  C    sing N N 42  
ASN CA  CB   sing N N 43  
ASN CA  HA   sing N N 44  
ASN C   O    doub N N 45  
ASN C   OXT  sing N N 46  
ASN CB  CG   sing N N 47  
ASN CB  HB2  sing N N 48  
ASN CB  HB3  sing N N 49  
ASN CG  OD1  doub N N 50  
ASN CG  ND2  sing N N 51  
ASN ND2 HD21 sing N N 52  
ASN ND2 HD22 sing N N 53  
ASN OXT HXT  sing N N 54  
ASP N   CA   sing N N 55  
ASP N   H    sing N N 56  
ASP N   H2   sing N N 57  
ASP CA  C    sing N N 58  
ASP CA  CB   sing N N 59  
ASP CA  HA   sing N N 60  
ASP C   O    doub N N 61  
ASP C   OXT  sing N N 62  
ASP CB  CG   sing N N 63  
ASP CB  HB2  sing N N 64  
ASP CB  HB3  sing N N 65  
ASP CG  OD1  doub N N 66  
ASP CG  OD2  sing N N 67  
ASP OD2 HD2  sing N N 68  
ASP OXT HXT  sing N N 69  
GLN N   CA   sing N N 70  
GLN N   H    sing N N 71  
GLN N   H2   sing N N 72  
GLN CA  C    sing N N 73  
GLN CA  CB   sing N N 74  
GLN CA  HA   sing N N 75  
GLN C   O    doub N N 76  
GLN C   OXT  sing N N 77  
GLN CB  CG   sing N N 78  
GLN CB  HB2  sing N N 79  
GLN CB  HB3  sing N N 80  
GLN CG  CD   sing N N 81  
GLN CG  HG2  sing N N 82  
GLN CG  HG3  sing N N 83  
GLN CD  OE1  doub N N 84  
GLN CD  NE2  sing N N 85  
GLN NE2 HE21 sing N N 86  
GLN NE2 HE22 sing N N 87  
GLN OXT HXT  sing N N 88  
GLU N   CA   sing N N 89  
GLU N   H    sing N N 90  
GLU N   H2   sing N N 91  
GLU CA  C    sing N N 92  
GLU CA  CB   sing N N 93  
GLU CA  HA   sing N N 94  
GLU C   O    doub N N 95  
GLU C   OXT  sing N N 96  
GLU CB  CG   sing N N 97  
GLU CB  HB2  sing N N 98  
GLU CB  HB3  sing N N 99  
GLU CG  CD   sing N N 100 
GLU CG  HG2  sing N N 101 
GLU CG  HG3  sing N N 102 
GLU CD  OE1  doub N N 103 
GLU CD  OE2  sing N N 104 
GLU OE2 HE2  sing N N 105 
GLU OXT HXT  sing N N 106 
GLY N   CA   sing N N 107 
GLY N   H    sing N N 108 
GLY N   H2   sing N N 109 
GLY CA  C    sing N N 110 
GLY CA  HA2  sing N N 111 
GLY CA  HA3  sing N N 112 
GLY C   O    doub N N 113 
GLY C   OXT  sing N N 114 
GLY OXT HXT  sing N N 115 
HIS N   CA   sing N N 116 
HIS N   H    sing N N 117 
HIS N   H2   sing N N 118 
HIS CA  C    sing N N 119 
HIS CA  CB   sing N N 120 
HIS CA  HA   sing N N 121 
HIS C   O    doub N N 122 
HIS C   OXT  sing N N 123 
HIS CB  CG   sing N N 124 
HIS CB  HB2  sing N N 125 
HIS CB  HB3  sing N N 126 
HIS CG  ND1  sing Y N 127 
HIS CG  CD2  doub Y N 128 
HIS ND1 CE1  doub Y N 129 
HIS ND1 HD1  sing N N 130 
HIS CD2 NE2  sing Y N 131 
HIS CD2 HD2  sing N N 132 
HIS CE1 NE2  sing Y N 133 
HIS CE1 HE1  sing N N 134 
HIS NE2 HE2  sing N N 135 
HIS OXT HXT  sing N N 136 
HOH O   H1   sing N N 137 
HOH O   H2   sing N N 138 
ILE N   CA   sing N N 139 
ILE N   H    sing N N 140 
ILE N   H2   sing N N 141 
ILE CA  C    sing N N 142 
ILE CA  CB   sing N N 143 
ILE CA  HA   sing N N 144 
ILE C   O    doub N N 145 
ILE C   OXT  sing N N 146 
ILE CB  CG1  sing N N 147 
ILE CB  CG2  sing N N 148 
ILE CB  HB   sing N N 149 
ILE CG1 CD1  sing N N 150 
ILE CG1 HG12 sing N N 151 
ILE CG1 HG13 sing N N 152 
ILE CG2 HG21 sing N N 153 
ILE CG2 HG22 sing N N 154 
ILE CG2 HG23 sing N N 155 
ILE CD1 HD11 sing N N 156 
ILE CD1 HD12 sing N N 157 
ILE CD1 HD13 sing N N 158 
ILE OXT HXT  sing N N 159 
LEU N   CA   sing N N 160 
LEU N   H    sing N N 161 
LEU N   H2   sing N N 162 
LEU CA  C    sing N N 163 
LEU CA  CB   sing N N 164 
LEU CA  HA   sing N N 165 
LEU C   O    doub N N 166 
LEU C   OXT  sing N N 167 
LEU CB  CG   sing N N 168 
LEU CB  HB2  sing N N 169 
LEU CB  HB3  sing N N 170 
LEU CG  CD1  sing N N 171 
LEU CG  CD2  sing N N 172 
LEU CG  HG   sing N N 173 
LEU CD1 HD11 sing N N 174 
LEU CD1 HD12 sing N N 175 
LEU CD1 HD13 sing N N 176 
LEU CD2 HD21 sing N N 177 
LEU CD2 HD22 sing N N 178 
LEU CD2 HD23 sing N N 179 
LEU OXT HXT  sing N N 180 
LYS N   CA   sing N N 181 
LYS N   H    sing N N 182 
LYS N   H2   sing N N 183 
LYS CA  C    sing N N 184 
LYS CA  CB   sing N N 185 
LYS CA  HA   sing N N 186 
LYS C   O    doub N N 187 
LYS C   OXT  sing N N 188 
LYS CB  CG   sing N N 189 
LYS CB  HB2  sing N N 190 
LYS CB  HB3  sing N N 191 
LYS CG  CD   sing N N 192 
LYS CG  HG2  sing N N 193 
LYS CG  HG3  sing N N 194 
LYS CD  CE   sing N N 195 
LYS CD  HD2  sing N N 196 
LYS CD  HD3  sing N N 197 
LYS CE  NZ   sing N N 198 
LYS CE  HE2  sing N N 199 
LYS CE  HE3  sing N N 200 
LYS NZ  HZ1  sing N N 201 
LYS NZ  HZ2  sing N N 202 
LYS NZ  HZ3  sing N N 203 
LYS OXT HXT  sing N N 204 
MSE N   CA   sing N N 205 
MSE N   H    sing N N 206 
MSE N   H2   sing N N 207 
MSE CA  C    sing N N 208 
MSE CA  CB   sing N N 209 
MSE CA  HA   sing N N 210 
MSE C   O    doub N N 211 
MSE C   OXT  sing N N 212 
MSE OXT HXT  sing N N 213 
MSE CB  CG   sing N N 214 
MSE CB  HB2  sing N N 215 
MSE CB  HB3  sing N N 216 
MSE CG  SE   sing N N 217 
MSE CG  HG2  sing N N 218 
MSE CG  HG3  sing N N 219 
MSE SE  CE   sing N N 220 
MSE CE  HE1  sing N N 221 
MSE CE  HE2  sing N N 222 
MSE CE  HE3  sing N N 223 
PHE N   CA   sing N N 224 
PHE N   H    sing N N 225 
PHE N   H2   sing N N 226 
PHE CA  C    sing N N 227 
PHE CA  CB   sing N N 228 
PHE CA  HA   sing N N 229 
PHE C   O    doub N N 230 
PHE C   OXT  sing N N 231 
PHE CB  CG   sing N N 232 
PHE CB  HB2  sing N N 233 
PHE CB  HB3  sing N N 234 
PHE CG  CD1  doub Y N 235 
PHE CG  CD2  sing Y N 236 
PHE CD1 CE1  sing Y N 237 
PHE CD1 HD1  sing N N 238 
PHE CD2 CE2  doub Y N 239 
PHE CD2 HD2  sing N N 240 
PHE CE1 CZ   doub Y N 241 
PHE CE1 HE1  sing N N 242 
PHE CE2 CZ   sing Y N 243 
PHE CE2 HE2  sing N N 244 
PHE CZ  HZ   sing N N 245 
PHE OXT HXT  sing N N 246 
PRO N   CA   sing N N 247 
PRO N   CD   sing N N 248 
PRO N   H    sing N N 249 
PRO CA  C    sing N N 250 
PRO CA  CB   sing N N 251 
PRO CA  HA   sing N N 252 
PRO C   O    doub N N 253 
PRO C   OXT  sing N N 254 
PRO CB  CG   sing N N 255 
PRO CB  HB2  sing N N 256 
PRO CB  HB3  sing N N 257 
PRO CG  CD   sing N N 258 
PRO CG  HG2  sing N N 259 
PRO CG  HG3  sing N N 260 
PRO CD  HD2  sing N N 261 
PRO CD  HD3  sing N N 262 
PRO OXT HXT  sing N N 263 
SER N   CA   sing N N 264 
SER N   H    sing N N 265 
SER N   H2   sing N N 266 
SER CA  C    sing N N 267 
SER CA  CB   sing N N 268 
SER CA  HA   sing N N 269 
SER C   O    doub N N 270 
SER C   OXT  sing N N 271 
SER CB  OG   sing N N 272 
SER CB  HB2  sing N N 273 
SER CB  HB3  sing N N 274 
SER OG  HG   sing N N 275 
SER OXT HXT  sing N N 276 
THR N   CA   sing N N 277 
THR N   H    sing N N 278 
THR N   H2   sing N N 279 
THR CA  C    sing N N 280 
THR CA  CB   sing N N 281 
THR CA  HA   sing N N 282 
THR C   O    doub N N 283 
THR C   OXT  sing N N 284 
THR CB  OG1  sing N N 285 
THR CB  CG2  sing N N 286 
THR CB  HB   sing N N 287 
THR OG1 HG1  sing N N 288 
THR CG2 HG21 sing N N 289 
THR CG2 HG22 sing N N 290 
THR CG2 HG23 sing N N 291 
THR OXT HXT  sing N N 292 
TRP N   CA   sing N N 293 
TRP N   H    sing N N 294 
TRP N   H2   sing N N 295 
TRP CA  C    sing N N 296 
TRP CA  CB   sing N N 297 
TRP CA  HA   sing N N 298 
TRP C   O    doub N N 299 
TRP C   OXT  sing N N 300 
TRP CB  CG   sing N N 301 
TRP CB  HB2  sing N N 302 
TRP CB  HB3  sing N N 303 
TRP CG  CD1  doub Y N 304 
TRP CG  CD2  sing Y N 305 
TRP CD1 NE1  sing Y N 306 
TRP CD1 HD1  sing N N 307 
TRP CD2 CE2  doub Y N 308 
TRP CD2 CE3  sing Y N 309 
TRP NE1 CE2  sing Y N 310 
TRP NE1 HE1  sing N N 311 
TRP CE2 CZ2  sing Y N 312 
TRP CE3 CZ3  doub Y N 313 
TRP CE3 HE3  sing N N 314 
TRP CZ2 CH2  doub Y N 315 
TRP CZ2 HZ2  sing N N 316 
TRP CZ3 CH2  sing Y N 317 
TRP CZ3 HZ3  sing N N 318 
TRP CH2 HH2  sing N N 319 
TRP OXT HXT  sing N N 320 
TYR N   CA   sing N N 321 
TYR N   H    sing N N 322 
TYR N   H2   sing N N 323 
TYR CA  C    sing N N 324 
TYR CA  CB   sing N N 325 
TYR CA  HA   sing N N 326 
TYR C   O    doub N N 327 
TYR C   OXT  sing N N 328 
TYR CB  CG   sing N N 329 
TYR CB  HB2  sing N N 330 
TYR CB  HB3  sing N N 331 
TYR CG  CD1  doub Y N 332 
TYR CG  CD2  sing Y N 333 
TYR CD1 CE1  sing Y N 334 
TYR CD1 HD1  sing N N 335 
TYR CD2 CE2  doub Y N 336 
TYR CD2 HD2  sing N N 337 
TYR CE1 CZ   doub Y N 338 
TYR CE1 HE1  sing N N 339 
TYR CE2 CZ   sing Y N 340 
TYR CE2 HE2  sing N N 341 
TYR CZ  OH   sing N N 342 
TYR OH  HH   sing N N 343 
TYR OXT HXT  sing N N 344 
VAL N   CA   sing N N 345 
VAL N   H    sing N N 346 
VAL N   H2   sing N N 347 
VAL CA  C    sing N N 348 
VAL CA  CB   sing N N 349 
VAL CA  HA   sing N N 350 
VAL C   O    doub N N 351 
VAL C   OXT  sing N N 352 
VAL CB  CG1  sing N N 353 
VAL CB  CG2  sing N N 354 
VAL CB  HB   sing N N 355 
VAL CG1 HG11 sing N N 356 
VAL CG1 HG12 sing N N 357 
VAL CG1 HG13 sing N N 358 
VAL CG2 HG21 sing N N 359 
VAL CG2 HG22 sing N N 360 
VAL CG2 HG23 sing N N 361 
VAL OXT HXT  sing N N 362 
# 
_atom_sites.entry_id                    2Z44 
_atom_sites.fract_transf_matrix[1][1]   0.01079261 
_atom_sites.fract_transf_matrix[1][2]   0.00755025 
_atom_sites.fract_transf_matrix[1][3]   0.01564494 
_atom_sites.fract_transf_matrix[2][1]   -0.00615618 
_atom_sites.fract_transf_matrix[2][2]   0.01711162 
_atom_sites.fract_transf_matrix[2][3]   0.00935614 
_atom_sites.fract_transf_matrix[3][1]   -0.00638856 
_atom_sites.fract_transf_matrix[3][2]   -0.00639572 
_atom_sites.fract_transf_matrix[3][3]   0.00749370 
_atom_sites.fract_transf_vector[1]      1.073130 
_atom_sites.fract_transf_vector[2]      0.426862 
_atom_sites.fract_transf_vector[3]      0.013028 
# 
loop_
_atom_type.symbol 
C  
N  
O  
SE 
# 
loop_
_atom_site.group_PDB 
_atom_site.id 
_atom_site.type_symbol 
_atom_site.label_atom_id 
_atom_site.label_alt_id 
_atom_site.label_comp_id 
_atom_site.label_asym_id 
_atom_site.label_entity_id 
_atom_site.label_seq_id 
_atom_site.pdbx_PDB_ins_code 
_atom_site.Cartn_x 
_atom_site.Cartn_y 
_atom_site.Cartn_z 
_atom_site.occupancy 
_atom_site.B_iso_or_equiv 
_atom_site.pdbx_formal_charge 
_atom_site.auth_seq_id 
_atom_site.auth_comp_id 
_atom_site.auth_asym_id 
_atom_site.auth_atom_id 
_atom_site.pdbx_PDB_model_num 
ATOM   1   N  N   . GLU A 1 2   ? -10.199 19.708  -10.968 1.00 87.77 ? 2   GLU A N   1 
ATOM   2   C  CA  . GLU A 1 2   ? -8.920  19.133  -10.438 1.00 87.76 ? 2   GLU A CA  1 
ATOM   3   C  C   . GLU A 1 2   ? -8.961  17.608  -10.312 1.00 87.22 ? 2   GLU A C   1 
ATOM   4   O  O   . GLU A 1 2   ? -8.169  17.043  -9.561  1.00 87.20 ? 2   GLU A O   1 
ATOM   5   C  CB  . GLU A 1 2   ? -8.576  19.739  -9.062  1.00 87.87 ? 2   GLU A CB  1 
ATOM   6   C  CG  . GLU A 1 2   ? -7.612  20.930  -9.097  1.00 88.88 ? 2   GLU A CG  1 
ATOM   7   C  CD  . GLU A 1 2   ? -6.996  21.259  -7.716  1.00 89.18 ? 2   GLU A CD  1 
ATOM   8   O  OE1 . GLU A 1 2   ? -6.817  22.474  -7.423  1.00 90.43 ? 2   GLU A OE1 1 
ATOM   9   O  OE2 . GLU A 1 2   ? -6.690  20.310  -6.938  1.00 89.95 ? 2   GLU A OE2 1 
ATOM   10  N  N   . PHE A 1 3   ? -9.861  16.947  -11.045 1.00 86.57 ? 3   PHE A N   1 
ATOM   11  C  CA  . PHE A 1 3   ? -9.929  15.472  -11.040 1.00 86.36 ? 3   PHE A CA  1 
ATOM   12  C  C   . PHE A 1 3   ? -8.742  14.833  -11.759 1.00 84.86 ? 3   PHE A C   1 
ATOM   13  O  O   . PHE A 1 3   ? -8.625  13.603  -11.798 1.00 85.29 ? 3   PHE A O   1 
ATOM   14  C  CB  . PHE A 1 3   ? -11.230 14.958  -11.678 1.00 86.88 ? 3   PHE A CB  1 
ATOM   15  C  CG  . PHE A 1 3   ? -12.458 15.122  -10.809 1.00 87.95 ? 3   PHE A CG  1 
ATOM   16  C  CD1 . PHE A 1 3   ? -12.447 15.926  -9.652  1.00 88.98 ? 3   PHE A CD1 1 
ATOM   17  C  CD2 . PHE A 1 3   ? -13.650 14.505  -11.178 1.00 88.29 ? 3   PHE A CD2 1 
ATOM   18  C  CE1 . PHE A 1 3   ? -13.599 16.083  -8.866  1.00 88.54 ? 3   PHE A CE1 1 
ATOM   19  C  CE2 . PHE A 1 3   ? -14.804 14.657  -10.406 1.00 88.43 ? 3   PHE A CE2 1 
ATOM   20  C  CZ  . PHE A 1 3   ? -14.779 15.453  -9.241  1.00 88.53 ? 3   PHE A CZ  1 
ATOM   21  N  N   . LYS A 1 4   ? -7.880  15.652  -12.349 1.00 82.78 ? 4   LYS A N   1 
ATOM   22  C  CA  . LYS A 1 4   ? -6.669  15.143  -12.947 1.00 80.81 ? 4   LYS A CA  1 
ATOM   23  C  C   . LYS A 1 4   ? -5.584  15.195  -11.882 1.00 79.69 ? 4   LYS A C   1 
ATOM   24  O  O   . LYS A 1 4   ? -5.008  14.160  -11.564 1.00 79.76 ? 4   LYS A O   1 
ATOM   25  C  CB  . LYS A 1 4   ? -6.303  15.939  -14.197 1.00 81.14 ? 4   LYS A CB  1 
ATOM   26  C  CG  . LYS A 1 4   ? -5.802  15.076  -15.358 1.00 82.53 ? 4   LYS A CG  1 
ATOM   27  C  CD  . LYS A 1 4   ? -6.905  14.228  -16.034 1.00 84.11 ? 4   LYS A CD  1 
ATOM   28  C  CE  . LYS A 1 4   ? -6.934  12.742  -15.545 1.00 85.33 ? 4   LYS A CE  1 
ATOM   29  N  NZ  . LYS A 1 4   ? -5.680  11.970  -15.866 1.00 85.26 ? 4   LYS A NZ  1 
ATOM   30  N  N   . LYS A 1 5   ? -5.341  16.375  -11.304 1.00 77.91 ? 5   LYS A N   1 
ATOM   31  C  CA  . LYS A 1 5   ? -4.393  16.532  -10.171 1.00 77.17 ? 5   LYS A CA  1 
ATOM   32  C  C   . LYS A 1 5   ? -4.643  15.518  -9.038  1.00 76.30 ? 5   LYS A C   1 
ATOM   33  O  O   . LYS A 1 5   ? -3.710  15.097  -8.359  1.00 76.00 ? 5   LYS A O   1 
ATOM   34  C  CB  . LYS A 1 5   ? -4.470  17.947  -9.591  1.00 77.05 ? 5   LYS A CB  1 
ATOM   35  C  CG  . LYS A 1 5   ? -3.438  18.301  -8.501  1.00 77.23 ? 5   LYS A CG  1 
ATOM   36  C  CD  . LYS A 1 5   ? -3.914  19.516  -7.668  1.00 76.85 ? 5   LYS A CD  1 
ATOM   37  C  CE  . LYS A 1 5   ? -2.779  20.356  -7.061  1.00 77.17 ? 5   LYS A CE  1 
ATOM   38  N  NZ  . LYS A 1 5   ? -2.099  19.705  -5.899  1.00 77.10 ? 5   LYS A NZ  1 
ATOM   39  N  N   . VAL A 1 6   ? -5.903  15.136  -8.846  1.00 75.24 ? 6   VAL A N   1 
ATOM   40  C  CA  . VAL A 1 6   ? -6.296  14.261  -7.760  1.00 74.32 ? 6   VAL A CA  1 
ATOM   41  C  C   . VAL A 1 6   ? -6.188  12.807  -8.174  1.00 73.12 ? 6   VAL A C   1 
ATOM   42  O  O   . VAL A 1 6   ? -5.771  11.969  -7.375  1.00 73.17 ? 6   VAL A O   1 
ATOM   43  C  CB  . VAL A 1 6   ? -7.711  14.601  -7.255  1.00 73.93 ? 6   VAL A CB  1 
ATOM   44  C  CG1 . VAL A 1 6   ? -8.492  13.345  -6.908  1.00 73.63 ? 6   VAL A CG1 1 
ATOM   45  C  CG2 . VAL A 1 6   ? -7.613  15.551  -6.069  1.00 73.35 ? 6   VAL A CG2 1 
ATOM   46  N  N   . ALA A 1 7   ? -6.548  12.493  -9.411  1.00 71.67 ? 7   ALA A N   1 
ATOM   47  C  CA  . ALA A 1 7   ? -6.351  11.135  -9.906  1.00 70.69 ? 7   ALA A CA  1 
ATOM   48  C  C   . ALA A 1 7   ? -4.859  10.779  -9.912  1.00 70.28 ? 7   ALA A C   1 
ATOM   49  O  O   . ALA A 1 7   ? -4.467  9.672   -9.541  1.00 70.12 ? 7   ALA A O   1 
ATOM   50  C  CB  . ALA A 1 7   ? -6.939  10.972  -11.297 1.00 70.54 ? 7   ALA A CB  1 
ATOM   51  N  N   . LYS A 1 8   ? -4.030  11.725  -10.343 1.00 69.69 ? 8   LYS A N   1 
ATOM   52  C  CA  . LYS A 1 8   ? -2.607  11.474  -10.478 1.00 69.43 ? 8   LYS A CA  1 
ATOM   53  C  C   . LYS A 1 8   ? -2.059  11.233  -9.091  1.00 67.68 ? 8   LYS A C   1 
ATOM   54  O  O   . LYS A 1 8   ? -1.451  10.202  -8.858  1.00 67.98 ? 8   LYS A O   1 
ATOM   55  C  CB  . LYS A 1 8   ? -1.873  12.621  -11.219 1.00 69.50 ? 8   LYS A CB  1 
ATOM   56  C  CG  . LYS A 1 8   ? -1.768  12.438  -12.789 1.00 71.25 ? 8   LYS A CG  1 
ATOM   57  C  CD  . LYS A 1 8   ? -2.161  13.710  -13.638 1.00 71.18 ? 8   LYS A CD  1 
ATOM   58  C  CE  . LYS A 1 8   ? -1.199  14.911  -13.437 1.00 72.78 ? 8   LYS A CE  1 
ATOM   59  N  NZ  . LYS A 1 8   ? -1.720  16.219  -13.988 1.00 72.94 ? 8   LYS A NZ  1 
ATOM   60  N  N   . GLU A 1 9   ? -2.330  12.143  -8.162  1.00 65.72 ? 9   GLU A N   1 
ATOM   61  C  CA  . GLU A 1 9   ? -1.825  12.015  -6.800  1.00 64.43 ? 9   GLU A CA  1 
ATOM   62  C  C   . GLU A 1 9   ? -2.284  10.758  -6.064  1.00 63.23 ? 9   GLU A C   1 
ATOM   63  O  O   . GLU A 1 9   ? -1.597  10.291  -5.161  1.00 63.29 ? 9   GLU A O   1 
ATOM   64  C  CB  . GLU A 1 9   ? -2.256  13.213  -5.970  1.00 64.91 ? 9   GLU A CB  1 
ATOM   65  C  CG  . GLU A 1 9   ? -1.505  14.491  -6.268  1.00 65.74 ? 9   GLU A CG  1 
ATOM   66  C  CD  . GLU A 1 9   ? -2.099  15.707  -5.557  1.00 66.36 ? 9   GLU A CD  1 
ATOM   67  O  OE1 . GLU A 1 9   ? -2.893  15.517  -4.605  1.00 67.90 ? 9   GLU A OE1 1 
ATOM   68  O  OE2 . GLU A 1 9   ? -1.756  16.855  -5.950  1.00 70.87 ? 9   GLU A OE2 1 
ATOM   69  N  N   . THR A 1 10  ? -3.455  10.247  -6.418  1.00 61.65 ? 10  THR A N   1 
ATOM   70  C  CA  . THR A 1 10  ? -4.026  9.075   -5.782  1.00 61.23 ? 10  THR A CA  1 
ATOM   71  C  C   . THR A 1 10  ? -3.316  7.842   -6.345  1.00 60.63 ? 10  THR A C   1 
ATOM   72  O  O   . THR A 1 10  ? -2.942  6.940   -5.605  1.00 60.58 ? 10  THR A O   1 
ATOM   73  C  CB  . THR A 1 10  ? -5.571  9.014   -6.009  1.00 61.14 ? 10  THR A CB  1 
ATOM   74  O  OG1 . THR A 1 10  ? -6.202  10.073  -5.275  1.00 60.87 ? 10  THR A OG1 1 
ATOM   75  C  CG2 . THR A 1 10  ? -6.170  7.662   -5.592  1.00 60.71 ? 10  THR A CG2 1 
ATOM   76  N  N   . ALA A 1 11  ? -3.101  7.820   -7.651  1.00 59.85 ? 11  ALA A N   1 
ATOM   77  C  CA  . ALA A 1 11  ? -2.396  6.715   -8.291  1.00 59.43 ? 11  ALA A CA  1 
ATOM   78  C  C   . ALA A 1 11  ? -0.963  6.566   -7.747  1.00 58.22 ? 11  ALA A C   1 
ATOM   79  O  O   . ALA A 1 11  ? -0.522  5.469   -7.397  1.00 57.95 ? 11  ALA A O   1 
ATOM   80  C  CB  . ALA A 1 11  ? -2.398  6.902   -9.817  1.00 59.21 ? 11  ALA A CB  1 
ATOM   81  N  N   . ILE A 1 12  ? -0.250  7.674   -7.640  1.00 57.17 ? 12  ILE A N   1 
ATOM   82  C  CA  . ILE A 1 12  ? 1.053   7.653   -7.007  1.00 56.76 ? 12  ILE A CA  1 
ATOM   83  C  C   . ILE A 1 12  ? 0.967   7.099   -5.590  1.00 57.01 ? 12  ILE A C   1 
ATOM   84  O  O   . ILE A 1 12  ? 1.783   6.280   -5.194  1.00 57.34 ? 12  ILE A O   1 
ATOM   85  C  CB  . ILE A 1 12  ? 1.706   9.036   -6.942  1.00 56.27 ? 12  ILE A CB  1 
ATOM   86  C  CG1 . ILE A 1 12  ? 2.067   9.529   -8.354  1.00 56.47 ? 12  ILE A CG1 1 
ATOM   87  C  CG2 . ILE A 1 12  ? 2.934   8.969   -6.068  1.00 55.59 ? 12  ILE A CG2 1 
ATOM   88  C  CD1 . ILE A 1 12  ? 2.709   10.903  -8.389  1.00 56.28 ? 12  ILE A CD1 1 
ATOM   89  N  N   . THR A 1 13  ? -0.018  7.555   -4.825  1.00 57.17 ? 13  THR A N   1 
ATOM   90  C  CA  . THR A 1 13  ? -0.235  7.050   -3.457  1.00 56.98 ? 13  THR A CA  1 
ATOM   91  C  C   . THR A 1 13  ? -0.585  5.554   -3.439  1.00 56.62 ? 13  THR A C   1 
ATOM   92  O  O   . THR A 1 13  ? -0.150  4.835   -2.561  1.00 56.28 ? 13  THR A O   1 
ATOM   93  C  CB  . THR A 1 13  ? -1.326  7.883   -2.724  1.00 57.09 ? 13  THR A CB  1 
ATOM   94  O  OG1 . THR A 1 13  ? -0.853  9.228   -2.569  1.00 55.77 ? 13  THR A OG1 1 
ATOM   95  C  CG2 . THR A 1 13  ? -1.674  7.288   -1.343  1.00 56.65 ? 13  THR A CG2 1 
ATOM   96  N  N   . LEU A 1 14  ? -1.339  5.091   -4.420  1.00 56.87 ? 14  LEU A N   1 
ATOM   97  C  CA  . LEU A 1 14  ? -1.753  3.689   -4.463  1.00 57.29 ? 14  LEU A CA  1 
ATOM   98  C  C   . LEU A 1 14  ? -0.561  2.838   -4.811  1.00 57.69 ? 14  LEU A C   1 
ATOM   99  O  O   . LEU A 1 14  ? -0.328  1.805   -4.191  1.00 58.57 ? 14  LEU A O   1 
ATOM   100 C  CB  . LEU A 1 14  ? -2.850  3.478   -5.506  1.00 57.39 ? 14  LEU A CB  1 
ATOM   101 C  CG  . LEU A 1 14  ? -3.953  2.428   -5.316  1.00 58.07 ? 14  LEU A CG  1 
ATOM   102 C  CD1 . LEU A 1 14  ? -4.231  2.058   -3.828  1.00 56.45 ? 14  LEU A CD1 1 
ATOM   103 C  CD2 . LEU A 1 14  ? -5.223  2.949   -6.033  1.00 57.91 ? 14  LEU A CD2 1 
ATOM   104 N  N   . GLN A 1 15  ? 0.195   3.290   -5.811  1.00 57.77 ? 15  GLN A N   1 
ATOM   105 C  CA  . GLN A 1 15  ? 1.435   2.647   -6.204  1.00 57.52 ? 15  GLN A CA  1 
ATOM   106 C  C   . GLN A 1 15  ? 2.389   2.440   -5.037  1.00 56.77 ? 15  GLN A C   1 
ATOM   107 O  O   . GLN A 1 15  ? 2.931   1.360   -4.850  1.00 57.40 ? 15  GLN A O   1 
ATOM   108 C  CB  . GLN A 1 15  ? 2.151   3.474   -7.269  1.00 57.50 ? 15  GLN A CB  1 
ATOM   109 C  CG  . GLN A 1 15  ? 3.633   3.118   -7.423  1.00 57.76 ? 15  GLN A CG  1 
ATOM   110 C  CD  . GLN A 1 15  ? 4.273   3.759   -8.635  1.00 58.64 ? 15  GLN A CD  1 
ATOM   111 O  OE1 . GLN A 1 15  ? 3.591   4.405   -9.451  1.00 60.64 ? 15  GLN A OE1 1 
ATOM   112 N  NE2 . GLN A 1 15  ? 5.591   3.575   -8.772  1.00 58.17 ? 15  GLN A NE2 1 
ATOM   113 N  N   . SER A 1 16  ? 2.637   3.498   -4.293  1.00 55.89 ? 16  SER A N   1 
ATOM   114 C  CA  . SER A 1 16  ? 3.498   3.425   -3.131  1.00 55.43 ? 16  SER A CA  1 
ATOM   115 C  C   . SER A 1 16  ? 2.889   2.527   -2.027  1.00 55.22 ? 16  SER A C   1 
ATOM   116 O  O   . SER A 1 16  ? 3.578   1.775   -1.382  1.00 55.33 ? 16  SER A O   1 
ATOM   117 C  CB  . SER A 1 16  ? 3.720   4.833   -2.621  1.00 55.41 ? 16  SER A CB  1 
ATOM   118 O  OG  . SER A 1 16  ? 4.540   4.836   -1.487  1.00 56.85 ? 16  SER A OG  1 
ATOM   119 N  N   . TYR A 1 17  ? 1.584   2.581   -1.844  1.00 54.95 ? 17  TYR A N   1 
ATOM   120 C  CA  . TYR A 1 17  ? 0.943   1.788   -0.816  1.00 54.56 ? 17  TYR A CA  1 
ATOM   121 C  C   . TYR A 1 17  ? 0.971   0.324   -1.151  1.00 54.16 ? 17  TYR A C   1 
ATOM   122 O  O   . TYR A 1 17  ? 1.165   -0.500  -0.268  1.00 53.93 ? 17  TYR A O   1 
ATOM   123 C  CB  . TYR A 1 17  ? -0.509  2.202   -0.635  1.00 54.31 ? 17  TYR A CB  1 
ATOM   124 C  CG  . TYR A 1 17  ? -1.161  1.485   0.501   1.00 54.02 ? 17  TYR A CG  1 
ATOM   125 C  CD1 . TYR A 1 17  ? -0.956  1.909   1.808   1.00 53.44 ? 17  TYR A CD1 1 
ATOM   126 C  CD2 . TYR A 1 17  ? -1.960  0.358   0.277   1.00 54.57 ? 17  TYR A CD2 1 
ATOM   127 C  CE1 . TYR A 1 17  ? -1.548  1.262   2.870   1.00 54.23 ? 17  TYR A CE1 1 
ATOM   128 C  CE2 . TYR A 1 17  ? -2.572  -0.304  1.346   1.00 54.69 ? 17  TYR A CE2 1 
ATOM   129 C  CZ  . TYR A 1 17  ? -2.359  0.158   2.640   1.00 53.86 ? 17  TYR A CZ  1 
ATOM   130 O  OH  . TYR A 1 17  ? -2.936  -0.485  3.718   1.00 53.45 ? 17  TYR A OH  1 
ATOM   131 N  N   . LEU A 1 18  ? 0.728   -0.003  -2.416  1.00 53.71 ? 18  LEU A N   1 
ATOM   132 C  CA  . LEU A 1 18  ? 0.782   -1.395  -2.841  1.00 53.53 ? 18  LEU A CA  1 
ATOM   133 C  C   . LEU A 1 18  ? 2.203   -1.950  -2.648  1.00 53.24 ? 18  LEU A C   1 
ATOM   134 O  O   . LEU A 1 18  ? 2.373   -3.120  -2.342  1.00 52.31 ? 18  LEU A O   1 
ATOM   135 C  CB  . LEU A 1 18  ? 0.345   -1.537  -4.300  1.00 53.23 ? 18  LEU A CB  1 
ATOM   136 C  CG  . LEU A 1 18  ? -1.148  -1.501  -4.615  1.00 53.05 ? 18  LEU A CG  1 
ATOM   137 C  CD1 . LEU A 1 18  ? -1.404  -1.810  -6.087  1.00 52.48 ? 18  LEU A CD1 1 
ATOM   138 C  CD2 . LEU A 1 18  ? -1.911  -2.488  -3.761  1.00 53.07 ? 18  LEU A CD2 1 
ATOM   139 N  N   . THR A 1 19  ? 3.201   -1.085  -2.822  1.00 53.68 ? 19  THR A N   1 
ATOM   140 C  CA  . THR A 1 19  ? 4.610   -1.420  -2.589  1.00 54.56 ? 19  THR A CA  1 
ATOM   141 C  C   . THR A 1 19  ? 4.903   -1.735  -1.120  1.00 55.47 ? 19  THR A C   1 
ATOM   142 O  O   . THR A 1 19  ? 5.605   -2.679  -0.807  1.00 55.94 ? 19  THR A O   1 
ATOM   143 C  CB  . THR A 1 19  ? 5.548   -0.259  -3.020  1.00 54.32 ? 19  THR A CB  1 
ATOM   144 O  OG1 . THR A 1 19  ? 5.389   0.021   -4.424  1.00 51.70 ? 19  THR A OG1 1 
ATOM   145 C  CG2 . THR A 1 19  ? 7.014   -0.587  -2.682  1.00 53.53 ? 19  THR A CG2 1 
ATOM   146 N  N   . TYR A 1 20  ? 4.382   -0.915  -0.222  1.00 57.01 ? 20  TYR A N   1 
ATOM   147 C  CA  . TYR A 1 20  ? 4.425   -1.194  1.212   1.00 56.96 ? 20  TYR A CA  1 
ATOM   148 C  C   . TYR A 1 20  ? 3.760   -2.529  1.555   1.00 56.63 ? 20  TYR A C   1 
ATOM   149 O  O   . TYR A 1 20  ? 4.295   -3.257  2.376   1.00 56.31 ? 20  TYR A O   1 
ATOM   150 C  CB  . TYR A 1 20  ? 3.770   -0.025  1.999   1.00 59.28 ? 20  TYR A CB  1 
ATOM   151 C  CG  . TYR A 1 20  ? 3.423   -0.305  3.458   1.00 59.41 ? 20  TYR A CG  1 
ATOM   152 C  CD1 . TYR A 1 20  ? 4.394   -0.201  4.460   1.00 61.47 ? 20  TYR A CD1 1 
ATOM   153 C  CD2 . TYR A 1 20  ? 2.113   -0.648  3.835   1.00 62.32 ? 20  TYR A CD2 1 
ATOM   154 C  CE1 . TYR A 1 20  ? 4.092   -0.442  5.803   1.00 61.39 ? 20  TYR A CE1 1 
ATOM   155 C  CE2 . TYR A 1 20  ? 1.788   -0.890  5.194   1.00 62.95 ? 20  TYR A CE2 1 
ATOM   156 C  CZ  . TYR A 1 20  ? 2.790   -0.787  6.166   1.00 63.16 ? 20  TYR A CZ  1 
ATOM   157 O  OH  . TYR A 1 20  ? 2.499   -1.046  7.499   1.00 64.06 ? 20  TYR A OH  1 
ATOM   158 N  N   . GLN A 1 21  ? 2.605   -2.830  0.936   1.00 56.35 ? 21  GLN A N   1 
ATOM   159 C  CA  . GLN A 1 21  ? 1.901   -4.121  1.126   1.00 56.22 ? 21  GLN A CA  1 
ATOM   160 C  C   . GLN A 1 21  ? 2.739   -5.303  0.633   1.00 55.94 ? 21  GLN A C   1 
ATOM   161 O  O   . GLN A 1 21  ? 2.744   -6.353  1.276   1.00 55.60 ? 21  GLN A O   1 
ATOM   162 C  CB  . GLN A 1 21  ? 0.532   -4.150  0.432   1.00 56.32 ? 21  GLN A CB  1 
ATOM   163 C  CG  . GLN A 1 21  ? -0.551  -3.273  1.113   1.00 58.48 ? 21  GLN A CG  1 
ATOM   164 C  CD  . GLN A 1 21  ? -1.060  -3.825  2.460   1.00 60.66 ? 21  GLN A CD  1 
ATOM   165 O  OE1 . GLN A 1 21  ? -1.903  -3.207  3.113   1.00 60.56 ? 21  GLN A OE1 1 
ATOM   166 N  NE2 . GLN A 1 21  ? -0.557  -4.993  2.872   1.00 63.11 ? 21  GLN A NE2 1 
ATOM   167 N  N   . ALA A 1 22  ? 3.409   -5.122  -0.513  1.00 55.45 ? 22  ALA A N   1 
ATOM   168 C  CA  . ALA A 1 22  ? 4.398   -6.068  -1.014  1.00 55.14 ? 22  ALA A CA  1 
ATOM   169 C  C   . ALA A 1 22  ? 5.417   -6.346  0.074   1.00 54.88 ? 22  ALA A C   1 
ATOM   170 O  O   . ALA A 1 22  ? 5.628   -7.499  0.426   1.00 54.72 ? 22  ALA A O   1 
ATOM   171 C  CB  . ALA A 1 22  ? 5.106   -5.536  -2.277  1.00 54.87 ? 22  ALA A CB  1 
ATOM   172 N  N   . VAL A 1 23  ? 6.021   -5.295  0.627   1.00 54.78 ? 23  VAL A N   1 
ATOM   173 C  CA  . VAL A 1 23  ? 7.104   -5.461  1.592   1.00 54.96 ? 23  VAL A CA  1 
ATOM   174 C  C   . VAL A 1 23  ? 6.629   -6.021  2.931   1.00 55.25 ? 23  VAL A C   1 
ATOM   175 O  O   . VAL A 1 23  ? 7.376   -6.726  3.589   1.00 54.62 ? 23  VAL A O   1 
ATOM   176 C  CB  . VAL A 1 23  ? 7.861   -4.161  1.832   1.00 54.62 ? 23  VAL A CB  1 
ATOM   177 C  CG1 . VAL A 1 23  ? 8.882   -4.359  2.909   1.00 54.09 ? 23  VAL A CG1 1 
ATOM   178 C  CG2 . VAL A 1 23  ? 8.552   -3.717  0.559   1.00 54.46 ? 23  VAL A CG2 1 
ATOM   179 N  N   . ARG A 1 24  ? 5.399   -5.687  3.320   1.00 55.98 ? 24  ARG A N   1 
ATOM   180 C  CA  . ARG A 1 24  ? 4.709   -6.291  4.480   1.00 56.53 ? 24  ARG A CA  1 
ATOM   181 C  C   . ARG A 1 24  ? 4.514   -7.796  4.311   1.00 56.30 ? 24  ARG A C   1 
ATOM   182 O  O   . ARG A 1 24  ? 4.815   -8.567  5.229   1.00 56.95 ? 24  ARG A O   1 
ATOM   183 C  CB  . ARG A 1 24  ? 3.320   -5.665  4.658   1.00 57.86 ? 24  ARG A CB  1 
ATOM   184 C  CG  . ARG A 1 24  ? 3.214   -4.534  5.673   1.00 62.69 ? 24  ARG A CG  1 
ATOM   185 C  CD  . ARG A 1 24  ? 2.408   -4.970  6.924   1.00 70.15 ? 24  ARG A CD  1 
ATOM   186 N  NE  . ARG A 1 24  ? 0.950   -5.116  6.685   1.00 72.37 ? 24  ARG A NE  1 
ATOM   187 C  CZ  . ARG A 1 24  ? 0.287   -6.264  6.437   1.00 74.33 ? 24  ARG A CZ  1 
ATOM   188 N  NH1 . ARG A 1 24  ? 0.901   -7.451  6.350   1.00 74.66 ? 24  ARG A NH1 1 
ATOM   189 N  NH2 . ARG A 1 24  ? -1.035  -6.220  6.264   1.00 74.82 ? 24  ARG A NH2 1 
ATOM   190 N  N   . LEU A 1 25  ? 3.984   -8.206  3.155   1.00 55.40 ? 25  LEU A N   1 
ATOM   191 C  CA  . LEU A 1 25  ? 3.799   -9.625  2.850   1.00 54.91 ? 25  LEU A CA  1 
ATOM   192 C  C   . LEU A 1 25  ? 5.118   -10.387 2.799   1.00 54.40 ? 25  LEU A C   1 
ATOM   193 O  O   . LEU A 1 25  ? 5.288   -11.372 3.494   1.00 54.30 ? 25  LEU A O   1 
ATOM   194 C  CB  . LEU A 1 25  ? 3.090   -9.808  1.522   1.00 55.03 ? 25  LEU A CB  1 
ATOM   195 C  CG  . LEU A 1 25  ? 1.669   -9.255  1.419   1.00 56.40 ? 25  LEU A CG  1 
ATOM   196 C  CD1 . LEU A 1 25  ? 1.054   -9.683  0.076   1.00 55.61 ? 25  LEU A CD1 1 
ATOM   197 C  CD2 . LEU A 1 25  ? 0.789   -9.658  2.630   1.00 56.65 ? 25  LEU A CD2 1 
ATOM   198 N  N   . ILE A 1 26  ? 6.045   -9.929  1.970   1.00 53.68 ? 26  ILE A N   1 
ATOM   199 C  CA  . ILE A 1 26  ? 7.372   -10.522 1.903   1.00 53.67 ? 26  ILE A CA  1 
ATOM   200 C  C   . ILE A 1 26  ? 7.994   -10.649 3.294   1.00 53.56 ? 26  ILE A C   1 
ATOM   201 O  O   . ILE A 1 26  ? 8.524   -11.693 3.631   1.00 53.45 ? 26  ILE A O   1 
ATOM   202 C  CB  . ILE A 1 26  ? 8.335   -9.719  0.993   1.00 52.77 ? 26  ILE A CB  1 
ATOM   203 C  CG1 . ILE A 1 26  ? 7.878   -9.765  -0.445  1.00 52.37 ? 26  ILE A CG1 1 
ATOM   204 C  CG2 . ILE A 1 26  ? 9.742   -10.269 1.055   1.00 52.63 ? 26  ILE A CG2 1 
ATOM   205 C  CD1 . ILE A 1 26  ? 8.649   -8.825  -1.306  1.00 53.46 ? 26  ILE A CD1 1 
ATOM   206 N  N   . SER A 1 27  ? 7.934   -9.602  4.100   1.00 54.19 ? 27  SER A N   1 
ATOM   207 C  CA  . SER A 1 27  ? 8.528   -9.638  5.430   1.00 55.17 ? 27  SER A CA  1 
ATOM   208 C  C   . SER A 1 27  ? 7.875   -10.687 6.329   1.00 55.94 ? 27  SER A C   1 
ATOM   209 O  O   . SER A 1 27  ? 8.531   -11.243 7.203   1.00 54.83 ? 27  SER A O   1 
ATOM   210 C  CB  . SER A 1 27  ? 8.374   -8.291  6.082   1.00 54.83 ? 27  SER A CB  1 
ATOM   211 O  OG  . SER A 1 27  ? 9.072   -8.242  7.302   1.00 55.62 ? 27  SER A OG  1 
ATOM   212 N  N   . GLN A 1 28  ? 6.579   -10.936 6.108   1.00 57.41 ? 28  GLN A N   1 
ATOM   213 C  CA  . GLN A 1 28  ? 5.849   -11.968 6.846   1.00 59.05 ? 28  GLN A CA  1 
ATOM   214 C  C   . GLN A 1 28  ? 6.318   -13.379 6.515   1.00 59.66 ? 28  GLN A C   1 
ATOM   215 O  O   . GLN A 1 28  ? 6.470   -14.206 7.424   1.00 59.86 ? 28  GLN A O   1 
ATOM   216 C  CB  . GLN A 1 28  ? 4.328   -11.850 6.645   1.00 59.27 ? 28  GLN A CB  1 
ATOM   217 C  CG  . GLN A 1 28  ? 3.685   -10.772 7.557   1.00 61.78 ? 28  GLN A CG  1 
ATOM   218 C  CD  . GLN A 1 28  ? 2.153   -10.619 7.380   1.00 62.42 ? 28  GLN A CD  1 
ATOM   219 O  OE1 . GLN A 1 28  ? 1.494   -11.418 6.671   1.00 67.18 ? 28  GLN A OE1 1 
ATOM   220 N  NE2 . GLN A 1 28  ? 1.582   -9.590  8.038   1.00 63.69 ? 28  GLN A NE2 1 
ATOM   221 N  N   . GLN A 1 29  ? 6.526   -13.655 5.226   1.00 60.22 ? 29  GLN A N   1 
ATOM   222 C  CA  . GLN A 1 29  ? 7.122   -14.922 4.785   1.00 60.73 ? 29  GLN A CA  1 
ATOM   223 C  C   . GLN A 1 29  ? 8.518   -15.128 5.312   1.00 60.20 ? 29  GLN A C   1 
ATOM   224 O  O   . GLN A 1 29  ? 8.816   -16.195 5.836   1.00 60.43 ? 29  GLN A O   1 
ATOM   225 C  CB  . GLN A 1 29  ? 7.188   -15.024 3.261   1.00 61.70 ? 29  GLN A CB  1 
ATOM   226 C  CG  . GLN A 1 29  ? 5.877   -15.491 2.656   1.00 65.56 ? 29  GLN A CG  1 
ATOM   227 C  CD  . GLN A 1 29  ? 6.062   -16.396 1.459   1.00 71.68 ? 29  GLN A CD  1 
ATOM   228 O  OE1 . GLN A 1 29  ? 5.192   -17.257 1.185   1.00 75.94 ? 29  GLN A OE1 1 
ATOM   229 N  NE2 . GLN A 1 29  ? 7.168   -16.196 0.700   1.00 72.83 ? 29  GLN A NE2 1 
ATOM   230 N  N   . LEU A 1 30  ? 9.353   -14.105 5.163   1.00 59.52 ? 30  LEU A N   1 
ATOM   231 C  CA  . LEU A 1 30  ? 10.709  -14.118 5.663   1.00 59.76 ? 30  LEU A CA  1 
ATOM   232 C  C   . LEU A 1 30  ? 10.780  -14.301 7.186   1.00 60.27 ? 30  LEU A C   1 
ATOM   233 O  O   . LEU A 1 30  ? 11.808  -14.689 7.713   1.00 60.24 ? 30  LEU A O   1 
ATOM   234 C  CB  . LEU A 1 30  ? 11.433  -12.823 5.277   1.00 59.22 ? 30  LEU A CB  1 
ATOM   235 C  CG  . LEU A 1 30  ? 11.658  -12.472 3.796   1.00 57.93 ? 30  LEU A CG  1 
ATOM   236 C  CD1 . LEU A 1 30  ? 12.521  -11.216 3.701   1.00 54.37 ? 30  LEU A CD1 1 
ATOM   237 C  CD2 . LEU A 1 30  ? 12.287  -13.622 3.024   1.00 55.71 ? 30  LEU A CD2 1 
ATOM   238 N  N   . SER A 1 31  ? 9.705   -14.011 7.900   1.00 61.02 ? 31  SER A N   1 
ATOM   239 C  CA  . SER A 1 31  ? 9.694   -14.233 9.339   1.00 61.73 ? 31  SER A CA  1 
ATOM   240 C  C   . SER A 1 31  ? 9.904   -15.708 9.634   1.00 61.84 ? 31  SER A C   1 
ATOM   241 O  O   . SER A 1 31  ? 10.654  -16.043 10.538  1.00 62.09 ? 31  SER A O   1 
ATOM   242 C  CB  . SER A 1 31  ? 8.357   -13.785 9.955   1.00 62.22 ? 31  SER A CB  1 
ATOM   243 O  OG  . SER A 1 31  ? 8.114   -12.410 9.699   1.00 64.01 ? 31  SER A OG  1 
ATOM   244 N  N   . GLU A 1 32  ? 9.223   -16.567 8.871   1.00 62.19 ? 32  GLU A N   1 
ATOM   245 C  CA  . GLU A 1 32  ? 9.331   -18.030 8.997   1.00 62.81 ? 32  GLU A CA  1 
ATOM   246 C  C   . GLU A 1 32  ? 10.386  -18.633 8.078   1.00 62.26 ? 32  GLU A C   1 
ATOM   247 O  O   . GLU A 1 32  ? 11.190  -19.458 8.494   1.00 62.35 ? 32  GLU A O   1 
ATOM   248 C  CB  . GLU A 1 32  ? 7.975   -18.681 8.704   1.00 63.47 ? 32  GLU A CB  1 
ATOM   249 C  CG  . GLU A 1 32  ? 6.895   -18.292 9.737   1.00 68.14 ? 32  GLU A CG  1 
ATOM   250 C  CD  . GLU A 1 32  ? 7.420   -18.314 11.223  1.00 73.76 ? 32  GLU A CD  1 
ATOM   251 O  OE1 . GLU A 1 32  ? 7.353   -17.246 11.939  1.00 76.00 ? 32  GLU A OE1 1 
ATOM   252 O  OE2 . GLU A 1 32  ? 7.922   -19.401 11.639  1.00 75.55 ? 32  GLU A OE2 1 
ATOM   253 N  N   . THR A 1 33  ? 10.379  -18.187 6.832   1.00 61.51 ? 33  THR A N   1 
ATOM   254 C  CA  . THR A 1 33  ? 11.238  -18.709 5.785   1.00 61.08 ? 33  THR A CA  1 
ATOM   255 C  C   . THR A 1 33  ? 12.733  -18.349 5.913   1.00 60.73 ? 33  THR A C   1 
ATOM   256 O  O   . THR A 1 33  ? 13.603  -19.145 5.583   1.00 60.75 ? 33  THR A O   1 
ATOM   257 C  CB  . THR A 1 33  ? 10.669  -18.214 4.446   1.00 61.32 ? 33  THR A CB  1 
ATOM   258 O  OG1 . THR A 1 33  ? 9.639   -19.114 4.013   1.00 61.87 ? 33  THR A OG1 1 
ATOM   259 C  CG2 . THR A 1 33  ? 11.714  -18.091 3.401   1.00 62.50 ? 33  THR A CG2 1 
ATOM   260 N  N   . ASN A 1 34  ? 13.041  -17.150 6.383   1.00 60.27 ? 34  ASN A N   1 
ATOM   261 C  CA  . ASN A 1 34  ? 14.423  -16.671 6.395   1.00 60.39 ? 34  ASN A CA  1 
ATOM   262 C  C   . ASN A 1 34  ? 14.520  -15.470 7.322   1.00 60.85 ? 34  ASN A C   1 
ATOM   263 O  O   . ASN A 1 34  ? 14.618  -14.337 6.852   1.00 61.25 ? 34  ASN A O   1 
ATOM   264 C  CB  . ASN A 1 34  ? 14.857  -16.282 4.988   1.00 59.86 ? 34  ASN A CB  1 
ATOM   265 C  CG  . ASN A 1 34  ? 16.295  -15.831 4.918   1.00 58.98 ? 34  ASN A CG  1 
ATOM   266 O  OD1 . ASN A 1 34  ? 16.927  -15.565 5.924   1.00 56.84 ? 34  ASN A OD1 1 
ATOM   267 N  ND2 . ASN A 1 34  ? 16.823  -15.769 3.714   1.00 56.17 ? 34  ASN A ND2 1 
ATOM   268 N  N   . PRO A 1 35  ? 14.481  -15.716 8.650   1.00 61.27 ? 35  PRO A N   1 
ATOM   269 C  CA  . PRO A 1 35  ? 14.346  -14.693 9.716   1.00 61.36 ? 35  PRO A CA  1 
ATOM   270 C  C   . PRO A 1 35  ? 15.368  -13.570 9.724   1.00 61.57 ? 35  PRO A C   1 
ATOM   271 O  O   . PRO A 1 35  ? 15.024  -12.428 10.050  1.00 61.12 ? 35  PRO A O   1 
ATOM   272 C  CB  . PRO A 1 35  ? 14.476  -15.519 11.001  1.00 61.46 ? 35  PRO A CB  1 
ATOM   273 C  CG  . PRO A 1 35  ? 14.003  -16.875 10.602  1.00 61.53 ? 35  PRO A CG  1 
ATOM   274 C  CD  . PRO A 1 35  ? 14.547  -17.073 9.224   1.00 61.10 ? 35  PRO A CD  1 
ATOM   275 N  N   . GLY A 1 36  ? 16.610  -13.906 9.385   1.00 62.14 ? 36  GLY A N   1 
ATOM   276 C  CA  . GLY A 1 36  ? 17.691  -12.933 9.335   1.00 62.72 ? 36  GLY A CA  1 
ATOM   277 C  C   . GLY A 1 36  ? 17.534  -11.899 8.231   1.00 63.23 ? 36  GLY A C   1 
ATOM   278 O  O   . GLY A 1 36  ? 18.147  -10.830 8.287   1.00 64.02 ? 36  GLY A O   1 
ATOM   279 N  N   . GLN A 1 37  ? 16.738  -12.211 7.214   1.00 63.49 ? 37  GLN A N   1 
ATOM   280 C  CA  . GLN A 1 37  ? 16.440  -11.249 6.159   1.00 63.37 ? 37  GLN A CA  1 
ATOM   281 C  C   . GLN A 1 37  ? 15.210  -10.429 6.478   1.00 63.39 ? 37  GLN A C   1 
ATOM   282 O  O   . GLN A 1 37  ? 15.108  -9.290  6.022   1.00 63.44 ? 37  GLN A O   1 
ATOM   283 C  CB  . GLN A 1 37  ? 16.244  -11.957 4.832   1.00 63.44 ? 37  GLN A CB  1 
ATOM   284 C  CG  . GLN A 1 37  ? 17.427  -11.839 3.933   1.00 64.99 ? 37  GLN A CG  1 
ATOM   285 C  CD  . GLN A 1 37  ? 16.999  -11.922 2.520   1.00 66.13 ? 37  GLN A CD  1 
ATOM   286 O  OE1 . GLN A 1 37  ? 16.746  -13.019 2.010   1.00 67.74 ? 37  GLN A OE1 1 
ATOM   287 N  NE2 . GLN A 1 37  ? 16.855  -10.766 1.872   1.00 65.58 ? 37  GLN A NE2 1 
ATOM   288 N  N   . ALA A 1 38  ? 14.266  -11.019 7.222   1.00 63.07 ? 38  ALA A N   1 
ATOM   289 C  CA  . ALA A 1 38  ? 13.120  -10.270 7.743   1.00 63.18 ? 38  ALA A CA  1 
ATOM   290 C  C   . ALA A 1 38  ? 13.645  -9.126  8.607   1.00 63.10 ? 38  ALA A C   1 
ATOM   291 O  O   . ALA A 1 38  ? 13.253  -7.979  8.414   1.00 63.50 ? 38  ALA A O   1 
ATOM   292 C  CB  . ALA A 1 38  ? 12.151  -11.181 8.546   1.00 62.68 ? 38  ALA A CB  1 
ATOM   293 N  N   . ILE A 1 39  ? 14.558  -9.451  9.525   1.00 63.22 ? 39  ILE A N   1 
ATOM   294 C  CA  . ILE A 1 39  ? 15.170  -8.485  10.455  1.00 63.25 ? 39  ILE A CA  1 
ATOM   295 C  C   . ILE A 1 39  ? 15.872  -7.390  9.661   1.00 63.13 ? 39  ILE A C   1 
ATOM   296 O  O   . ILE A 1 39  ? 15.637  -6.194  9.894   1.00 62.92 ? 39  ILE A O   1 
ATOM   297 C  CB  . ILE A 1 39  ? 16.189  -9.189  11.417  1.00 63.42 ? 39  ILE A CB  1 
ATOM   298 C  CG1 . ILE A 1 39  ? 15.461  -10.149 12.366  1.00 64.07 ? 39  ILE A CG1 1 
ATOM   299 C  CG2 . ILE A 1 39  ? 16.994  -8.190  12.236  1.00 63.03 ? 39  ILE A CG2 1 
ATOM   300 C  CD1 . ILE A 1 39  ? 16.369  -11.182 12.999  1.00 63.31 ? 39  ILE A CD1 1 
ATOM   301 N  N   . TRP A 1 40  ? 16.707  -7.806  8.708   1.00 63.10 ? 40  TRP A N   1 
ATOM   302 C  CA  . TRP A 1 40  ? 17.417  -6.860  7.838   1.00 63.22 ? 40  TRP A CA  1 
ATOM   303 C  C   . TRP A 1 40  ? 16.441  -5.951  7.119   1.00 63.21 ? 40  TRP A C   1 
ATOM   304 O  O   . TRP A 1 40  ? 16.641  -4.743  7.068   1.00 63.38 ? 40  TRP A O   1 
ATOM   305 C  CB  . TRP A 1 40  ? 18.280  -7.578  6.800   1.00 63.12 ? 40  TRP A CB  1 
ATOM   306 C  CG  . TRP A 1 40  ? 19.022  -6.628  5.893   1.00 63.17 ? 40  TRP A CG  1 
ATOM   307 C  CD1 . TRP A 1 40  ? 20.279  -6.127  6.087   1.00 62.54 ? 40  TRP A CD1 1 
ATOM   308 C  CD2 . TRP A 1 40  ? 18.543  -6.052  4.659   1.00 63.46 ? 40  TRP A CD2 1 
ATOM   309 N  NE1 . TRP A 1 40  ? 20.615  -5.287  5.051   1.00 62.84 ? 40  TRP A NE1 1 
ATOM   310 C  CE2 . TRP A 1 40  ? 19.572  -5.226  4.160   1.00 63.29 ? 40  TRP A CE2 1 
ATOM   311 C  CE3 . TRP A 1 40  ? 17.349  -6.160  3.924   1.00 62.97 ? 40  TRP A CE3 1 
ATOM   312 C  CZ2 . TRP A 1 40  ? 19.443  -4.509  2.957   1.00 63.28 ? 40  TRP A CZ2 1 
ATOM   313 C  CZ3 . TRP A 1 40  ? 17.225  -5.448  2.729   1.00 62.61 ? 40  TRP A CZ3 1 
ATOM   314 C  CH2 . TRP A 1 40  ? 18.262  -4.634  2.263   1.00 62.72 ? 40  TRP A CH2 1 
ATOM   315 N  N   . LEU A 1 41  ? 15.391  -6.539  6.561   1.00 63.35 ? 41  LEU A N   1 
ATOM   316 C  CA  . LEU A 1 41  ? 14.382  -5.766  5.866   1.00 63.98 ? 41  LEU A CA  1 
ATOM   317 C  C   . LEU A 1 41  ? 13.805  -4.727  6.795   1.00 64.79 ? 41  LEU A C   1 
ATOM   318 O  O   . LEU A 1 41  ? 13.514  -3.617  6.359   1.00 65.27 ? 41  LEU A O   1 
ATOM   319 C  CB  . LEU A 1 41  ? 13.266  -6.661  5.353   1.00 63.46 ? 41  LEU A CB  1 
ATOM   320 C  CG  . LEU A 1 41  ? 12.201  -5.996  4.497   1.00 62.75 ? 41  LEU A CG  1 
ATOM   321 C  CD1 . LEU A 1 41  ? 12.812  -5.021  3.478   1.00 61.30 ? 41  LEU A CD1 1 
ATOM   322 C  CD2 . LEU A 1 41  ? 11.397  -7.095  3.825   1.00 62.85 ? 41  LEU A CD2 1 
ATOM   323 N  N   . GLY A 1 42  ? 13.643  -5.081  8.071   1.00 65.64 ? 42  GLY A N   1 
ATOM   324 C  CA  . GLY A 1 42  ? 13.086  -4.157  9.067   1.00 66.34 ? 42  GLY A CA  1 
ATOM   325 C  C   . GLY A 1 42  ? 13.971  -2.948  9.340   1.00 67.05 ? 42  GLY A C   1 
ATOM   326 O  O   . GLY A 1 42  ? 13.497  -1.818  9.404   1.00 67.37 ? 42  GLY A O   1 
ATOM   327 N  N   . GLU A 1 43  ? 15.265  -3.193  9.496   1.00 68.04 ? 43  GLU A N   1 
ATOM   328 C  CA  . GLU A 1 43  ? 16.236  -2.132  9.790   1.00 68.51 ? 43  GLU A CA  1 
ATOM   329 C  C   . GLU A 1 43  ? 16.463  -1.179  8.634   1.00 68.61 ? 43  GLU A C   1 
ATOM   330 O  O   . GLU A 1 43  ? 16.709  -0.008  8.866   1.00 68.50 ? 43  GLU A O   1 
ATOM   331 C  CB  . GLU A 1 43  ? 17.590  -2.746  10.178  1.00 69.18 ? 43  GLU A CB  1 
ATOM   332 C  CG  . GLU A 1 43  ? 17.550  -3.538  11.473  1.00 71.16 ? 43  GLU A CG  1 
ATOM   333 C  CD  . GLU A 1 43  ? 17.028  -2.700  12.634  1.00 74.54 ? 43  GLU A CD  1 
ATOM   334 O  OE1 . GLU A 1 43  ? 17.703  -1.684  12.980  1.00 75.40 ? 43  GLU A OE1 1 
ATOM   335 O  OE2 . GLU A 1 43  ? 15.938  -3.058  13.169  1.00 75.28 ? 43  GLU A OE2 1 
ATOM   336 N  N   . PHE A 1 44  ? 16.445  -1.712  7.408   1.00 68.66 ? 44  PHE A N   1 
ATOM   337 C  CA  . PHE A 1 44  ? 16.566  -0.924  6.178   1.00 68.81 ? 44  PHE A CA  1 
ATOM   338 C  C   . PHE A 1 44  ? 15.354  -0.025  6.006   1.00 69.69 ? 44  PHE A C   1 
ATOM   339 O  O   . PHE A 1 44  ? 15.439  1.058   5.437   1.00 69.80 ? 44  PHE A O   1 
ATOM   340 C  CB  . PHE A 1 44  ? 16.670  -1.851  4.959   1.00 68.09 ? 44  PHE A CB  1 
ATOM   341 C  CG  . PHE A 1 44  ? 16.724  -1.124  3.650   1.00 67.65 ? 44  PHE A CG  1 
ATOM   342 C  CD1 . PHE A 1 44  ? 17.944  -0.840  3.056   1.00 67.29 ? 44  PHE A CD1 1 
ATOM   343 C  CD2 . PHE A 1 44  ? 15.558  -0.710  3.011   1.00 65.56 ? 44  PHE A CD2 1 
ATOM   344 C  CE1 . PHE A 1 44  ? 18.003  -0.163  1.828   1.00 67.18 ? 44  PHE A CE1 1 
ATOM   345 C  CE2 . PHE A 1 44  ? 15.615  -0.020  1.805   1.00 65.25 ? 44  PHE A CE2 1 
ATOM   346 C  CZ  . PHE A 1 44  ? 16.832  0.250   1.211   1.00 66.13 ? 44  PHE A CZ  1 
ATOM   347 N  N   . SER A 1 45  ? 14.214  -0.501  6.476   1.00 71.11 ? 45  SER A N   1 
ATOM   348 C  CA  . SER A 1 45  ? 12.981  0.255   6.404   1.00 72.34 ? 45  SER A CA  1 
ATOM   349 C  C   . SER A 1 45  ? 12.933  1.367   7.467   1.00 73.10 ? 45  SER A C   1 
ATOM   350 O  O   . SER A 1 45  ? 12.218  2.353   7.284   1.00 73.36 ? 45  SER A O   1 
ATOM   351 C  CB  . SER A 1 45  ? 11.789  -0.691  6.539   1.00 72.04 ? 45  SER A CB  1 
ATOM   352 O  OG  . SER A 1 45  ? 11.808  -1.663  5.512   1.00 71.61 ? 45  SER A OG  1 
ATOM   353 N  N   . LYS A 1 46  ? 13.667  1.198   8.575   1.00 74.22 ? 46  LYS A N   1 
ATOM   354 C  CA  . LYS A 1 46  ? 13.907  2.301   9.518   1.00 74.99 ? 46  LYS A CA  1 
ATOM   355 C  C   . LYS A 1 46  ? 14.752  3.394   8.840   1.00 75.77 ? 46  LYS A C   1 
ATOM   356 O  O   . LYS A 1 46  ? 14.400  4.578   8.902   1.00 76.79 ? 46  LYS A O   1 
ATOM   357 C  CB  . LYS A 1 46  ? 14.598  1.814   10.795  1.00 75.08 ? 46  LYS A CB  1 
ATOM   358 C  CG  . LYS A 1 46  ? 13.718  0.950   11.672  1.00 75.37 ? 46  LYS A CG  1 
ATOM   359 C  CD  . LYS A 1 46  ? 14.525  0.419   12.862  1.00 75.93 ? 46  LYS A CD  1 
ATOM   360 C  CE  . LYS A 1 46  ? 13.679  -0.488  13.796  1.00 76.66 ? 46  LYS A CE  1 
ATOM   361 N  NZ  . LYS A 1 46  ? 14.489  -1.260  14.822  1.00 76.16 ? 46  LYS A NZ  1 
ATOM   362 N  N   . ARG A 1 47  ? 15.838  2.990   8.170   1.00 76.04 ? 47  ARG A N   1 
ATOM   363 C  CA  . ARG A 1 47  ? 16.747  3.910   7.466   1.00 76.15 ? 47  ARG A CA  1 
ATOM   364 C  C   . ARG A 1 47  ? 16.220  4.460   6.124   1.00 75.95 ? 47  ARG A C   1 
ATOM   365 O  O   . ARG A 1 47  ? 16.852  5.333   5.538   1.00 76.28 ? 47  ARG A O   1 
ATOM   366 C  CB  . ARG A 1 47  ? 18.114  3.237   7.233   1.00 76.37 ? 47  ARG A CB  1 
ATOM   367 C  CG  . ARG A 1 47  ? 18.898  2.859   8.525   1.00 77.66 ? 47  ARG A CG  1 
ATOM   368 C  CD  . ARG A 1 47  ? 20.363  2.432   8.247   1.00 78.76 ? 47  ARG A CD  1 
ATOM   369 N  NE  . ARG A 1 47  ? 20.473  1.018   7.855   1.00 82.28 ? 47  ARG A NE  1 
ATOM   370 C  CZ  . ARG A 1 47  ? 20.602  0.551   6.601   1.00 83.59 ? 47  ARG A CZ  1 
ATOM   371 N  NH1 . ARG A 1 47  ? 20.657  1.367   5.536   1.00 84.20 ? 47  ARG A NH1 1 
ATOM   372 N  NH2 . ARG A 1 47  ? 20.677  -0.770  6.406   1.00 83.31 ? 47  ARG A NH2 1 
ATOM   373 N  N   . HIS A 1 48  ? 15.093  3.956   5.619   1.00 75.79 ? 48  HIS A N   1 
ATOM   374 C  CA  . HIS A 1 48  ? 14.587  4.399   4.314   1.00 75.56 ? 48  HIS A CA  1 
ATOM   375 C  C   . HIS A 1 48  ? 13.076  4.416   4.253   1.00 75.36 ? 48  HIS A C   1 
ATOM   376 O  O   . HIS A 1 48  ? 12.450  3.364   4.298   1.00 75.48 ? 48  HIS A O   1 
ATOM   377 C  CB  . HIS A 1 48  ? 15.086  3.493   3.208   1.00 75.43 ? 48  HIS A CB  1 
ATOM   378 C  CG  . HIS A 1 48  ? 16.573  3.458   3.081   1.00 75.23 ? 48  HIS A CG  1 
ATOM   379 N  ND1 . HIS A 1 48  ? 17.247  4.127   2.081   1.00 74.84 ? 48  HIS A ND1 1 
ATOM   380 C  CD2 . HIS A 1 48  ? 17.516  2.817   3.813   1.00 74.57 ? 48  HIS A CD2 1 
ATOM   381 C  CE1 . HIS A 1 48  ? 18.542  3.905   2.211   1.00 75.14 ? 48  HIS A CE1 1 
ATOM   382 N  NE2 . HIS A 1 48  ? 18.733  3.113   3.253   1.00 74.80 ? 48  HIS A NE2 1 
ATOM   383 N  N   . PRO A 1 49  ? 12.481  5.614   4.121   1.00 75.39 ? 49  PRO A N   1 
ATOM   384 C  CA  . PRO A 1 49  ? 11.028  5.710   4.129   1.00 75.14 ? 49  PRO A CA  1 
ATOM   385 C  C   . PRO A 1 49  ? 10.395  5.098   2.879   1.00 74.64 ? 49  PRO A C   1 
ATOM   386 O  O   . PRO A 1 49  ? 10.510  5.628   1.765   1.00 74.17 ? 49  PRO A O   1 
ATOM   387 C  CB  . PRO A 1 49  ? 10.767  7.221   4.221   1.00 75.40 ? 49  PRO A CB  1 
ATOM   388 C  CG  . PRO A 1 49  ? 11.988  7.871   3.683   1.00 75.54 ? 49  PRO A CG  1 
ATOM   389 C  CD  . PRO A 1 49  ? 13.127  6.931   3.949   1.00 75.62 ? 49  PRO A CD  1 
ATOM   390 N  N   . ILE A 1 50  ? 9.723   3.973   3.096   1.00 74.43 ? 50  ILE A N   1 
ATOM   391 C  CA  . ILE A 1 50  ? 9.053   3.255   2.028   1.00 74.39 ? 50  ILE A CA  1 
ATOM   392 C  C   . ILE A 1 50  ? 8.033   4.166   1.333   1.00 74.34 ? 50  ILE A C   1 
ATOM   393 O  O   . ILE A 1 50  ? 7.542   3.848   0.243   1.00 74.05 ? 50  ILE A O   1 
ATOM   394 C  CB  . ILE A 1 50  ? 8.427   1.925   2.568   1.00 74.37 ? 50  ILE A CB  1 
ATOM   395 C  CG1 . ILE A 1 50  ? 7.797   1.114   1.425   1.00 74.80 ? 50  ILE A CG1 1 
ATOM   396 C  CG2 . ILE A 1 50  ? 7.439   2.198   3.705   1.00 74.40 ? 50  ILE A CG2 1 
ATOM   397 C  CD1 . ILE A 1 50  ? 7.858   -0.401  1.636   1.00 74.68 ? 50  ILE A CD1 1 
ATOM   398 N  N   . GLN A 1 51  ? 7.767   5.314   1.969   1.00 74.20 ? 51  GLN A N   1 
ATOM   399 C  CA  . GLN A 1 51  ? 6.855   6.349   1.468   1.00 74.10 ? 51  GLN A CA  1 
ATOM   400 C  C   . GLN A 1 51  ? 7.297   6.860   0.119   1.00 73.14 ? 51  GLN A C   1 
ATOM   401 O  O   . GLN A 1 51  ? 6.478   7.042   -0.782  1.00 73.00 ? 51  GLN A O   1 
ATOM   402 C  CB  . GLN A 1 51  ? 6.810   7.530   2.451   1.00 74.53 ? 51  GLN A CB  1 
ATOM   403 C  CG  . GLN A 1 51  ? 5.890   7.333   3.673   1.00 75.99 ? 51  GLN A CG  1 
ATOM   404 C  CD  . GLN A 1 51  ? 6.246   6.115   4.530   1.00 77.72 ? 51  GLN A CD  1 
ATOM   405 O  OE1 . GLN A 1 51  ? 7.284   6.089   5.209   1.00 76.88 ? 51  GLN A OE1 1 
ATOM   406 N  NE2 . GLN A 1 51  ? 5.368   5.097   4.505   1.00 79.87 ? 51  GLN A NE2 1 
ATOM   407 N  N   . GLU A 1 52  ? 8.599   7.104   0.005   1.00 72.39 ? 52  GLU A N   1 
ATOM   408 C  CA  . GLU A 1 52  ? 9.225   7.513   -1.252  1.00 71.41 ? 52  GLU A CA  1 
ATOM   409 C  C   . GLU A 1 52  ? 9.821   6.230   -1.883  1.00 69.57 ? 52  GLU A C   1 
ATOM   410 O  O   . GLU A 1 52  ? 10.988  5.870   -1.662  1.00 69.15 ? 52  GLU A O   1 
ATOM   411 C  CB  . GLU A 1 52  ? 10.252  8.633   -0.965  1.00 71.95 ? 52  GLU A CB  1 
ATOM   412 C  CG  . GLU A 1 52  ? 10.479  9.673   -2.108  1.00 74.53 ? 52  GLU A CG  1 
ATOM   413 C  CD  . GLU A 1 52  ? 9.227   10.532  -2.534  1.00 79.92 ? 52  GLU A CD  1 
ATOM   414 O  OE1 . GLU A 1 52  ? 8.219   10.641  -1.773  1.00 83.52 ? 52  GLU A OE1 1 
ATOM   415 O  OE2 . GLU A 1 52  ? 9.272   11.122  -3.656  1.00 82.17 ? 52  GLU A OE2 1 
ATOM   416 N  N   . SER A 1 53  ? 8.979   5.537   -2.650  1.00 67.58 ? 53  SER A N   1 
ATOM   417 C  CA  . SER A 1 53  ? 9.154   4.106   -2.906  1.00 66.23 ? 53  SER A CA  1 
ATOM   418 C  C   . SER A 1 53  ? 10.137  3.779   -4.019  1.00 65.79 ? 53  SER A C   1 
ATOM   419 O  O   . SER A 1 53  ? 10.867  2.793   -3.921  1.00 65.22 ? 53  SER A O   1 
ATOM   420 C  CB  . SER A 1 53  ? 7.808   3.444   -3.191  1.00 66.08 ? 53  SER A CB  1 
ATOM   421 O  OG  . SER A 1 53  ? 7.378   3.707   -4.508  1.00 65.67 ? 53  SER A OG  1 
ATOM   422 N  N   . ASP A 1 54  ? 10.144  4.581   -5.079  1.00 65.36 ? 54  ASP A N   1 
ATOM   423 C  CA  . ASP A 1 54  ? 11.198  4.491   -6.096  1.00 64.92 ? 54  ASP A CA  1 
ATOM   424 C  C   . ASP A 1 54  ? 12.592  4.723   -5.498  1.00 64.53 ? 54  ASP A C   1 
ATOM   425 O  O   . ASP A 1 54  ? 13.541  4.056   -5.897  1.00 64.80 ? 54  ASP A O   1 
ATOM   426 C  CB  . ASP A 1 54  ? 10.935  5.461   -7.254  1.00 64.81 ? 54  ASP A CB  1 
ATOM   427 C  CG  . ASP A 1 54  ? 9.832   4.974   -8.203  1.00 65.70 ? 54  ASP A CG  1 
ATOM   428 O  OD1 . ASP A 1 54  ? 9.543   3.748   -8.247  1.00 67.30 ? 54  ASP A OD1 1 
ATOM   429 O  OD2 . ASP A 1 54  ? 9.247   5.821   -8.919  1.00 66.20 ? 54  ASP A OD2 1 
ATOM   430 N  N   . LEU A 1 55  ? 12.720  5.634   -4.533  1.00 64.16 ? 55  LEU A N   1 
ATOM   431 C  CA  . LEU A 1 55  ? 14.016  5.880   -3.856  1.00 63.96 ? 55  LEU A CA  1 
ATOM   432 C  C   . LEU A 1 55  ? 14.423  4.751   -2.934  1.00 63.63 ? 55  LEU A C   1 
ATOM   433 O  O   . LEU A 1 55  ? 15.599  4.425   -2.840  1.00 63.68 ? 55  LEU A O   1 
ATOM   434 C  CB  . LEU A 1 55  ? 13.989  7.155   -3.006  1.00 63.96 ? 55  LEU A CB  1 
ATOM   435 C  CG  . LEU A 1 55  ? 14.523  8.479   -3.574  1.00 64.93 ? 55  LEU A CG  1 
ATOM   436 C  CD1 . LEU A 1 55  ? 13.607  9.030   -4.681  1.00 65.34 ? 55  LEU A CD1 1 
ATOM   437 C  CD2 . LEU A 1 55  ? 14.712  9.518   -2.436  1.00 64.42 ? 55  LEU A CD2 1 
ATOM   438 N  N   . TYR A 1 56  ? 13.446  4.232   -2.193  1.00 63.36 ? 56  TYR A N   1 
ATOM   439 C  CA  . TYR A 1 56  ? 13.609  3.076   -1.310  1.00 63.10 ? 56  TYR A CA  1 
ATOM   440 C  C   . TYR A 1 56  ? 14.224  1.880   -2.077  1.00 62.64 ? 56  TYR A C   1 
ATOM   441 O  O   . TYR A 1 56  ? 15.290  1.362   -1.726  1.00 61.68 ? 56  TYR A O   1 
ATOM   442 C  CB  . TYR A 1 56  ? 12.214  2.737   -0.742  1.00 63.24 ? 56  TYR A CB  1 
ATOM   443 C  CG  . TYR A 1 56  ? 12.105  1.529   0.180   1.00 63.67 ? 56  TYR A CG  1 
ATOM   444 C  CD1 . TYR A 1 56  ? 11.544  0.330   -0.271  1.00 64.24 ? 56  TYR A CD1 1 
ATOM   445 C  CD2 . TYR A 1 56  ? 12.509  1.597   1.523   1.00 64.49 ? 56  TYR A CD2 1 
ATOM   446 C  CE1 . TYR A 1 56  ? 11.420  -0.783  0.579   1.00 64.27 ? 56  TYR A CE1 1 
ATOM   447 C  CE2 . TYR A 1 56  ? 12.386  0.486   2.382   1.00 63.54 ? 56  TYR A CE2 1 
ATOM   448 C  CZ  . TYR A 1 56  ? 11.847  -0.692  1.893   1.00 63.37 ? 56  TYR A CZ  1 
ATOM   449 O  OH  . TYR A 1 56  ? 11.729  -1.786  2.703   1.00 63.67 ? 56  TYR A OH  1 
ATOM   450 N  N   . LEU A 1 57  ? 13.537  1.487   -3.148  1.00 62.44 ? 57  LEU A N   1 
ATOM   451 C  CA  . LEU A 1 57  ? 13.951  0.404   -4.027  1.00 62.70 ? 57  LEU A CA  1 
ATOM   452 C  C   . LEU A 1 57  ? 15.310  0.666   -4.673  1.00 63.16 ? 57  LEU A C   1 
ATOM   453 O  O   . LEU A 1 57  ? 16.107  -0.250  -4.848  1.00 63.11 ? 57  LEU A O   1 
ATOM   454 C  CB  . LEU A 1 57  ? 12.881  0.186   -5.101  1.00 61.86 ? 57  LEU A CB  1 
ATOM   455 C  CG  . LEU A 1 57  ? 11.526  -0.349  -4.610  1.00 60.15 ? 57  LEU A CG  1 
ATOM   456 C  CD1 . LEU A 1 57  ? 10.465  -0.289  -5.701  1.00 57.86 ? 57  LEU A CD1 1 
ATOM   457 C  CD2 . LEU A 1 57  ? 11.673  -1.774  -4.097  1.00 59.42 ? 57  LEU A CD2 1 
ATOM   458 N  N   . GLU A 1 58  ? 15.569  1.920   -5.022  1.00 64.35 ? 58  GLU A N   1 
ATOM   459 C  CA  . GLU A 1 58  ? 16.869  2.340   -5.549  1.00 65.41 ? 58  GLU A CA  1 
ATOM   460 C  C   . GLU A 1 58  ? 17.959  2.215   -4.491  1.00 65.42 ? 58  GLU A C   1 
ATOM   461 O  O   . GLU A 1 58  ? 19.063  1.766   -4.778  1.00 65.18 ? 58  GLU A O   1 
ATOM   462 C  CB  . GLU A 1 58  ? 16.796  3.784   -6.067  1.00 65.34 ? 58  GLU A CB  1 
ATOM   463 C  CG  . GLU A 1 58  ? 16.235  3.894   -7.483  1.00 66.77 ? 58  GLU A CG  1 
ATOM   464 C  CD  . GLU A 1 58  ? 15.646  5.288   -7.795  1.00 68.50 ? 58  GLU A CD  1 
ATOM   465 O  OE1 . GLU A 1 58  ? 15.775  6.200   -6.932  1.00 74.54 ? 58  GLU A OE1 1 
ATOM   466 O  OE2 . GLU A 1 58  ? 15.048  5.486   -8.894  1.00 72.52 ? 58  GLU A OE2 1 
ATOM   467 N  N   . ALA A 1 59  ? 17.633  2.616   -3.269  1.00 66.26 ? 59  ALA A N   1 
ATOM   468 C  CA  . ALA A 1 59  ? 18.519  2.436   -2.116  1.00 66.98 ? 59  ALA A CA  1 
ATOM   469 C  C   . ALA A 1 59  ? 18.809  0.955   -1.847  1.00 68.18 ? 59  ALA A C   1 
ATOM   470 O  O   . ALA A 1 59  ? 19.915  0.590   -1.429  1.00 68.42 ? 59  ALA A O   1 
ATOM   471 C  CB  . ALA A 1 59  ? 17.900  3.096   -0.848  1.00 67.04 ? 59  ALA A CB  1 
HETATM 472 N  N   . MSE A 1 60  ? 17.819  0.107   -2.087  1.00 69.38 ? 60  MSE A N   1 
HETATM 473 C  CA  . MSE A 1 60  ? 17.947  -1.291  -1.724  1.00 70.62 ? 60  MSE A CA  1 
HETATM 474 C  C   . MSE A 1 60  ? 18.789  -2.091  -2.724  1.00 70.89 ? 60  MSE A C   1 
HETATM 475 O  O   . MSE A 1 60  ? 19.390  -3.089  -2.351  1.00 70.58 ? 60  MSE A O   1 
HETATM 476 C  CB  . MSE A 1 60  ? 16.562  -1.919  -1.550  1.00 70.34 ? 60  MSE A CB  1 
HETATM 477 C  CG  . MSE A 1 60  ? 16.604  -3.351  -1.001  1.00 70.12 ? 60  MSE A CG  1 
HETATM 478 SE SE  . MSE A 1 60  ? 14.818  -4.097  -0.824  1.00 70.83 ? 60  MSE A SE  1 
HETATM 479 C  CE  . MSE A 1 60  ? 14.434  -3.378  0.974   1.00 68.79 ? 60  MSE A CE  1 
HETATM 480 N  N   . MSE A 1 61  ? 18.832  -1.653  -3.979  1.00 71.42 ? 61  MSE A N   1 
HETATM 481 C  CA  . MSE A 1 61  ? 19.657  -2.317  -4.984  1.00 72.91 ? 61  MSE A CA  1 
HETATM 482 C  C   . MSE A 1 61  ? 21.119  -2.255  -4.695  1.00 70.64 ? 61  MSE A C   1 
HETATM 483 O  O   . MSE A 1 61  ? 21.890  -3.049  -5.212  1.00 71.28 ? 61  MSE A O   1 
HETATM 484 C  CB  . MSE A 1 61  ? 19.504  -1.648  -6.315  1.00 73.06 ? 61  MSE A CB  1 
HETATM 485 C  CG  . MSE A 1 61  ? 18.271  -1.991  -7.018  1.00 76.19 ? 61  MSE A CG  1 
HETATM 486 SE SE  . MSE A 1 61  ? 18.320  -0.919  -8.636  1.00 83.77 ? 61  MSE A SE  1 
HETATM 487 C  CE  . MSE A 1 61  ? 16.368  -0.915  -9.072  1.00 77.09 ? 61  MSE A CE  1 
ATOM   488 N  N   . LEU A 1 62  ? 21.525  -1.264  -3.931  1.00 69.06 ? 62  LEU A N   1 
ATOM   489 C  CA  . LEU A 1 62  ? 22.905  -1.163  -3.559  1.00 67.86 ? 62  LEU A CA  1 
ATOM   490 C  C   . LEU A 1 62  ? 23.281  -2.285  -2.581  1.00 67.32 ? 62  LEU A C   1 
ATOM   491 O  O   . LEU A 1 62  ? 24.455  -2.618  -2.465  1.00 67.96 ? 62  LEU A O   1 
ATOM   492 C  CB  . LEU A 1 62  ? 23.191  0.213   -2.953  1.00 68.17 ? 62  LEU A CB  1 
ATOM   493 C  CG  . LEU A 1 62  ? 22.898  1.460   -3.811  1.00 68.16 ? 62  LEU A CG  1 
ATOM   494 C  CD1 . LEU A 1 62  ? 23.758  2.612   -3.313  1.00 68.20 ? 62  LEU A CD1 1 
ATOM   495 C  CD2 . LEU A 1 62  ? 23.130  1.234   -5.303  1.00 67.97 ? 62  LEU A CD2 1 
ATOM   496 N  N   . GLU A 1 63  ? 22.296  -2.883  -1.910  1.00 66.18 ? 63  GLU A N   1 
ATOM   497 C  CA  . GLU A 1 63  ? 22.550  -3.863  -0.837  1.00 65.33 ? 63  GLU A CA  1 
ATOM   498 C  C   . GLU A 1 63  ? 21.861  -5.254  -0.962  1.00 63.92 ? 63  GLU A C   1 
ATOM   499 O  O   . GLU A 1 63  ? 22.285  -6.221  -0.315  1.00 64.08 ? 63  GLU A O   1 
ATOM   500 C  CB  . GLU A 1 63  ? 22.137  -3.248  0.511   1.00 65.77 ? 63  GLU A CB  1 
ATOM   501 C  CG  . GLU A 1 63  ? 22.504  -1.776  0.704   1.00 66.59 ? 63  GLU A CG  1 
ATOM   502 C  CD  . GLU A 1 63  ? 22.325  -1.340  2.149   1.00 66.97 ? 63  GLU A CD  1 
ATOM   503 O  OE1 . GLU A 1 63  ? 23.111  -1.807  3.000   1.00 69.76 ? 63  GLU A OE1 1 
ATOM   504 O  OE2 . GLU A 1 63  ? 21.398  -0.547  2.439   1.00 70.03 ? 63  GLU A OE2 1 
ATOM   505 N  N   . ASN A 1 64  ? 20.800  -5.349  -1.758  1.00 62.02 ? 64  ASN A N   1 
ATOM   506 C  CA  . ASN A 1 64  ? 20.028  -6.571  -1.847  1.00 60.66 ? 64  ASN A CA  1 
ATOM   507 C  C   . ASN A 1 64  ? 19.156  -6.552  -3.093  1.00 58.58 ? 64  ASN A C   1 
ATOM   508 O  O   . ASN A 1 64  ? 17.941  -6.310  -3.024  1.00 58.69 ? 64  ASN A O   1 
ATOM   509 C  CB  . ASN A 1 64  ? 19.173  -6.730  -0.592  1.00 60.03 ? 64  ASN A CB  1 
ATOM   510 C  CG  . ASN A 1 64  ? 18.593  -8.139  -0.434  1.00 60.06 ? 64  ASN A CG  1 
ATOM   511 O  OD1 . ASN A 1 64  ? 18.572  -8.945  -1.387  1.00 57.79 ? 64  ASN A OD1 1 
ATOM   512 N  ND2 . ASN A 1 64  ? 18.100  -8.436  0.775   1.00 57.11 ? 64  ASN A ND2 1 
ATOM   513 N  N   . LYS A 1 65  ? 19.779  -6.839  -4.224  1.00 56.22 ? 65  LYS A N   1 
ATOM   514 C  CA  . LYS A 1 65  ? 19.079  -6.875  -5.502  1.00 55.04 ? 65  LYS A CA  1 
ATOM   515 C  C   . LYS A 1 65  ? 17.969  -7.921  -5.578  1.00 54.16 ? 65  LYS A C   1 
ATOM   516 O  O   . LYS A 1 65  ? 16.922  -7.699  -6.188  1.00 53.77 ? 65  LYS A O   1 
ATOM   517 C  CB  . LYS A 1 65  ? 20.086  -7.147  -6.611  1.00 55.00 ? 65  LYS A CB  1 
ATOM   518 C  CG  . LYS A 1 65  ? 21.098  -6.064  -6.751  1.00 54.81 ? 65  LYS A CG  1 
ATOM   519 C  CD  . LYS A 1 65  ? 21.875  -6.253  -8.041  1.00 55.40 ? 65  LYS A CD  1 
ATOM   520 C  CE  . LYS A 1 65  ? 22.815  -5.102  -8.329  1.00 54.53 ? 65  LYS A CE  1 
ATOM   521 N  NZ  . LYS A 1 65  ? 23.378  -4.536  -7.059  1.00 55.20 ? 65  LYS A NZ  1 
ATOM   522 N  N   . GLU A 1 66  ? 18.227  -9.069  -4.965  1.00 53.70 ? 66  GLU A N   1 
ATOM   523 C  CA  . GLU A 1 66  ? 17.274  -10.183 -4.879  1.00 53.31 ? 66  GLU A CA  1 
ATOM   524 C  C   . GLU A 1 66  ? 15.965  -9.798  -4.205  1.00 52.30 ? 66  GLU A C   1 
ATOM   525 O  O   . GLU A 1 66  ? 14.889  -10.122 -4.695  1.00 51.87 ? 66  GLU A O   1 
ATOM   526 C  CB  . GLU A 1 66  ? 17.921  -11.314 -4.111  1.00 52.84 ? 66  GLU A CB  1 
ATOM   527 C  CG  . GLU A 1 66  ? 17.060  -12.498 -3.855  1.00 53.96 ? 66  GLU A CG  1 
ATOM   528 C  CD  . GLU A 1 66  ? 17.870  -13.614 -3.249  1.00 55.34 ? 66  GLU A CD  1 
ATOM   529 O  OE1 . GLU A 1 66  ? 18.559  -14.317 -4.035  1.00 57.80 ? 66  GLU A OE1 1 
ATOM   530 O  OE2 . GLU A 1 66  ? 17.850  -13.766 -1.996  1.00 58.95 ? 66  GLU A OE2 1 
ATOM   531 N  N   . LEU A 1 67  ? 16.054  -9.115  -3.072  1.00 52.14 ? 67  LEU A N   1 
ATOM   532 C  CA  . LEU A 1 67  ? 14.845  -8.650  -2.377  1.00 51.85 ? 67  LEU A CA  1 
ATOM   533 C  C   . LEU A 1 67  ? 14.114  -7.578  -3.192  1.00 51.52 ? 67  LEU A C   1 
ATOM   534 O  O   . LEU A 1 67  ? 12.884  -7.593  -3.263  1.00 51.63 ? 67  LEU A O   1 
ATOM   535 C  CB  . LEU A 1 67  ? 15.190  -8.165  -0.974  1.00 51.48 ? 67  LEU A CB  1 
ATOM   536 C  CG  . LEU A 1 67  ? 14.078  -8.211  0.087   1.00 52.38 ? 67  LEU A CG  1 
ATOM   537 C  CD1 . LEU A 1 67  ? 13.195  -9.430  -0.044  1.00 48.73 ? 67  LEU A CD1 1 
ATOM   538 C  CD2 . LEU A 1 67  ? 14.716  -8.167  1.501   1.00 52.42 ? 67  LEU A CD2 1 
ATOM   539 N  N   . VAL A 1 68  ? 14.865  -6.682  -3.846  1.00 51.35 ? 68  VAL A N   1 
ATOM   540 C  CA  . VAL A 1 68  ? 14.272  -5.652  -4.721  1.00 50.78 ? 68  VAL A CA  1 
ATOM   541 C  C   . VAL A 1 68  ? 13.463  -6.323  -5.803  1.00 50.82 ? 68  VAL A C   1 
ATOM   542 O  O   . VAL A 1 68  ? 12.327  -5.937  -6.048  1.00 50.97 ? 68  VAL A O   1 
ATOM   543 C  CB  . VAL A 1 68  ? 15.359  -4.710  -5.361  1.00 51.21 ? 68  VAL A CB  1 
ATOM   544 C  CG1 . VAL A 1 68  ? 14.846  -3.986  -6.610  1.00 49.03 ? 68  VAL A CG1 1 
ATOM   545 C  CG2 . VAL A 1 68  ? 15.856  -3.723  -4.340  1.00 48.77 ? 68  VAL A CG2 1 
ATOM   546 N  N   . LEU A 1 69  ? 14.013  -7.352  -6.437  1.00 50.92 ? 69  LEU A N   1 
ATOM   547 C  CA  . LEU A 1 69  ? 13.268  -8.046  -7.502  1.00 51.21 ? 69  LEU A CA  1 
ATOM   548 C  C   . LEU A 1 69  ? 11.969  -8.676  -7.020  1.00 51.53 ? 69  LEU A C   1 
ATOM   549 O  O   . LEU A 1 69  ? 10.952  -8.668  -7.730  1.00 51.67 ? 69  LEU A O   1 
ATOM   550 C  CB  . LEU A 1 69  ? 14.122  -9.138  -8.157  1.00 51.92 ? 69  LEU A CB  1 
ATOM   551 C  CG  . LEU A 1 69  ? 15.327  -8.705  -8.988  1.00 52.40 ? 69  LEU A CG  1 
ATOM   552 C  CD1 . LEU A 1 69  ? 16.333  -9.834  -9.060  1.00 49.82 ? 69  LEU A CD1 1 
ATOM   553 C  CD2 . LEU A 1 69  ? 14.851  -8.248  -10.372 1.00 54.15 ? 69  LEU A CD2 1 
ATOM   554 N  N   . ARG A 1 70  ? 11.998  -9.258  -5.829  1.00 52.36 ? 70  ARG A N   1 
ATOM   555 C  CA  . ARG A 1 70  ? 10.807  -9.911  -5.290  1.00 53.12 ? 70  ARG A CA  1 
ATOM   556 C  C   . ARG A 1 70  ? 9.729   -8.892  -4.982  1.00 52.25 ? 70  ARG A C   1 
ATOM   557 O  O   . ARG A 1 70  ? 8.570   -9.152  -5.250  1.00 52.71 ? 70  ARG A O   1 
ATOM   558 C  CB  . ARG A 1 70  ? 11.127  -10.724 -4.042  1.00 53.42 ? 70  ARG A CB  1 
ATOM   559 C  CG  . ARG A 1 70  ? 11.971  -11.953 -4.312  1.00 55.86 ? 70  ARG A CG  1 
ATOM   560 C  CD  . ARG A 1 70  ? 12.625  -12.488 -3.032  1.00 57.78 ? 70  ARG A CD  1 
ATOM   561 N  NE  . ARG A 1 70  ? 11.642  -13.126 -2.140  1.00 62.62 ? 70  ARG A NE  1 
ATOM   562 C  CZ  . ARG A 1 70  ? 11.945  -13.779 -1.015  1.00 62.76 ? 70  ARG A CZ  1 
ATOM   563 N  NH1 . ARG A 1 70  ? 13.214  -13.877 -0.602  1.00 64.32 ? 70  ARG A NH1 1 
ATOM   564 N  NH2 . ARG A 1 70  ? 10.962  -14.318 -0.293  1.00 62.41 ? 70  ARG A NH2 1 
ATOM   565 N  N   . ILE A 1 71  ? 10.098  -7.737  -4.431  1.00 51.74 ? 71  ILE A N   1 
ATOM   566 C  CA  . ILE A 1 71  ? 9.124   -6.662  -4.193  1.00 51.49 ? 71  ILE A CA  1 
ATOM   567 C  C   . ILE A 1 71  ? 8.483   -6.225  -5.509  1.00 51.30 ? 71  ILE A C   1 
ATOM   568 O  O   . ILE A 1 71  ? 7.265   -6.084  -5.587  1.00 50.79 ? 71  ILE A O   1 
ATOM   569 C  CB  . ILE A 1 71  ? 9.779   -5.440  -3.545  1.00 51.82 ? 71  ILE A CB  1 
ATOM   570 C  CG1 . ILE A 1 71  ? 10.268  -5.763  -2.130  1.00 51.01 ? 71  ILE A CG1 1 
ATOM   571 C  CG2 . ILE A 1 71  ? 8.801   -4.262  -3.514  1.00 52.14 ? 71  ILE A CG2 1 
ATOM   572 C  CD1 . ILE A 1 71  ? 11.153  -4.685  -1.570  1.00 51.42 ? 71  ILE A CD1 1 
ATOM   573 N  N   . LEU A 1 72  ? 9.312   -6.054  -6.547  1.00 51.11 ? 72  LEU A N   1 
ATOM   574 C  CA  . LEU A 1 72  ? 8.824   -5.699  -7.886  1.00 50.96 ? 72  LEU A CA  1 
ATOM   575 C  C   . LEU A 1 72  ? 7.755   -6.707  -8.338  1.00 51.36 ? 72  LEU A C   1 
ATOM   576 O  O   . LEU A 1 72  ? 6.644   -6.342  -8.743  1.00 51.83 ? 72  LEU A O   1 
ATOM   577 C  CB  . LEU A 1 72  ? 9.986   -5.646  -8.920  1.00 50.25 ? 72  LEU A CB  1 
ATOM   578 C  CG  . LEU A 1 72  ? 11.091  -4.569  -8.791  1.00 48.42 ? 72  LEU A CG  1 
ATOM   579 C  CD1 . LEU A 1 72  ? 12.029  -4.531  -9.983  1.00 44.04 ? 72  LEU A CD1 1 
ATOM   580 C  CD2 . LEU A 1 72  ? 10.486  -3.204  -8.561  1.00 45.58 ? 72  LEU A CD2 1 
ATOM   581 N  N   . THR A 1 73  ? 8.108   -7.982  -8.266  1.00 51.57 ? 73  THR A N   1 
ATOM   582 C  CA  . THR A 1 73  ? 7.220   -9.070  -8.677  1.00 51.68 ? 73  THR A CA  1 
ATOM   583 C  C   . THR A 1 73  ? 5.927   -9.170  -7.848  1.00 52.10 ? 73  THR A C   1 
ATOM   584 O  O   . THR A 1 73  ? 4.826   -9.186  -8.399  1.00 51.79 ? 73  THR A O   1 
ATOM   585 C  CB  . THR A 1 73  ? 7.968   -10.407 -8.563  1.00 51.02 ? 73  THR A CB  1 
ATOM   586 O  OG1 . THR A 1 73  ? 9.076   -10.364 -9.448  1.00 51.16 ? 73  THR A OG1 1 
ATOM   587 C  CG2 . THR A 1 73  ? 7.066   -11.570 -8.922  1.00 50.34 ? 73  THR A CG2 1 
ATOM   588 N  N   . VAL A 1 74  ? 6.100   -9.275  -6.531  1.00 52.56 ? 74  VAL A N   1 
ATOM   589 C  CA  . VAL A 1 74  ? 5.003   -9.330  -5.587  1.00 52.84 ? 74  VAL A CA  1 
ATOM   590 C  C   . VAL A 1 74  ? 4.083   -8.101  -5.729  1.00 53.86 ? 74  VAL A C   1 
ATOM   591 O  O   . VAL A 1 74  ? 2.863   -8.267  -5.788  1.00 54.37 ? 74  VAL A O   1 
ATOM   592 C  CB  . VAL A 1 74  ? 5.524   -9.475  -4.138  1.00 52.71 ? 74  VAL A CB  1 
ATOM   593 C  CG1 . VAL A 1 74  ? 4.384   -9.288  -3.129  1.00 51.88 ? 74  VAL A CG1 1 
ATOM   594 C  CG2 . VAL A 1 74  ? 6.234   -10.838 -3.958  1.00 50.59 ? 74  VAL A CG2 1 
ATOM   595 N  N   . ARG A 1 75  ? 4.623   -6.885  -5.830  1.00 54.56 ? 75  ARG A N   1 
ATOM   596 C  CA  . ARG A 1 75  ? 3.734   -5.717  -5.950  1.00 55.41 ? 75  ARG A CA  1 
ATOM   597 C  C   . ARG A 1 75  ? 2.949   -5.672  -7.267  1.00 56.34 ? 75  ARG A C   1 
ATOM   598 O  O   . ARG A 1 75  ? 1.825   -5.215  -7.271  1.00 56.30 ? 75  ARG A O   1 
ATOM   599 C  CB  . ARG A 1 75  ? 4.479   -4.410  -5.729  1.00 54.91 ? 75  ARG A CB  1 
ATOM   600 C  CG  . ARG A 1 75  ? 5.132   -3.877  -6.957  1.00 54.76 ? 75  ARG A CG  1 
ATOM   601 C  CD  . ARG A 1 75  ? 5.989   -2.697  -6.611  1.00 55.23 ? 75  ARG A CD  1 
ATOM   602 N  NE  . ARG A 1 75  ? 6.498   -2.028  -7.789  1.00 54.08 ? 75  ARG A NE  1 
ATOM   603 C  CZ  . ARG A 1 75  ? 7.132   -0.866  -7.774  1.00 55.82 ? 75  ARG A CZ  1 
ATOM   604 N  NH1 . ARG A 1 75  ? 7.343   -0.204  -6.648  1.00 57.49 ? 75  ARG A NH1 1 
ATOM   605 N  NH2 . ARG A 1 75  ? 7.549   -0.343  -8.906  1.00 57.54 ? 75  ARG A NH2 1 
ATOM   606 N  N   . GLU A 1 76  ? 3.542   -6.146  -8.364  1.00 58.19 ? 76  GLU A N   1 
ATOM   607 C  CA  . GLU A 1 76  ? 2.873   -6.270  -9.693  1.00 59.14 ? 76  GLU A CA  1 
ATOM   608 C  C   . GLU A 1 76  ? 1.690   -7.258  -9.591  1.00 59.51 ? 76  GLU A C   1 
ATOM   609 O  O   . GLU A 1 76  ? 0.640   -7.008  -10.136 1.00 59.45 ? 76  GLU A O   1 
ATOM   610 C  CB  . GLU A 1 76  ? 3.922   -6.758  -10.753 1.00 59.82 ? 76  GLU A CB  1 
ATOM   611 C  CG  . GLU A 1 76  ? 3.760   -6.427  -12.326 1.00 60.40 ? 76  GLU A CG  1 
ATOM   612 C  CD  . GLU A 1 76  ? 5.091   -6.771  -13.190 1.00 61.94 ? 76  GLU A CD  1 
ATOM   613 O  OE1 . GLU A 1 76  ? 5.819   -7.748  -12.818 1.00 65.15 ? 76  GLU A OE1 1 
ATOM   614 O  OE2 . GLU A 1 76  ? 5.410   -6.086  -14.221 1.00 62.23 ? 76  GLU A OE2 1 
ATOM   615 N  N   . ASN A 1 77  ? 1.885   -8.386  -8.902  1.00 60.36 ? 77  ASN A N   1 
ATOM   616 C  CA  . ASN A 1 77  ? 0.829   -9.383  -8.670  1.00 61.22 ? 77  ASN A CA  1 
ATOM   617 C  C   . ASN A 1 77  ? -0.283  -8.906  -7.754  1.00 61.87 ? 77  ASN A C   1 
ATOM   618 O  O   . ASN A 1 77  ? -1.451  -9.201  -7.980  1.00 62.10 ? 77  ASN A O   1 
ATOM   619 C  CB  . ASN A 1 77  ? 1.399   -10.623 -7.980  1.00 61.83 ? 77  ASN A CB  1 
ATOM   620 C  CG  . ASN A 1 77  ? 2.330   -11.385 -8.846  1.00 63.34 ? 77  ASN A CG  1 
ATOM   621 O  OD1 . ASN A 1 77  ? 2.210   -11.350 -10.074 1.00 65.54 ? 77  ASN A OD1 1 
ATOM   622 N  ND2 . ASN A 1 77  ? 3.286   -12.100 -8.221  1.00 66.25 ? 77  ASN A ND2 1 
ATOM   623 N  N   . LEU A 1 78  ? 0.111   -8.266  -6.665  1.00 62.55 ? 78  LEU A N   1 
ATOM   624 C  CA  . LEU A 1 78  ? -0.815  -7.623  -5.733  1.00 63.76 ? 78  LEU A CA  1 
ATOM   625 C  C   . LEU A 1 78  ? -1.714  -6.600  -6.461  1.00 64.21 ? 78  LEU A C   1 
ATOM   626 O  O   . LEU A 1 78  ? -2.935  -6.700  -6.411  1.00 64.20 ? 78  LEU A O   1 
ATOM   627 C  CB  . LEU A 1 78  ? 0.008   -6.949  -4.630  1.00 63.61 ? 78  LEU A CB  1 
ATOM   628 C  CG  . LEU A 1 78  ? -0.430  -6.961  -3.184  1.00 63.70 ? 78  LEU A CG  1 
ATOM   629 C  CD1 . LEU A 1 78  ? -1.179  -8.261  -2.821  1.00 64.20 ? 78  LEU A CD1 1 
ATOM   630 C  CD2 . LEU A 1 78  ? 0.821   -6.741  -2.347  1.00 63.69 ? 78  LEU A CD2 1 
ATOM   631 N  N   . ALA A 1 79  ? -1.094  -5.651  -7.162  1.00 65.16 ? 79  ALA A N   1 
ATOM   632 C  CA  . ALA A 1 79  ? -1.804  -4.717  -8.044  1.00 66.18 ? 79  ALA A CA  1 
ATOM   633 C  C   . ALA A 1 79  ? -2.764  -5.452  -8.958  1.00 67.32 ? 79  ALA A C   1 
ATOM   634 O  O   . ALA A 1 79  ? -3.964  -5.206  -8.908  1.00 68.11 ? 79  ALA A O   1 
ATOM   635 C  CB  . ALA A 1 79  ? -0.820  -3.918  -8.888  1.00 65.38 ? 79  ALA A CB  1 
ATOM   636 N  N   . GLU A 1 80  ? -2.226  -6.347  -9.790  1.00 68.54 ? 80  GLU A N   1 
ATOM   637 C  CA  . GLU A 1 80  ? -3.016  -7.129  -10.756 1.00 69.46 ? 80  GLU A CA  1 
ATOM   638 C  C   . GLU A 1 80  ? -4.150  -7.870  -10.067 1.00 70.36 ? 80  GLU A C   1 
ATOM   639 O  O   . GLU A 1 80  ? -5.246  -7.951  -10.609 1.00 71.23 ? 80  GLU A O   1 
ATOM   640 C  CB  . GLU A 1 80  ? -2.149  -8.150  -11.530 1.00 69.94 ? 80  GLU A CB  1 
ATOM   641 C  CG  . GLU A 1 80  ? -1.587  -7.675  -12.891 1.00 70.99 ? 80  GLU A CG  1 
ATOM   642 C  CD  . GLU A 1 80  ? -0.420  -8.558  -13.406 1.00 71.48 ? 80  GLU A CD  1 
ATOM   643 O  OE1 . GLU A 1 80  ? 0.540   -8.006  -14.009 1.00 72.89 ? 80  GLU A OE1 1 
ATOM   644 O  OE2 . GLU A 1 80  ? -0.460  -9.800  -13.199 1.00 74.11 ? 80  GLU A OE2 1 
ATOM   645 N  N   . GLY A 1 81  ? -3.899  -8.417  -8.885  1.00 70.90 ? 81  GLY A N   1 
ATOM   646 C  CA  . GLY A 1 81  ? -4.939  -9.126  -8.161  1.00 71.46 ? 81  GLY A CA  1 
ATOM   647 C  C   . GLY A 1 81  ? -5.997  -8.180  -7.634  1.00 72.20 ? 81  GLY A C   1 
ATOM   648 O  O   . GLY A 1 81  ? -7.177  -8.335  -7.915  1.00 72.76 ? 81  GLY A O   1 
ATOM   649 N  N   . VAL A 1 82  ? -5.547  -7.172  -6.903  1.00 72.76 ? 82  VAL A N   1 
ATOM   650 C  CA  . VAL A 1 82  ? -6.405  -6.320  -6.090  1.00 73.07 ? 82  VAL A CA  1 
ATOM   651 C  C   . VAL A 1 82  ? -7.146  -5.217  -6.879  1.00 73.21 ? 82  VAL A C   1 
ATOM   652 O  O   . VAL A 1 82  ? -8.326  -4.980  -6.638  1.00 73.25 ? 82  VAL A O   1 
ATOM   653 C  CB  . VAL A 1 82  ? -5.536  -5.704  -4.943  1.00 73.24 ? 82  VAL A CB  1 
ATOM   654 C  CG1 . VAL A 1 82  ? -6.285  -4.624  -4.164  1.00 74.41 ? 82  VAL A CG1 1 
ATOM   655 C  CG2 . VAL A 1 82  ? -5.025  -6.811  -4.010  1.00 73.08 ? 82  VAL A CG2 1 
ATOM   656 N  N   . LEU A 1 83  ? -6.473  -4.570  -7.835  1.00 73.59 ? 83  LEU A N   1 
ATOM   657 C  CA  . LEU A 1 83  ? -6.976  -3.327  -8.449  1.00 73.78 ? 83  LEU A CA  1 
ATOM   658 C  C   . LEU A 1 83  ? -8.382  -3.419  -9.073  1.00 74.51 ? 83  LEU A C   1 
ATOM   659 O  O   . LEU A 1 83  ? -9.068  -2.413  -9.175  1.00 75.03 ? 83  LEU A O   1 
ATOM   660 C  CB  . LEU A 1 83  ? -5.964  -2.745  -9.462  1.00 73.02 ? 83  LEU A CB  1 
ATOM   661 C  CG  . LEU A 1 83  ? -4.678  -2.049  -8.938  1.00 72.29 ? 83  LEU A CG  1 
ATOM   662 C  CD1 . LEU A 1 83  ? -3.682  -1.824  -10.056 1.00 71.48 ? 83  LEU A CD1 1 
ATOM   663 C  CD2 . LEU A 1 83  ? -4.924  -0.727  -8.251  1.00 69.52 ? 83  LEU A CD2 1 
ATOM   664 N  N   . GLU A 1 84  ? -8.824  -4.604  -9.471  1.00 75.49 ? 84  GLU A N   1 
ATOM   665 C  CA  . GLU A 1 84  ? -10.117 -4.739  -10.174 1.00 76.37 ? 84  GLU A CA  1 
ATOM   666 C  C   . GLU A 1 84  ? -11.321 -4.577  -9.268  1.00 76.49 ? 84  GLU A C   1 
ATOM   667 O  O   . GLU A 1 84  ? -12.395 -4.191  -9.721  1.00 76.15 ? 84  GLU A O   1 
ATOM   668 C  CB  . GLU A 1 84  ? -10.232 -6.118  -10.825 1.00 76.85 ? 84  GLU A CB  1 
ATOM   669 C  CG  . GLU A 1 84  ? -9.414  -6.287  -12.101 1.00 78.13 ? 84  GLU A CG  1 
ATOM   670 C  CD  . GLU A 1 84  ? -8.891  -7.707  -12.258 1.00 78.66 ? 84  GLU A CD  1 
ATOM   671 O  OE1 . GLU A 1 84  ? -9.451  -8.632  -11.604 1.00 82.25 ? 84  GLU A OE1 1 
ATOM   672 O  OE2 . GLU A 1 84  ? -7.912  -7.891  -13.027 1.00 81.97 ? 84  GLU A OE2 1 
ATOM   673 N  N   . PHE A 1 85  ? -11.149 -4.923  -8.002  1.00 76.83 ? 85  PHE A N   1 
ATOM   674 C  CA  . PHE A 1 85  ? -12.220 -4.795  -7.049  1.00 77.17 ? 85  PHE A CA  1 
ATOM   675 C  C   . PHE A 1 85  ? -12.185 -3.455  -6.318  1.00 77.03 ? 85  PHE A C   1 
ATOM   676 O  O   . PHE A 1 85  ? -13.088 -3.173  -5.537  1.00 77.24 ? 85  PHE A O   1 
ATOM   677 C  CB  . PHE A 1 85  ? -12.142 -5.904  -6.009  1.00 78.20 ? 85  PHE A CB  1 
ATOM   678 C  CG  . PHE A 1 85  ? -11.853 -7.249  -6.577  1.00 79.32 ? 85  PHE A CG  1 
ATOM   679 C  CD1 . PHE A 1 85  ? -12.630 -7.755  -7.619  1.00 80.52 ? 85  PHE A CD1 1 
ATOM   680 C  CD2 . PHE A 1 85  ? -10.817 -8.026  -6.058  1.00 80.27 ? 85  PHE A CD2 1 
ATOM   681 C  CE1 . PHE A 1 85  ? -12.374 -9.013  -8.156  1.00 80.54 ? 85  PHE A CE1 1 
ATOM   682 C  CE2 . PHE A 1 85  ? -10.550 -9.286  -6.580  1.00 80.70 ? 85  PHE A CE2 1 
ATOM   683 C  CZ  . PHE A 1 85  ? -11.327 -9.783  -7.638  1.00 80.66 ? 85  PHE A CZ  1 
ATOM   684 N  N   . LEU A 1 86  ? -11.149 -2.643  -6.523  1.00 76.54 ? 86  LEU A N   1 
ATOM   685 C  CA  . LEU A 1 86  ? -11.001 -1.433  -5.712  1.00 76.35 ? 86  LEU A CA  1 
ATOM   686 C  C   . LEU A 1 86  ? -12.084 -0.395  -5.997  1.00 76.26 ? 86  LEU A C   1 
ATOM   687 O  O   . LEU A 1 86  ? -12.673 0.126   -5.055  1.00 76.15 ? 86  LEU A O   1 
ATOM   688 C  CB  . LEU A 1 86  ? -9.601  -0.817  -5.834  1.00 76.13 ? 86  LEU A CB  1 
ATOM   689 C  CG  . LEU A 1 86  ? -8.570  -1.265  -4.800  1.00 75.39 ? 86  LEU A CG  1 
ATOM   690 C  CD1 . LEU A 1 86  ? -7.395  -0.317  -4.888  1.00 74.56 ? 86  LEU A CD1 1 
ATOM   691 C  CD2 . LEU A 1 86  ? -9.147  -1.303  -3.381  1.00 74.63 ? 86  LEU A CD2 1 
ATOM   692 N  N   . PRO A 1 87  ? -12.339 -0.082  -7.287  1.00 76.36 ? 87  PRO A N   1 
ATOM   693 C  CA  . PRO A 1 87  ? -13.462 0.781   -7.666  1.00 76.49 ? 87  PRO A CA  1 
ATOM   694 C  C   . PRO A 1 87  ? -14.769 0.416   -6.976  1.00 76.67 ? 87  PRO A C   1 
ATOM   695 O  O   . PRO A 1 87  ? -15.257 1.201   -6.169  1.00 76.73 ? 87  PRO A O   1 
ATOM   696 C  CB  . PRO A 1 87  ? -13.564 0.576   -9.183  1.00 76.40 ? 87  PRO A CB  1 
ATOM   697 C  CG  . PRO A 1 87  ? -12.183 0.279   -9.603  1.00 76.18 ? 87  PRO A CG  1 
ATOM   698 C  CD  . PRO A 1 87  ? -11.557 -0.488  -8.471  1.00 76.34 ? 87  PRO A CD  1 
ATOM   699 N  N   . GLU A 1 88  ? -15.306 -0.769  -7.273  1.00 77.07 ? 88  GLU A N   1 
ATOM   700 C  CA  . GLU A 1 88  ? -16.545 -1.252  -6.667  1.00 77.54 ? 88  GLU A CA  1 
ATOM   701 C  C   . GLU A 1 88  ? -16.481 -1.241  -5.148  1.00 77.12 ? 88  GLU A C   1 
ATOM   702 O  O   . GLU A 1 88  ? -17.495 -0.989  -4.514  1.00 77.33 ? 88  GLU A O   1 
ATOM   703 C  CB  . GLU A 1 88  ? -16.888 -2.680  -7.128  1.00 77.76 ? 88  GLU A CB  1 
ATOM   704 C  CG  . GLU A 1 88  ? -15.856 -3.782  -6.660  1.00 79.70 ? 88  GLU A CG  1 
ATOM   705 C  CD  . GLU A 1 88  ? -16.455 -5.187  -6.400  1.00 80.36 ? 88  GLU A CD  1 
ATOM   706 O  OE1 . GLU A 1 88  ? -16.839 -5.870  -7.392  1.00 84.66 ? 88  GLU A OE1 1 
ATOM   707 O  OE2 . GLU A 1 88  ? -16.512 -5.613  -5.203  1.00 83.58 ? 88  GLU A OE2 1 
HETATM 708 N  N   . MSE A 1 89  ? -15.316 -1.517  -4.558  1.00 76.75 ? 89  MSE A N   1 
HETATM 709 C  CA  . MSE A 1 89  ? -15.222 -1.626  -3.093  1.00 77.56 ? 89  MSE A CA  1 
HETATM 710 C  C   . MSE A 1 89  ? -15.247 -0.270  -2.415  1.00 74.91 ? 89  MSE A C   1 
HETATM 711 O  O   . MSE A 1 89  ? -16.020 -0.041  -1.489  1.00 74.73 ? 89  MSE A O   1 
HETATM 712 C  CB  . MSE A 1 89  ? -13.942 -2.332  -2.654  1.00 77.37 ? 89  MSE A CB  1 
HETATM 713 C  CG  . MSE A 1 89  ? -14.011 -3.860  -2.625  1.00 80.16 ? 89  MSE A CG  1 
HETATM 714 SE SE  . MSE A 1 89  ? -12.216 -4.646  -2.240  1.00 85.87 ? 89  MSE A SE  1 
HETATM 715 C  CE  . MSE A 1 89  ? -12.141 -4.278  -0.292  1.00 83.07 ? 89  MSE A CE  1 
ATOM   716 N  N   . VAL A 1 90  ? -14.359 0.609   -2.868  1.00 72.73 ? 90  VAL A N   1 
ATOM   717 C  CA  . VAL A 1 90  ? -14.140 1.885   -2.233  1.00 70.46 ? 90  VAL A CA  1 
ATOM   718 C  C   . VAL A 1 90  ? -15.380 2.734   -2.407  1.00 69.70 ? 90  VAL A C   1 
ATOM   719 O  O   . VAL A 1 90  ? -15.790 3.377   -1.461  1.00 69.20 ? 90  VAL A O   1 
ATOM   720 C  CB  . VAL A 1 90  ? -12.902 2.592   -2.807  1.00 70.38 ? 90  VAL A CB  1 
ATOM   721 C  CG1 . VAL A 1 90  ? -12.752 3.960   -2.209  1.00 69.42 ? 90  VAL A CG1 1 
ATOM   722 C  CG2 . VAL A 1 90  ? -11.653 1.745   -2.552  1.00 69.88 ? 90  VAL A CG2 1 
ATOM   723 N  N   . LEU A 1 91  ? -15.987 2.712   -3.594  1.00 68.66 ? 91  LEU A N   1 
ATOM   724 C  CA  . LEU A 1 91  ? -17.218 3.481   -3.856  1.00 68.33 ? 91  LEU A CA  1 
ATOM   725 C  C   . LEU A 1 91  ? -18.385 3.000   -2.983  1.00 67.96 ? 91  LEU A C   1 
ATOM   726 O  O   . LEU A 1 91  ? -19.123 3.802   -2.410  1.00 67.78 ? 91  LEU A O   1 
ATOM   727 C  CB  . LEU A 1 91  ? -17.596 3.432   -5.346  1.00 68.26 ? 91  LEU A CB  1 
ATOM   728 C  CG  . LEU A 1 91  ? -18.888 4.126   -5.803  1.00 68.93 ? 91  LEU A CG  1 
ATOM   729 C  CD1 . LEU A 1 91  ? -19.026 5.533   -5.189  1.00 70.18 ? 91  LEU A CD1 1 
ATOM   730 C  CD2 . LEU A 1 91  ? -18.991 4.204   -7.322  1.00 68.17 ? 91  LEU A CD2 1 
ATOM   731 N  N   . SER A 1 92  ? -18.521 1.682   -2.871  1.00 67.55 ? 92  SER A N   1 
ATOM   732 C  CA  . SER A 1 92  ? -19.515 1.044   -2.012  1.00 67.12 ? 92  SER A CA  1 
ATOM   733 C  C   . SER A 1 92  ? -19.326 1.411   -0.526  1.00 66.60 ? 92  SER A C   1 
ATOM   734 O  O   . SER A 1 92  ? -20.299 1.719   0.166   1.00 66.64 ? 92  SER A O   1 
ATOM   735 C  CB  . SER A 1 92  ? -19.450 -0.478  -2.229  1.00 67.28 ? 92  SER A CB  1 
ATOM   736 O  OG  . SER A 1 92  ? -20.121 -1.196  -1.212  1.00 67.76 ? 92  SER A OG  1 
ATOM   737 N  N   . GLN A 1 93  ? -18.085 1.377   -0.045  1.00 66.03 ? 93  GLN A N   1 
ATOM   738 C  CA  . GLN A 1 93  ? -17.745 1.829   1.317   1.00 65.95 ? 93  GLN A CA  1 
ATOM   739 C  C   . GLN A 1 93  ? -17.957 3.343   1.527   1.00 65.60 ? 93  GLN A C   1 
ATOM   740 O  O   . GLN A 1 93  ? -18.165 3.793   2.660   1.00 65.83 ? 93  GLN A O   1 
ATOM   741 C  CB  . GLN A 1 93  ? -16.273 1.532   1.647   1.00 66.05 ? 93  GLN A CB  1 
ATOM   742 C  CG  . GLN A 1 93  ? -15.860 0.054   1.711   1.00 67.15 ? 93  GLN A CG  1 
ATOM   743 C  CD  . GLN A 1 93  ? -14.327 -0.158  1.753   1.00 67.39 ? 93  GLN A CD  1 
ATOM   744 O  OE1 . GLN A 1 93  ? -13.531 0.795   1.982   1.00 68.57 ? 93  GLN A OE1 1 
ATOM   745 N  NE2 . GLN A 1 93  ? -13.910 -1.415  1.537   1.00 66.92 ? 93  GLN A NE2 1 
ATOM   746 N  N   . ILE A 1 94  ? -17.828 4.128   0.455   1.00 64.67 ? 94  ILE A N   1 
ATOM   747 C  CA  . ILE A 1 94  ? -18.036 5.560   0.528   1.00 64.32 ? 94  ILE A CA  1 
ATOM   748 C  C   . ILE A 1 94  ? -19.531 5.819   0.596   1.00 63.39 ? 94  ILE A C   1 
ATOM   749 O  O   . ILE A 1 94  ? -19.971 6.665   1.366   1.00 63.07 ? 94  ILE A O   1 
ATOM   750 C  CB  . ILE A 1 94  ? -17.441 6.311   -0.689  1.00 64.22 ? 94  ILE A CB  1 
ATOM   751 C  CG1 . ILE A 1 94  ? -15.901 6.248   -0.662  1.00 63.97 ? 94  ILE A CG1 1 
ATOM   752 C  CG2 . ILE A 1 94  ? -17.955 7.773   -0.729  1.00 64.18 ? 94  ILE A CG2 1 
ATOM   753 C  CD1 . ILE A 1 94  ? -15.225 7.346   0.104   1.00 63.79 ? 94  ILE A CD1 1 
ATOM   754 N  N   . LYS A 1 95  ? -20.302 5.088   -0.202  1.00 62.39 ? 95  LYS A N   1 
ATOM   755 C  CA  . LYS A 1 95  ? -21.748 5.257   -0.214  1.00 61.97 ? 95  LYS A CA  1 
ATOM   756 C  C   . LYS A 1 95  ? -22.339 4.858   1.138   1.00 61.74 ? 95  LYS A C   1 
ATOM   757 O  O   . LYS A 1 95  ? -23.251 5.532   1.624   1.00 61.66 ? 95  LYS A O   1 
ATOM   758 C  CB  . LYS A 1 95  ? -22.419 4.469   -1.351  1.00 62.32 ? 95  LYS A CB  1 
ATOM   759 C  CG  . LYS A 1 95  ? -21.886 4.797   -2.755  1.00 63.82 ? 95  LYS A CG  1 
ATOM   760 C  CD  . LYS A 1 95  ? -22.684 5.819   -3.558  1.00 65.99 ? 95  LYS A CD  1 
ATOM   761 C  CE  . LYS A 1 95  ? -23.404 5.177   -4.779  1.00 67.76 ? 95  LYS A CE  1 
ATOM   762 N  NZ  . LYS A 1 95  ? -23.252 5.956   -6.078  1.00 68.32 ? 95  LYS A NZ  1 
ATOM   763 N  N   . GLN A 1 96  ? -21.810 3.801   1.765   1.00 61.52 ? 96  GLN A N   1 
ATOM   764 C  CA  . GLN A 1 96  ? -22.303 3.379   3.094   1.00 60.69 ? 96  GLN A CA  1 
ATOM   765 C  C   . GLN A 1 96  ? -21.709 4.159   4.288   1.00 60.01 ? 96  GLN A C   1 
ATOM   766 O  O   . GLN A 1 96  ? -22.371 4.272   5.315   1.00 60.47 ? 96  GLN A O   1 
ATOM   767 C  CB  . GLN A 1 96  ? -22.167 1.852   3.298   1.00 61.27 ? 96  GLN A CB  1 
ATOM   768 C  CG  . GLN A 1 96  ? -22.968 1.238   4.521   1.00 63.15 ? 96  GLN A CG  1 
ATOM   769 C  CD  . GLN A 1 96  ? -24.546 1.290   4.413   1.00 67.10 ? 96  GLN A CD  1 
ATOM   770 O  OE1 . GLN A 1 96  ? -25.225 0.321   4.800   1.00 70.35 ? 96  GLN A OE1 1 
ATOM   771 N  NE2 . GLN A 1 96  ? -25.109 2.410   3.914   1.00 65.26 ? 96  GLN A NE2 1 
ATOM   772 N  N   . SER A 1 97  ? -20.498 4.713   4.182   1.00 58.90 ? 97  SER A N   1 
ATOM   773 C  CA  . SER A 1 97  ? -19.985 5.612   5.237   1.00 57.99 ? 97  SER A CA  1 
ATOM   774 C  C   . SER A 1 97  ? -20.767 6.943   5.230   1.00 57.34 ? 97  SER A C   1 
ATOM   775 O  O   . SER A 1 97  ? -21.225 7.426   6.269   1.00 56.54 ? 97  SER A O   1 
ATOM   776 C  CB  . SER A 1 97  ? -18.505 5.880   5.037   1.00 57.34 ? 97  SER A CB  1 
ATOM   777 O  OG  . SER A 1 97  ? -18.008 6.702   6.082   1.00 56.73 ? 97  SER A OG  1 
ATOM   778 N  N   . ASN A 1 98  ? -20.905 7.511   4.033   1.00 57.01 ? 98  ASN A N   1 
ATOM   779 C  CA  . ASN A 1 98  ? -21.810 8.633   3.761   1.00 57.05 ? 98  ASN A CA  1 
ATOM   780 C  C   . ASN A 1 98  ? -23.221 8.375   4.270   1.00 56.94 ? 98  ASN A C   1 
ATOM   781 O  O   . ASN A 1 98  ? -23.801 9.207   4.941   1.00 56.83 ? 98  ASN A O   1 
ATOM   782 C  CB  . ASN A 1 98  ? -21.865 8.942   2.248   1.00 56.43 ? 98  ASN A CB  1 
ATOM   783 C  CG  . ASN A 1 98  ? -20.656 9.738   1.760   1.00 55.63 ? 98  ASN A CG  1 
ATOM   784 O  OD1 . ASN A 1 98  ? -19.795 10.111  2.546   1.00 54.40 ? 98  ASN A OD1 1 
ATOM   785 N  ND2 . ASN A 1 98  ? -20.609 10.021  0.457   1.00 55.59 ? 98  ASN A ND2 1 
ATOM   786 N  N   . GLY A 1 99  ? -23.770 7.218   3.936   1.00 57.67 ? 99  GLY A N   1 
ATOM   787 C  CA  . GLY A 1 99  ? -25.095 6.812   4.426   1.00 57.89 ? 99  GLY A CA  1 
ATOM   788 C  C   . GLY A 1 99  ? -25.206 6.866   5.937   1.00 57.98 ? 99  GLY A C   1 
ATOM   789 O  O   . GLY A 1 99  ? -26.155 7.442   6.462   1.00 57.91 ? 99  GLY A O   1 
ATOM   790 N  N   . ASN A 1 100 ? -24.230 6.288   6.634   1.00 58.44 ? 100 ASN A N   1 
ATOM   791 C  CA  . ASN A 1 100 ? -24.211 6.311   8.098   1.00 59.08 ? 100 ASN A CA  1 
ATOM   792 C  C   . ASN A 1 100 ? -24.160 7.724   8.660   1.00 58.95 ? 100 ASN A C   1 
ATOM   793 O  O   . ASN A 1 100 ? -24.881 8.053   9.600   1.00 58.94 ? 100 ASN A O   1 
ATOM   794 C  CB  . ASN A 1 100 ? -22.998 5.563   8.671   1.00 59.52 ? 100 ASN A CB  1 
ATOM   795 C  CG  . ASN A 1 100 ? -22.914 4.128   8.208   1.00 63.27 ? 100 ASN A CG  1 
ATOM   796 O  OD1 . ASN A 1 100 ? -21.806 3.539   8.151   1.00 69.24 ? 100 ASN A OD1 1 
ATOM   797 N  ND2 . ASN A 1 100 ? -24.069 3.549   7.834   1.00 65.61 ? 100 ASN A ND2 1 
ATOM   798 N  N   . HIS A 1 101 ? -23.261 8.535   8.110   1.00 58.91 ? 101 HIS A N   1 
ATOM   799 C  CA  . HIS A 1 101 ? -23.016 9.869   8.627   1.00 58.60 ? 101 HIS A CA  1 
ATOM   800 C  C   . HIS A 1 101 ? -24.211 10.759  8.354   1.00 57.89 ? 101 HIS A C   1 
ATOM   801 O  O   . HIS A 1 101 ? -24.575 11.536  9.194   1.00 57.14 ? 101 HIS A O   1 
ATOM   802 C  CB  . HIS A 1 101 ? -21.734 10.456  8.022   1.00 58.83 ? 101 HIS A CB  1 
ATOM   803 C  CG  . HIS A 1 101 ? -20.470 9.813   8.518   1.00 58.38 ? 101 HIS A CG  1 
ATOM   804 N  ND1 . HIS A 1 101 ? -20.111 9.800   9.849   1.00 58.23 ? 101 HIS A ND1 1 
ATOM   805 C  CD2 . HIS A 1 101 ? -19.468 9.191   7.852   1.00 58.41 ? 101 HIS A CD2 1 
ATOM   806 C  CE1 . HIS A 1 101 ? -18.950 9.184   9.981   1.00 58.66 ? 101 HIS A CE1 1 
ATOM   807 N  NE2 . HIS A 1 101 ? -18.539 8.805   8.784   1.00 57.38 ? 101 HIS A NE2 1 
ATOM   808 N  N   . ARG A 1 102 ? -24.830 10.608  7.194   1.00 58.69 ? 102 ARG A N   1 
ATOM   809 C  CA  . ARG A 1 102 ? -26.078 11.331  6.855   1.00 59.93 ? 102 ARG A CA  1 
ATOM   810 C  C   . ARG A 1 102 ? -27.290 10.910  7.658   1.00 61.26 ? 102 ARG A C   1 
ATOM   811 O  O   . ARG A 1 102 ? -28.180 11.710  7.891   1.00 61.25 ? 102 ARG A O   1 
ATOM   812 C  CB  . ARG A 1 102 ? -26.463 11.154  5.387   1.00 59.98 ? 102 ARG A CB  1 
ATOM   813 C  CG  . ARG A 1 102 ? -25.915 12.212  4.493   1.00 59.56 ? 102 ARG A CG  1 
ATOM   814 C  CD  . ARG A 1 102 ? -25.803 11.696  3.114   1.00 59.24 ? 102 ARG A CD  1 
ATOM   815 N  NE  . ARG A 1 102 ? -24.993 12.595  2.328   1.00 58.13 ? 102 ARG A NE  1 
ATOM   816 C  CZ  . ARG A 1 102 ? -24.399 12.250  1.200   1.00 58.72 ? 102 ARG A CZ  1 
ATOM   817 N  NH1 . ARG A 1 102 ? -24.540 11.031  0.706   1.00 58.30 ? 102 ARG A NH1 1 
ATOM   818 N  NH2 . ARG A 1 102 ? -23.662 13.135  0.558   1.00 60.67 ? 102 ARG A NH2 1 
ATOM   819 N  N   . ARG A 1 103 ? -27.335 9.642   8.025   1.00 62.72 ? 103 ARG A N   1 
ATOM   820 C  CA  . ARG A 1 103 ? -28.382 9.119   8.884   1.00 64.60 ? 103 ARG A CA  1 
ATOM   821 C  C   . ARG A 1 103 ? -28.178 9.606   10.328  1.00 64.40 ? 103 ARG A C   1 
ATOM   822 O  O   . ARG A 1 103 ? -29.141 9.899   11.045  1.00 64.99 ? 103 ARG A O   1 
ATOM   823 C  CB  . ARG A 1 103 ? -28.346 7.600   8.811   1.00 64.68 ? 103 ARG A CB  1 
ATOM   824 C  CG  . ARG A 1 103 ? -29.548 6.889   9.314   1.00 66.94 ? 103 ARG A CG  1 
ATOM   825 C  CD  . ARG A 1 103 ? -29.331 5.384   9.120   1.00 68.74 ? 103 ARG A CD  1 
ATOM   826 N  NE  . ARG A 1 103 ? -30.530 4.639   9.481   1.00 72.72 ? 103 ARG A NE  1 
ATOM   827 C  CZ  . ARG A 1 103 ? -30.953 4.433   10.732  1.00 75.42 ? 103 ARG A CZ  1 
ATOM   828 N  NH1 . ARG A 1 103 ? -30.274 4.911   11.776  1.00 77.39 ? 103 ARG A NH1 1 
ATOM   829 N  NH2 . ARG A 1 103 ? -32.062 3.725   10.950  1.00 75.74 ? 103 ARG A NH2 1 
ATOM   830 N  N   . SER A 1 104 ? -26.926 9.730   10.747  1.00 64.28 ? 104 SER A N   1 
ATOM   831 C  CA  . SER A 1 104 ? -26.623 10.205  12.083  1.00 64.53 ? 104 SER A CA  1 
ATOM   832 C  C   . SER A 1 104 ? -26.844 11.700  12.289  1.00 64.65 ? 104 SER A C   1 
ATOM   833 O  O   . SER A 1 104 ? -27.321 12.118  13.340  1.00 64.80 ? 104 SER A O   1 
ATOM   834 C  CB  . SER A 1 104 ? -25.187 9.897   12.411  1.00 64.32 ? 104 SER A CB  1 
ATOM   835 O  OG  . SER A 1 104 ? -24.871 10.513  13.638  1.00 65.78 ? 104 SER A OG  1 
ATOM   836 N  N   . LEU A 1 105 ? -26.483 12.525  11.314  1.00 65.32 ? 105 LEU A N   1 
ATOM   837 C  CA  . LEU A 1 105 ? -26.616 13.966  11.519  1.00 65.88 ? 105 LEU A CA  1 
ATOM   838 C  C   . LEU A 1 105 ? -28.035 14.482  11.247  1.00 66.18 ? 105 LEU A C   1 
ATOM   839 O  O   . LEU A 1 105 ? -28.469 15.451  11.867  1.00 66.25 ? 105 LEU A O   1 
ATOM   840 C  CB  . LEU A 1 105 ? -25.492 14.759  10.816  1.00 65.83 ? 105 LEU A CB  1 
ATOM   841 C  CG  . LEU A 1 105 ? -25.517 15.297  9.403   1.00 65.92 ? 105 LEU A CG  1 
ATOM   842 C  CD1 . LEU A 1 105 ? -24.100 15.640  8.943   1.00 65.28 ? 105 LEU A CD1 1 
ATOM   843 C  CD2 . LEU A 1 105 ? -26.111 14.261  8.530   1.00 68.62 ? 105 LEU A CD2 1 
ATOM   844 N  N   . LEU A 1 106 ? -28.762 13.811  10.363  1.00 66.83 ? 106 LEU A N   1 
ATOM   845 C  CA  . LEU A 1 106 ? -30.204 14.023  10.203  1.00 67.67 ? 106 LEU A CA  1 
ATOM   846 C  C   . LEU A 1 106 ? -30.976 13.652  11.476  1.00 68.95 ? 106 LEU A C   1 
ATOM   847 O  O   . LEU A 1 106 ? -32.009 14.245  11.775  1.00 69.52 ? 106 LEU A O   1 
ATOM   848 C  CB  . LEU A 1 106 ? -30.695 13.185  9.034   1.00 67.40 ? 106 LEU A CB  1 
ATOM   849 C  CG  . LEU A 1 106 ? -32.082 13.376  8.469   1.00 67.02 ? 106 LEU A CG  1 
ATOM   850 C  CD1 . LEU A 1 106 ? -32.365 14.825  8.163   1.00 65.76 ? 106 LEU A CD1 1 
ATOM   851 C  CD2 . LEU A 1 106 ? -32.168 12.521  7.226   1.00 66.60 ? 106 LEU A CD2 1 
ATOM   852 N  N   . GLU A 1 107 ? -30.451 12.682  12.226  1.00 70.44 ? 107 GLU A N   1 
ATOM   853 C  CA  . GLU A 1 107 ? -30.952 12.327  13.561  1.00 71.31 ? 107 GLU A CA  1 
ATOM   854 C  C   . GLU A 1 107 ? -30.735 13.440  14.588  1.00 71.74 ? 107 GLU A C   1 
ATOM   855 O  O   . GLU A 1 107 ? -31.573 13.655  15.473  1.00 71.52 ? 107 GLU A O   1 
ATOM   856 C  CB  . GLU A 1 107 ? -30.273 11.041  14.068  1.00 71.43 ? 107 GLU A CB  1 
ATOM   857 C  CG  . GLU A 1 107 ? -30.957 9.733   13.611  1.00 72.68 ? 107 GLU A CG  1 
ATOM   858 C  CD  . GLU A 1 107 ? -30.123 8.450   13.903  1.00 73.04 ? 107 GLU A CD  1 
ATOM   859 O  OE1 . GLU A 1 107 ? -29.018 8.539   14.506  1.00 76.45 ? 107 GLU A OE1 1 
ATOM   860 O  OE2 . GLU A 1 107 ? -30.582 7.350   13.521  1.00 73.21 ? 107 GLU A OE2 1 
ATOM   861 N  N   . ARG A 1 108 ? -29.598 14.117  14.490  1.00 72.42 ? 108 ARG A N   1 
ATOM   862 C  CA  . ARG A 1 108 ? -29.295 15.241  15.380  1.00 73.40 ? 108 ARG A CA  1 
ATOM   863 C  C   . ARG A 1 108 ? -30.063 16.514  14.979  1.00 73.51 ? 108 ARG A C   1 
ATOM   864 O  O   . ARG A 1 108 ? -30.493 17.297  15.828  1.00 73.38 ? 108 ARG A O   1 
ATOM   865 C  CB  . ARG A 1 108 ? -27.806 15.558  15.348  1.00 73.70 ? 108 ARG A CB  1 
ATOM   866 C  CG  . ARG A 1 108 ? -26.858 14.391  15.507  1.00 74.29 ? 108 ARG A CG  1 
ATOM   867 C  CD  . ARG A 1 108 ? -25.424 14.934  15.518  1.00 75.70 ? 108 ARG A CD  1 
ATOM   868 N  NE  . ARG A 1 108 ? -24.380 13.900  15.618  1.00 77.55 ? 108 ARG A NE  1 
ATOM   869 C  CZ  . ARG A 1 108 ? -23.981 13.304  16.743  1.00 79.23 ? 108 ARG A CZ  1 
ATOM   870 N  NH1 . ARG A 1 108 ? -24.545 13.594  17.915  1.00 80.81 ? 108 ARG A NH1 1 
ATOM   871 N  NH2 . ARG A 1 108 ? -23.016 12.391  16.691  1.00 79.91 ? 108 ARG A NH2 1 
ATOM   872 N  N   . LEU A 1 109 ? -30.200 16.717  13.675  1.00 74.11 ? 109 LEU A N   1 
ATOM   873 C  CA  . LEU A 1 109 ? -30.918 17.860  13.132  1.00 74.85 ? 109 LEU A CA  1 
ATOM   874 C  C   . LEU A 1 109 ? -32.414 17.788  13.368  1.00 75.86 ? 109 LEU A C   1 
ATOM   875 O  O   . LEU A 1 109 ? -33.090 18.816  13.317  1.00 76.51 ? 109 LEU A O   1 
ATOM   876 C  CB  . LEU A 1 109 ? -30.680 17.980  11.624  1.00 74.58 ? 109 LEU A CB  1 
ATOM   877 C  CG  . LEU A 1 109 ? -29.825 19.160  11.206  1.00 73.92 ? 109 LEU A CG  1 
ATOM   878 C  CD1 . LEU A 1 109 ? -28.586 19.194  12.037  1.00 73.27 ? 109 LEU A CD1 1 
ATOM   879 C  CD2 . LEU A 1 109 ? -29.499 19.073  9.726   1.00 74.49 ? 109 LEU A CD2 1 
ATOM   880 N  N   . THR A 1 110 ? -32.938 16.581  13.554  1.00 76.80 ? 110 THR A N   1 
ATOM   881 C  CA  . THR A 1 110 ? -34.351 16.390  13.892  1.00 77.47 ? 110 THR A CA  1 
ATOM   882 C  C   . THR A 1 110 ? -34.443 15.865  15.351  1.00 78.46 ? 110 THR A C   1 
ATOM   883 O  O   . THR A 1 110 ? -35.240 14.952  15.653  1.00 78.41 ? 110 THR A O   1 
ATOM   884 C  CB  . THR A 1 110 ? -35.047 15.463  12.842  1.00 77.59 ? 110 THR A CB  1 
ATOM   885 O  OG1 . THR A 1 110 ? -34.388 14.190  12.784  1.00 76.86 ? 110 THR A OG1 1 
ATOM   886 C  CG2 . THR A 1 110 ? -35.017 16.104  11.456  1.00 76.79 ? 110 THR A CG2 1 
ATOM   887 N  N   . GLN A 1 111 ? -33.664 16.538  16.233  1.00 79.52 ? 111 GLN A N   1 
ATOM   888 C  CA  . GLN A 1 111 ? -33.152 16.049  17.563  1.00 79.91 ? 111 GLN A CA  1 
ATOM   889 C  C   . GLN A 1 111 ? -33.867 14.867  18.231  1.00 80.33 ? 111 GLN A C   1 
ATOM   890 O  O   . GLN A 1 111 ? -33.211 13.971  18.785  1.00 80.96 ? 111 GLN A O   1 
ATOM   891 C  CB  . GLN A 1 111 ? -33.026 17.207  18.577  1.00 80.17 ? 111 GLN A CB  1 
ATOM   892 C  CG  . GLN A 1 111 ? -34.319 17.982  18.822  1.00 80.90 ? 111 GLN A CG  1 
ATOM   893 C  CD  . GLN A 1 111 ? -34.301 18.880  20.052  1.00 81.26 ? 111 GLN A CD  1 
ATOM   894 O  OE1 . GLN A 1 111 ? -33.435 18.749  20.932  1.00 83.18 ? 111 GLN A OE1 1 
ATOM   895 N  NE2 . GLN A 1 111 ? -35.271 19.804  20.118  1.00 81.18 ? 111 GLN A NE2 1 
HETATM 896 O  O   . HOH B 2 .   ? -26.668 9.112   1.915   1.00 55.94 ? 135 HOH A O   1 
HETATM 897 O  O   . HOH B 2 .   ? 20.996  -11.853 6.058   0.50 63.69 ? 136 HOH A O   1 
HETATM 898 O  O   . HOH B 2 .   ? 11.577  -8.766  -10.372 1.00 58.77 ? 137 HOH A O   1 
HETATM 899 O  O   . HOH B 2 .   ? 7.393   2.664   -6.924  1.00 50.99 ? 138 HOH A O   1 
HETATM 900 O  O   . HOH B 2 .   ? 22.636  -6.848  -3.912  1.00 52.07 ? 139 HOH A O   1 
HETATM 901 O  O   . HOH B 2 .   ? -25.323 7.407   0.366   1.00 63.95 ? 140 HOH A O   1 
HETATM 902 O  O   . HOH B 2 .   ? 11.033  -6.647  8.314   1.00 60.11 ? 141 HOH A O   1 
HETATM 903 O  O   . HOH B 2 .   ? 3.139   3.947   3.355   1.00 68.01 ? 142 HOH A O   1 
HETATM 904 O  O   . HOH B 2 .   ? -0.891  18.016  -3.922  1.00 70.48 ? 143 HOH A O   1 
HETATM 905 O  O   . HOH B 2 .   ? 2.598   -17.450 1.846   1.00 75.32 ? 144 HOH A O   1 
HETATM 906 O  O   . HOH B 2 .   ? -19.478 4.436   9.414   1.00 67.89 ? 145 HOH A O   1 
HETATM 907 O  O   . HOH B 2 .   ? 15.778  6.355   1.360   1.00 72.72 ? 146 HOH A O   1 
HETATM 908 O  O   . HOH B 2 .   ? 19.292  -0.292  13.822  1.00 63.97 ? 147 HOH A O   1 
HETATM 909 O  O   . HOH B 2 .   ? -34.114 12.584  16.364  1.00 73.61 ? 148 HOH A O   1 
HETATM 910 O  O   . HOH B 2 .   ? -26.197 2.755   0.561   0.50 61.84 ? 149 HOH A O   1 
HETATM 911 O  O   . HOH B 2 .   ? -34.422 10.160  14.150  1.00 68.67 ? 150 HOH A O   1 
HETATM 912 O  O   . HOH B 2 .   ? -2.023  -0.100  6.159   1.00 63.90 ? 151 HOH A O   1 
HETATM 913 O  O   . HOH B 2 .   ? -9.260  18.442  -13.776 1.00 68.47 ? 152 HOH A O   1 
HETATM 914 O  O   . HOH B 2 .   ? 14.702  -16.157 -2.997  0.50 66.46 ? 153 HOH A O   1 
HETATM 915 O  O   . HOH B 2 .   ? -34.154 21.449  11.958  1.00 64.70 ? 154 HOH A O   1 
HETATM 916 O  O   . HOH B 2 .   ? 7.648   -2.860  6.393   1.00 67.87 ? 155 HOH A O   1 
HETATM 917 O  O   . HOH B 2 .   ? -31.832 8.958   17.855  1.00 69.50 ? 156 HOH A O   1 
HETATM 918 O  O   . HOH B 2 .   ? 10.125  7.982   -4.778  1.00 59.86 ? 157 HOH A O   1 
HETATM 919 O  O   . HOH B 2 .   ? -29.219 13.674  19.242  1.00 75.84 ? 158 HOH A O   1 
HETATM 920 O  O   . HOH B 2 .   ? -25.049 6.684   22.018  1.00 85.31 ? 159 HOH A O   1 
HETATM 921 O  O   . HOH B 2 .   ? 21.002  9.186   10.023  1.00 64.54 ? 160 HOH A O   1 
HETATM 922 O  O   . HOH B 2 .   ? 24.370  0.498   7.501   1.00 72.88 ? 161 HOH A O   1 
HETATM 923 O  O   . HOH B 2 .   ? -13.338 -8.491  -14.289 1.00 73.13 ? 162 HOH A O   1 
HETATM 924 O  O   . HOH B 2 .   ? 6.222   7.991   -7.232  1.00 72.16 ? 163 HOH A O   1 
HETATM 925 O  O   . HOH B 2 .   ? 12.088  12.085  15.826  1.00 80.36 ? 164 HOH A O   1 
HETATM 926 O  O   . HOH B 2 .   ? 12.544  -17.047 -2.925  1.00 64.77 ? 165 HOH A O   1 
HETATM 927 O  O   . HOH B 2 .   ? 26.684  -0.714  4.111   1.00 79.30 ? 166 HOH A O   1 
HETATM 928 O  O   . HOH B 2 .   ? 11.493  9.133   -7.740  1.00 75.90 ? 167 HOH A O   1 
HETATM 929 O  O   . HOH B 2 .   ? 23.083  6.632   10.780  1.00 80.49 ? 168 HOH A O   1 
# 
